data_9NJK
#
_entry.id   9NJK
#
_cell.length_a   1.00
_cell.length_b   1.00
_cell.length_c   1.00
_cell.angle_alpha   90.00
_cell.angle_beta   90.00
_cell.angle_gamma   90.00
#
_symmetry.space_group_name_H-M   'P 1'
#
loop_
_entity.id
_entity.type
_entity.pdbx_description
1 polymer 'DNA repair protein RAD51'
2 non-polymer "ADENOSINE-5'-DIPHOSPHATE"
3 non-polymer 'MAGNESIUM ION'
#
_entity_poly.entity_id   1
_entity_poly.type   'polypeptide(L)'
_entity_poly.pdbx_seq_one_letter_code
;MSQVQEQHISESQLQYGNGSLMSTVPADLSQSVVDGNGNGSSEDIEATNGSGDGGGLQEQAEAQGEMEDEAYDEAALGSF
VPIEKLQVNGITMADVKKLRESGLHTAEAVAYAPRKDLLEIKGISEAKADKLLNEAARLVPMGFVTAADFHMRRSELICL
TTGSKNLDTLLGGGVETGSITELFGEFRTGKSQLCHTLAVTCQIPLDIGGGEGKCLYIDTEGTFRPVRLVSIAQRFGLDP
DDALNNVAYARAYNADHQLRLLDAAAQMMSESRFSLIVVDSVMALYRTDFSGRGELSARQMHLAKFMRALQRLADQFGVA
VVVTNQVVAQVDGGMAFNPDPKKPIGGNIMAHSSTTRLGFKKGKGCQRLCKVVDSPCLPEAECVFAIYEDGVGDPREEDE
;
_entity_poly.pdbx_strand_id   D,C,E,F,B,A
#
loop_
_chem_comp.id
_chem_comp.type
_chem_comp.name
_chem_comp.formula
ADP non-polymer ADENOSINE-5'-DIPHOSPHATE 'C10 H15 N5 O10 P2'
MG non-polymer 'MAGNESIUM ION' 'Mg 2'
#
# COMPACT_ATOMS: atom_id res chain seq x y z
N PHE A 80 -20.33 27.40 15.31
CA PHE A 80 -19.84 26.33 16.16
C PHE A 80 -20.16 26.61 17.63
N VAL A 81 -19.72 25.71 18.51
CA VAL A 81 -20.00 25.79 19.93
C VAL A 81 -18.67 25.76 20.68
N PRO A 82 -18.38 26.76 21.51
CA PRO A 82 -17.12 26.75 22.26
C PRO A 82 -17.07 25.61 23.26
N ILE A 83 -15.85 25.12 23.50
CA ILE A 83 -15.67 23.99 24.42
C ILE A 83 -15.97 24.41 25.85
N GLU A 84 -15.86 25.70 26.16
CA GLU A 84 -16.11 26.15 27.53
C GLU A 84 -17.58 26.07 27.91
N LYS A 85 -18.48 25.96 26.93
CA LYS A 85 -19.89 25.75 27.20
C LYS A 85 -20.22 24.29 27.46
N LEU A 86 -19.23 23.40 27.38
CA LEU A 86 -19.47 21.96 27.45
C LEU A 86 -19.26 21.39 28.85
N GLN A 87 -18.40 22.00 29.66
CA GLN A 87 -18.13 21.46 30.98
C GLN A 87 -19.31 21.74 31.92
N VAL A 88 -19.85 20.66 32.50
CA VAL A 88 -20.96 20.74 33.44
C VAL A 88 -20.86 19.52 34.36
N ASN A 89 -21.65 19.54 35.45
CA ASN A 89 -21.73 18.43 36.39
C ASN A 89 -20.37 18.16 37.04
N GLY A 90 -19.73 19.21 37.53
CA GLY A 90 -18.50 19.07 38.29
C GLY A 90 -17.30 18.57 37.51
N ILE A 91 -17.15 19.00 36.26
CA ILE A 91 -15.97 18.68 35.47
C ILE A 91 -15.01 19.86 35.52
N THR A 92 -13.79 19.60 35.98
CA THR A 92 -12.83 20.66 36.25
C THR A 92 -12.37 21.34 34.96
N MET A 93 -12.00 22.62 35.09
CA MET A 93 -11.37 23.34 33.98
C MET A 93 -10.00 22.76 33.65
N ALA A 94 -9.35 22.07 34.59
CA ALA A 94 -8.06 21.46 34.30
C ALA A 94 -8.19 20.41 33.21
N ASP A 95 -9.27 19.63 33.23
CA ASP A 95 -9.56 18.72 32.12
C ASP A 95 -9.74 19.48 30.82
N VAL A 96 -10.34 20.68 30.90
CA VAL A 96 -10.52 21.49 29.69
C VAL A 96 -9.17 21.89 29.12
N LYS A 97 -8.24 22.34 29.97
CA LYS A 97 -6.91 22.67 29.48
C LYS A 97 -6.20 21.44 28.92
N LYS A 98 -6.35 20.30 29.59
CA LYS A 98 -5.71 19.08 29.11
C LYS A 98 -6.23 18.70 27.73
N LEU A 99 -7.53 18.82 27.51
CA LEU A 99 -8.10 18.53 26.20
C LEU A 99 -7.64 19.53 25.16
N ARG A 100 -7.60 20.82 25.52
CA ARG A 100 -7.19 21.84 24.56
C ARG A 100 -5.74 21.67 24.14
N GLU A 101 -4.87 21.30 25.09
CA GLU A 101 -3.47 21.10 24.76
C GLU A 101 -3.27 19.94 23.79
N SER A 102 -4.23 19.02 23.71
CA SER A 102 -4.15 17.91 22.78
C SER A 102 -4.59 18.27 21.37
N GLY A 103 -5.25 19.41 21.18
CA GLY A 103 -5.67 19.88 19.88
C GLY A 103 -7.17 20.11 19.74
N LEU A 104 -7.99 19.54 20.62
CA LEU A 104 -9.43 19.74 20.55
C LEU A 104 -9.78 21.09 21.17
N HIS A 105 -10.61 21.87 20.47
CA HIS A 105 -10.90 23.22 20.92
C HIS A 105 -12.37 23.61 20.79
N THR A 106 -13.27 22.65 20.61
CA THR A 106 -14.68 22.97 20.49
C THR A 106 -15.51 21.72 20.77
N ALA A 107 -16.81 21.93 20.99
CA ALA A 107 -17.72 20.82 21.26
C ALA A 107 -17.76 19.84 20.09
N GLU A 108 -17.79 20.36 18.86
CA GLU A 108 -17.80 19.50 17.69
C GLU A 108 -16.54 18.64 17.64
N ALA A 109 -15.40 19.22 18.00
CA ALA A 109 -14.14 18.46 17.98
C ALA A 109 -14.21 17.28 18.94
N VAL A 110 -14.72 17.51 20.15
CA VAL A 110 -14.83 16.44 21.13
C VAL A 110 -15.82 15.37 20.67
N ALA A 111 -16.98 15.81 20.18
CA ALA A 111 -18.01 14.85 19.76
C ALA A 111 -17.52 13.99 18.61
N TYR A 112 -16.87 14.59 17.62
CA TYR A 112 -16.37 13.82 16.49
C TYR A 112 -15.13 13.02 16.83
N ALA A 113 -14.42 13.38 17.89
CA ALA A 113 -13.21 12.67 18.25
C ALA A 113 -13.54 11.26 18.73
N PRO A 114 -12.79 10.26 18.29
CA PRO A 114 -13.00 8.90 18.80
C PRO A 114 -12.70 8.82 20.30
N ARG A 115 -13.43 7.95 20.99
CA ARG A 115 -13.26 7.81 22.42
C ARG A 115 -11.88 7.28 22.79
N LYS A 116 -11.28 6.47 21.91
CA LYS A 116 -9.96 5.91 22.20
C LYS A 116 -8.91 7.00 22.32
N ASP A 117 -8.95 8.00 21.44
CA ASP A 117 -8.00 9.10 21.52
C ASP A 117 -8.18 9.90 22.80
N LEU A 118 -9.43 10.11 23.22
CA LEU A 118 -9.68 10.79 24.49
C LEU A 118 -9.13 9.99 25.66
N LEU A 119 -9.32 8.67 25.64
CA LEU A 119 -8.78 7.83 26.70
C LEU A 119 -7.26 7.88 26.72
N GLU A 120 -6.63 7.95 25.55
CA GLU A 120 -5.19 7.98 25.46
C GLU A 120 -4.59 9.21 26.15
N ILE A 121 -5.34 10.31 26.19
CA ILE A 121 -4.85 11.51 26.85
C ILE A 121 -4.67 11.24 28.33
N LYS A 122 -3.51 11.61 28.86
CA LYS A 122 -3.17 11.29 30.24
C LYS A 122 -3.96 12.14 31.22
N GLY A 123 -4.14 11.62 32.42
CA GLY A 123 -4.81 12.36 33.48
C GLY A 123 -6.30 12.48 33.32
N ILE A 124 -6.93 11.61 32.52
CA ILE A 124 -8.37 11.64 32.30
C ILE A 124 -8.93 10.24 32.56
N SER A 125 -9.92 10.16 33.44
CA SER A 125 -10.58 8.89 33.69
C SER A 125 -11.47 8.50 32.52
N GLU A 126 -11.53 7.20 32.23
CA GLU A 126 -12.35 6.74 31.12
C GLU A 126 -13.83 6.94 31.41
N ALA A 127 -14.25 6.77 32.67
CA ALA A 127 -15.66 7.00 33.02
C ALA A 127 -16.04 8.45 32.79
N LYS A 128 -15.20 9.39 33.25
CA LYS A 128 -15.49 10.79 33.00
C LYS A 128 -15.32 11.13 31.51
N ALA A 129 -14.45 10.41 30.80
CA ALA A 129 -14.34 10.61 29.36
C ALA A 129 -15.65 10.28 28.67
N ASP A 130 -16.26 9.15 29.03
CA ASP A 130 -17.55 8.79 28.45
C ASP A 130 -18.65 9.75 28.92
N LYS A 131 -18.55 10.23 30.15
CA LYS A 131 -19.51 11.22 30.64
C LYS A 131 -19.48 12.48 29.77
N LEU A 132 -18.29 13.02 29.53
CA LEU A 132 -18.17 14.19 28.68
C LEU A 132 -18.59 13.89 27.25
N LEU A 133 -18.29 12.68 26.76
CA LEU A 133 -18.68 12.31 25.40
C LEU A 133 -20.19 12.33 25.25
N ASN A 134 -20.91 11.73 26.19
CA ASN A 134 -22.37 11.71 26.08
C ASN A 134 -22.97 13.08 26.36
N GLU A 135 -22.32 13.89 27.21
CA GLU A 135 -22.78 15.27 27.38
C GLU A 135 -22.68 16.05 26.07
N ALA A 136 -21.56 15.87 25.36
CA ALA A 136 -21.41 16.52 24.05
C ALA A 136 -22.44 15.99 23.06
N ALA A 137 -22.68 14.67 23.07
CA ALA A 137 -23.68 14.09 22.17
C ALA A 137 -25.06 14.66 22.45
N ARG A 138 -25.39 14.88 23.72
CA ARG A 138 -26.63 15.57 24.05
C ARG A 138 -26.61 17.01 23.55
N LEU A 139 -25.46 17.68 23.65
CA LEU A 139 -25.37 19.07 23.21
C LEU A 139 -25.28 19.17 21.69
N VAL A 140 -24.23 18.59 21.12
CA VAL A 140 -24.06 18.63 19.65
C VAL A 140 -25.04 17.66 19.02
N PRO A 141 -25.85 18.10 18.05
CA PRO A 141 -26.84 17.19 17.44
C PRO A 141 -26.20 16.32 16.38
N MET A 142 -26.24 15.00 16.59
CA MET A 142 -25.85 14.06 15.55
C MET A 142 -26.84 12.90 15.43
N GLY A 143 -28.05 13.05 15.96
CA GLY A 143 -29.07 12.02 15.81
C GLY A 143 -29.74 12.08 14.45
N PHE A 144 -30.67 11.15 14.25
CA PHE A 144 -31.37 11.07 12.98
C PHE A 144 -32.33 12.25 12.81
N VAL A 145 -32.61 12.57 11.55
CA VAL A 145 -33.45 13.72 11.22
C VAL A 145 -34.01 13.50 9.83
N THR A 146 -35.24 13.99 9.60
CA THR A 146 -35.90 13.80 8.32
C THR A 146 -35.16 14.56 7.21
N ALA A 147 -35.36 14.07 5.98
CA ALA A 147 -34.60 14.61 4.84
C ALA A 147 -35.04 16.02 4.49
N ALA A 148 -36.31 16.35 4.69
CA ALA A 148 -36.76 17.72 4.42
C ALA A 148 -36.05 18.72 5.33
N ASP A 149 -35.88 18.36 6.61
CA ASP A 149 -35.10 19.19 7.50
C ASP A 149 -33.66 19.33 7.01
N PHE A 150 -33.09 18.25 6.48
CA PHE A 150 -31.74 18.33 5.92
C PHE A 150 -31.70 19.28 4.74
N HIS A 151 -32.74 19.26 3.90
CA HIS A 151 -32.82 20.20 2.79
C HIS A 151 -32.87 21.64 3.28
N MET A 152 -33.65 21.89 4.34
CA MET A 152 -33.71 23.25 4.90
C MET A 152 -32.35 23.67 5.45
N ARG A 153 -31.67 22.79 6.17
CA ARG A 153 -30.36 23.13 6.70
C ARG A 153 -29.35 23.39 5.59
N ARG A 154 -29.39 22.58 4.54
CA ARG A 154 -28.46 22.77 3.43
C ARG A 154 -28.74 24.06 2.68
N SER A 155 -30.02 24.44 2.54
CA SER A 155 -30.33 25.74 1.98
C SER A 155 -29.84 26.86 2.89
N GLU A 156 -29.88 26.64 4.20
CA GLU A 156 -29.36 27.61 5.15
C GLU A 156 -27.85 27.81 5.03
N LEU A 157 -27.13 26.81 4.53
CA LEU A 157 -25.67 26.84 4.52
C LEU A 157 -25.14 28.09 3.82
N ILE A 158 -24.09 28.66 4.39
CA ILE A 158 -23.52 29.91 3.88
C ILE A 158 -22.82 29.65 2.56
N CYS A 159 -23.12 30.48 1.56
CA CYS A 159 -22.49 30.39 0.25
C CYS A 159 -21.97 31.77 -0.14
N LEU A 160 -20.78 31.79 -0.74
CA LEU A 160 -20.06 33.03 -0.99
C LEU A 160 -19.85 33.24 -2.49
N THR A 161 -20.11 34.46 -2.95
CA THR A 161 -19.90 34.80 -4.35
C THR A 161 -18.41 34.84 -4.68
N THR A 162 -18.04 34.21 -5.79
CA THR A 162 -16.64 34.22 -6.22
C THR A 162 -16.22 35.59 -6.74
N GLY A 163 -17.06 36.21 -7.57
CA GLY A 163 -16.74 37.49 -8.17
C GLY A 163 -17.20 37.58 -9.61
N SER A 164 -17.64 36.45 -10.16
CA SER A 164 -18.18 36.40 -11.50
C SER A 164 -19.54 35.71 -11.46
N LYS A 165 -20.55 36.35 -12.04
CA LYS A 165 -21.89 35.78 -12.03
C LYS A 165 -21.93 34.46 -12.80
N ASN A 166 -21.10 34.32 -13.82
CA ASN A 166 -21.01 33.05 -14.54
C ASN A 166 -20.51 31.95 -13.62
N LEU A 167 -19.51 32.25 -12.79
CA LEU A 167 -19.02 31.27 -11.82
C LEU A 167 -20.10 30.90 -10.83
N ASP A 168 -20.84 31.90 -10.32
CA ASP A 168 -21.90 31.61 -9.36
C ASP A 168 -22.97 30.74 -9.97
N THR A 169 -23.34 31.02 -11.22
CA THR A 169 -24.32 30.17 -11.90
C THR A 169 -23.79 28.75 -12.09
N LEU A 170 -22.51 28.61 -12.47
CA LEU A 170 -21.93 27.28 -12.60
C LEU A 170 -21.85 26.58 -11.25
N LEU A 171 -21.46 27.30 -10.21
CA LEU A 171 -21.41 26.74 -8.86
C LEU A 171 -22.79 26.66 -8.21
N GLY A 172 -23.81 27.21 -8.83
CA GLY A 172 -25.14 27.22 -8.25
C GLY A 172 -25.25 28.07 -6.99
N GLY A 173 -24.56 29.21 -6.97
CA GLY A 173 -24.62 30.09 -5.83
C GLY A 173 -23.26 30.55 -5.35
N GLY A 174 -22.22 29.86 -5.78
CA GLY A 174 -20.87 30.19 -5.37
C GLY A 174 -20.19 29.08 -4.59
N VAL A 175 -19.14 29.42 -3.85
CA VAL A 175 -18.43 28.41 -3.06
C VAL A 175 -19.26 28.04 -1.85
N GLU A 176 -19.38 26.74 -1.59
CA GLU A 176 -20.19 26.21 -0.50
C GLU A 176 -19.29 25.83 0.67
N THR A 177 -19.57 26.38 1.84
CA THR A 177 -18.77 26.11 3.02
C THR A 177 -19.01 24.68 3.51
N GLY A 178 -18.09 24.19 4.34
CA GLY A 178 -18.15 22.84 4.84
C GLY A 178 -17.63 21.83 3.83
N SER A 179 -17.20 22.33 2.68
CA SER A 179 -16.74 21.49 1.58
C SER A 179 -15.36 21.96 1.16
N ILE A 180 -14.41 21.02 1.08
CA ILE A 180 -13.04 21.36 0.69
C ILE A 180 -12.98 21.42 -0.84
N THR A 181 -13.27 22.59 -1.38
CA THR A 181 -13.21 22.80 -2.83
C THR A 181 -11.76 22.86 -3.28
N GLU A 182 -11.48 22.26 -4.43
CA GLU A 182 -10.16 22.26 -5.02
C GLU A 182 -10.19 22.95 -6.37
N LEU A 183 -9.17 23.78 -6.63
CA LEU A 183 -9.00 24.46 -7.91
C LEU A 183 -7.64 24.10 -8.46
N PHE A 184 -7.62 23.33 -9.54
CA PHE A 184 -6.36 22.84 -10.09
C PHE A 184 -6.25 23.20 -11.57
N GLY A 185 -5.02 23.35 -12.03
CA GLY A 185 -4.76 23.67 -13.41
C GLY A 185 -3.35 24.20 -13.60
N GLU A 186 -3.04 24.50 -14.85
CA GLU A 186 -1.73 25.02 -15.19
C GLU A 186 -1.52 26.40 -14.59
N PHE A 187 -0.27 26.73 -14.29
CA PHE A 187 0.05 27.99 -13.64
C PHE A 187 -0.17 29.17 -14.58
N ARG A 188 -0.20 30.37 -13.99
CA ARG A 188 -0.50 31.61 -14.70
C ARG A 188 -1.88 31.58 -15.35
N THR A 189 -2.79 30.81 -14.78
CA THR A 189 -4.19 30.80 -15.20
C THR A 189 -5.07 31.58 -14.24
N GLY A 190 -4.49 32.27 -13.26
CA GLY A 190 -5.25 33.09 -12.35
C GLY A 190 -5.64 32.43 -11.03
N LYS A 191 -5.03 31.29 -10.69
CA LYS A 191 -5.38 30.62 -9.45
C LYS A 191 -5.08 31.49 -8.24
N SER A 192 -3.91 32.13 -8.22
CA SER A 192 -3.57 33.00 -7.11
C SER A 192 -4.44 34.25 -7.10
N GLN A 193 -4.74 34.80 -8.29
CA GLN A 193 -5.66 35.94 -8.37
C GLN A 193 -7.05 35.56 -7.87
N LEU A 194 -7.52 34.37 -8.24
CA LEU A 194 -8.81 33.91 -7.75
C LEU A 194 -8.78 33.72 -6.23
N CYS A 195 -7.67 33.24 -5.69
CA CYS A 195 -7.56 33.08 -4.25
C CYS A 195 -7.59 34.43 -3.55
N HIS A 196 -6.92 35.44 -4.12
CA HIS A 196 -6.99 36.78 -3.55
C HIS A 196 -8.41 37.32 -3.56
N THR A 197 -9.11 37.14 -4.69
CA THR A 197 -10.51 37.56 -4.76
C THR A 197 -11.36 36.81 -3.75
N LEU A 198 -11.04 35.53 -3.53
CA LEU A 198 -11.78 34.73 -2.54
C LEU A 198 -11.57 35.29 -1.14
N ALA A 199 -10.33 35.65 -0.80
CA ALA A 199 -10.07 36.26 0.50
C ALA A 199 -10.85 37.57 0.65
N VAL A 200 -10.87 38.39 -0.40
CA VAL A 200 -11.58 39.67 -0.32
C VAL A 200 -13.08 39.43 -0.15
N THR A 201 -13.63 38.50 -0.93
CA THR A 201 -15.06 38.19 -0.84
C THR A 201 -15.41 37.48 0.46
N CYS A 202 -14.43 36.94 1.17
CA CYS A 202 -14.66 36.47 2.53
C CYS A 202 -14.51 37.58 3.55
N GLN A 203 -13.87 38.69 3.19
CA GLN A 203 -13.81 39.85 4.08
C GLN A 203 -15.11 40.64 4.10
N ILE A 204 -15.87 40.65 3.01
CA ILE A 204 -17.05 41.49 2.88
C ILE A 204 -18.19 40.94 3.74
N PRO A 205 -19.16 41.76 4.14
CA PRO A 205 -20.23 41.28 5.00
C PRO A 205 -21.18 40.33 4.28
N LEU A 206 -21.87 39.51 5.09
CA LEU A 206 -22.75 38.47 4.58
C LEU A 206 -23.96 39.02 3.84
N ASP A 207 -24.29 40.30 4.03
CA ASP A 207 -25.48 40.86 3.39
C ASP A 207 -25.40 40.76 1.88
N ILE A 208 -24.23 41.03 1.31
CA ILE A 208 -24.03 40.93 -0.14
C ILE A 208 -23.47 39.56 -0.49
N GLY A 209 -23.53 38.64 0.48
CA GLY A 209 -23.04 37.29 0.27
C GLY A 209 -21.66 37.00 0.81
N GLY A 210 -21.09 37.87 1.61
CA GLY A 210 -19.76 37.65 2.17
C GLY A 210 -19.77 36.66 3.30
N GLY A 211 -18.58 36.48 3.90
CA GLY A 211 -18.43 35.51 4.96
C GLY A 211 -18.29 36.12 6.35
N GLU A 212 -17.95 37.40 6.41
CA GLU A 212 -17.77 38.14 7.67
C GLU A 212 -16.66 37.54 8.54
N GLY A 213 -15.73 36.81 7.93
CA GLY A 213 -14.69 36.15 8.69
C GLY A 213 -13.33 36.30 8.03
N LYS A 214 -12.30 36.02 8.82
CA LYS A 214 -10.93 36.13 8.34
C LYS A 214 -10.57 34.92 7.50
N CYS A 215 -9.72 35.14 6.49
CA CYS A 215 -9.20 34.05 5.69
C CYS A 215 -8.05 33.36 6.43
N LEU A 216 -7.46 32.35 5.79
CA LEU A 216 -6.28 31.69 6.33
C LEU A 216 -5.44 31.23 5.13
N TYR A 217 -4.48 32.04 4.73
CA TYR A 217 -3.74 31.83 3.50
C TYR A 217 -2.39 31.20 3.82
N ILE A 218 -2.15 30.03 3.27
CA ILE A 218 -0.88 29.31 3.42
C ILE A 218 -0.18 29.34 2.08
N ASP A 219 1.01 29.94 2.02
CA ASP A 219 1.77 30.06 0.80
C ASP A 219 3.04 29.23 0.90
N THR A 220 3.41 28.58 -0.20
CA THR A 220 4.60 27.74 -0.24
C THR A 220 5.58 28.17 -1.34
N GLU A 221 5.36 29.32 -1.98
CA GLU A 221 6.25 29.77 -3.04
C GLU A 221 6.62 31.24 -2.96
N GLY A 222 6.05 32.02 -2.05
CA GLY A 222 6.31 33.44 -2.01
C GLY A 222 5.52 34.26 -2.99
N THR A 223 4.47 33.70 -3.59
CA THR A 223 3.69 34.37 -4.61
C THR A 223 2.72 35.40 -4.03
N PHE A 224 2.25 35.18 -2.79
CA PHE A 224 1.27 36.08 -2.20
C PHE A 224 1.80 37.51 -2.13
N ARG A 225 0.99 38.46 -2.59
CA ARG A 225 1.39 39.86 -2.62
C ARG A 225 0.24 40.73 -2.13
N PRO A 226 0.43 41.48 -1.04
CA PRO A 226 -0.68 42.25 -0.47
C PRO A 226 -1.19 43.36 -1.37
N VAL A 227 -0.41 43.80 -2.36
CA VAL A 227 -0.85 44.90 -3.23
C VAL A 227 -2.08 44.48 -4.02
N ARG A 228 -2.10 43.24 -4.51
CA ARG A 228 -3.28 42.74 -5.21
C ARG A 228 -4.49 42.73 -4.28
N LEU A 229 -4.30 42.33 -3.03
CA LEU A 229 -5.40 42.36 -2.07
C LEU A 229 -5.92 43.78 -1.88
N VAL A 230 -5.01 44.75 -1.78
CA VAL A 230 -5.42 46.15 -1.61
C VAL A 230 -6.26 46.59 -2.81
N SER A 231 -5.78 46.28 -4.02
CA SER A 231 -6.52 46.70 -5.21
C SER A 231 -7.90 46.06 -5.28
N ILE A 232 -7.98 44.76 -4.97
CA ILE A 232 -9.27 44.08 -5.04
C ILE A 232 -10.22 44.60 -3.97
N ALA A 233 -9.70 44.88 -2.77
CA ALA A 233 -10.54 45.44 -1.72
C ALA A 233 -11.06 46.82 -2.10
N GLN A 234 -10.21 47.64 -2.73
CA GLN A 234 -10.65 48.95 -3.18
C GLN A 234 -11.70 48.82 -4.28
N ARG A 235 -11.59 47.79 -5.11
CA ARG A 235 -12.67 47.49 -6.05
C ARG A 235 -13.95 47.18 -5.30
N PHE A 236 -13.86 46.37 -4.24
CA PHE A 236 -15.02 46.04 -3.43
C PHE A 236 -15.37 47.15 -2.43
N GLY A 237 -14.52 48.15 -2.26
CA GLY A 237 -14.81 49.29 -1.44
C GLY A 237 -14.52 49.12 0.05
N LEU A 238 -14.00 47.98 0.47
CA LEU A 238 -13.71 47.76 1.87
C LEU A 238 -12.50 48.60 2.30
N ASP A 239 -12.38 48.78 3.61
CA ASP A 239 -11.25 49.52 4.16
C ASP A 239 -9.95 48.79 3.82
N PRO A 240 -8.95 49.47 3.26
CA PRO A 240 -7.68 48.79 2.94
C PRO A 240 -7.01 48.18 4.15
N ASP A 241 -7.04 48.86 5.30
CA ASP A 241 -6.34 48.37 6.48
C ASP A 241 -7.04 47.19 7.12
N ASP A 242 -8.37 47.18 7.11
CA ASP A 242 -9.10 46.02 7.64
C ASP A 242 -8.77 44.77 6.82
N ALA A 243 -8.81 44.88 5.50
CA ALA A 243 -8.44 43.75 4.66
C ALA A 243 -6.98 43.37 4.85
N LEU A 244 -6.11 44.36 5.07
CA LEU A 244 -4.70 44.06 5.29
C LEU A 244 -4.49 43.28 6.58
N ASN A 245 -5.21 43.64 7.64
CA ASN A 245 -4.98 43.09 8.97
C ASN A 245 -5.91 41.93 9.34
N ASN A 246 -6.81 41.53 8.44
CA ASN A 246 -7.72 40.42 8.72
C ASN A 246 -7.38 39.15 7.95
N VAL A 247 -6.15 39.04 7.46
CA VAL A 247 -5.68 37.84 6.76
C VAL A 247 -4.45 37.32 7.48
N ALA A 248 -4.45 36.03 7.79
CA ALA A 248 -3.32 35.38 8.45
C ALA A 248 -2.47 34.69 7.38
N TYR A 249 -1.29 35.25 7.13
CA TYR A 249 -0.39 34.74 6.11
C TYR A 249 0.83 34.11 6.78
N ALA A 250 1.20 32.92 6.33
CA ALA A 250 2.37 32.23 6.84
C ALA A 250 2.97 31.37 5.72
N ARG A 251 4.25 31.56 5.44
CA ARG A 251 4.93 30.81 4.41
C ARG A 251 5.69 29.66 5.05
N ALA A 252 5.44 28.45 4.55
CA ALA A 252 6.15 27.27 5.02
C ALA A 252 7.39 27.01 4.18
N TYR A 253 8.36 26.31 4.78
CA TYR A 253 9.62 26.02 4.12
C TYR A 253 9.91 24.54 3.98
N ASN A 254 9.20 23.67 4.69
CA ASN A 254 9.32 22.23 4.53
C ASN A 254 8.02 21.58 4.97
N ALA A 255 7.88 20.29 4.65
CA ALA A 255 6.65 19.58 4.98
C ALA A 255 6.40 19.56 6.49
N ASP A 256 7.45 19.31 7.27
CA ASP A 256 7.32 19.36 8.72
C ASP A 256 6.90 20.74 9.17
N HIS A 257 7.39 21.79 8.50
CA HIS A 257 6.96 23.15 8.84
C HIS A 257 5.47 23.32 8.58
N GLN A 258 4.97 22.77 7.47
CA GLN A 258 3.54 22.83 7.19
C GLN A 258 2.74 22.14 8.29
N LEU A 259 3.15 20.93 8.68
CA LEU A 259 2.39 20.19 9.68
C LEU A 259 2.42 20.89 11.04
N ARG A 260 3.57 21.42 11.44
CA ARG A 260 3.65 22.19 12.67
C ARG A 260 2.82 23.45 12.59
N LEU A 261 2.78 24.07 11.41
CA LEU A 261 2.01 25.28 11.19
C LEU A 261 0.52 25.03 11.35
N LEU A 262 0.05 23.86 10.90
CA LEU A 262 -1.38 23.56 11.00
C LEU A 262 -1.88 23.56 12.43
N ASP A 263 -1.04 23.13 13.38
CA ASP A 263 -1.45 23.09 14.78
C ASP A 263 -1.72 24.49 15.31
N ALA A 264 -0.77 25.41 15.08
CA ALA A 264 -1.00 26.80 15.48
C ALA A 264 -2.15 27.42 14.72
N ALA A 265 -2.34 27.02 13.46
CA ALA A 265 -3.49 27.50 12.70
C ALA A 265 -4.79 27.11 13.38
N ALA A 266 -4.91 25.85 13.79
CA ALA A 266 -6.11 25.40 14.50
C ALA A 266 -6.27 26.11 15.84
N GLN A 267 -5.16 26.29 16.56
CA GLN A 267 -5.22 26.94 17.87
C GLN A 267 -5.73 28.38 17.74
N MET A 268 -5.28 29.10 16.71
CA MET A 268 -5.73 30.47 16.53
C MET A 268 -7.13 30.49 15.91
N MET A 269 -7.46 29.48 15.12
CA MET A 269 -8.83 29.29 14.63
C MET A 269 -9.81 29.20 15.78
N SER A 270 -9.40 28.55 16.87
CA SER A 270 -10.30 28.31 17.99
C SER A 270 -10.88 29.60 18.55
N GLU A 271 -10.02 30.60 18.79
CA GLU A 271 -10.47 31.79 19.51
C GLU A 271 -11.35 32.68 18.66
N SER A 272 -10.97 32.93 17.41
CA SER A 272 -11.65 33.92 16.59
C SER A 272 -12.56 33.24 15.57
N ARG A 273 -13.34 34.07 14.87
CA ARG A 273 -14.29 33.62 13.86
C ARG A 273 -13.68 33.85 12.47
N PHE A 274 -13.47 32.76 11.75
CA PHE A 274 -12.95 32.81 10.39
C PHE A 274 -13.96 32.22 9.42
N SER A 275 -13.67 32.34 8.12
CA SER A 275 -14.61 31.86 7.12
C SER A 275 -13.97 31.18 5.92
N LEU A 276 -12.67 30.94 5.90
CA LEU A 276 -12.03 30.39 4.72
C LEU A 276 -10.60 29.97 5.06
N ILE A 277 -10.17 28.86 4.47
CA ILE A 277 -8.79 28.40 4.58
C ILE A 277 -8.28 28.08 3.19
N VAL A 278 -7.39 28.93 2.68
CA VAL A 278 -6.82 28.76 1.35
C VAL A 278 -5.39 28.27 1.48
N VAL A 279 -5.03 27.22 0.74
CA VAL A 279 -3.66 26.73 0.70
C VAL A 279 -3.19 26.74 -0.75
N ASP A 280 -2.00 27.30 -0.97
CA ASP A 280 -1.47 27.50 -2.32
C ASP A 280 0.05 27.58 -2.22
N SER A 281 0.74 26.50 -2.57
CA SER A 281 0.11 25.26 -3.00
C SER A 281 0.65 24.10 -2.17
N VAL A 282 -0.10 23.00 -2.10
CA VAL A 282 0.27 21.91 -1.21
C VAL A 282 1.53 21.20 -1.70
N MET A 283 1.65 21.00 -3.01
CA MET A 283 2.71 20.16 -3.55
C MET A 283 4.02 20.89 -3.80
N ALA A 284 4.06 22.21 -3.65
CA ALA A 284 5.28 22.96 -3.96
C ALA A 284 6.44 22.52 -3.06
N LEU A 285 6.18 22.36 -1.77
CA LEU A 285 7.23 21.90 -0.88
C LEU A 285 7.43 20.40 -0.95
N TYR A 286 6.34 19.64 -1.14
CA TYR A 286 6.44 18.19 -1.20
C TYR A 286 7.22 17.72 -2.42
N ARG A 287 7.29 18.54 -3.47
CA ARG A 287 8.00 18.14 -4.68
C ARG A 287 9.50 18.02 -4.44
N THR A 288 10.06 18.88 -3.58
CA THR A 288 11.48 18.89 -3.31
C THR A 288 11.86 18.31 -1.95
N ASP A 289 10.91 18.20 -1.03
CA ASP A 289 11.22 17.65 0.29
C ASP A 289 11.52 16.15 0.25
N PHE A 290 11.21 15.47 -0.85
CA PHE A 290 11.42 14.04 -0.94
C PHE A 290 12.12 13.67 -2.24
N GLU A 295 11.56 7.03 -1.25
CA GLU A 295 11.12 8.11 -0.35
C GLU A 295 9.70 8.53 -0.68
N LEU A 296 9.15 7.97 -1.76
CA LEU A 296 7.78 8.30 -2.16
C LEU A 296 6.78 7.83 -1.12
N SER A 297 7.01 6.66 -0.52
CA SER A 297 6.07 6.12 0.46
C SER A 297 5.93 7.05 1.66
N ALA A 298 7.05 7.60 2.15
CA ALA A 298 6.98 8.56 3.24
C ALA A 298 6.26 9.83 2.80
N ARG A 299 6.50 10.27 1.56
CA ARG A 299 5.82 11.47 1.06
C ARG A 299 4.32 11.26 0.96
N GLN A 300 3.89 10.11 0.44
CA GLN A 300 2.47 9.88 0.23
C GLN A 300 1.71 9.82 1.56
N MET A 301 2.26 9.11 2.54
CA MET A 301 1.59 9.03 3.84
C MET A 301 1.63 10.36 4.57
N HIS A 302 2.59 11.22 4.25
CA HIS A 302 2.73 12.48 4.96
C HIS A 302 1.63 13.45 4.55
N LEU A 303 1.24 13.43 3.29
CA LEU A 303 0.07 14.21 2.85
C LEU A 303 -1.21 13.72 3.52
N ALA A 304 -1.35 12.40 3.66
CA ALA A 304 -2.62 11.84 4.14
C ALA A 304 -2.97 12.37 5.52
N LYS A 305 -2.00 12.39 6.43
CA LYS A 305 -2.25 12.99 7.74
C LYS A 305 -2.36 14.50 7.65
N PHE A 306 -1.66 15.11 6.70
CA PHE A 306 -1.77 16.56 6.51
C PHE A 306 -3.16 16.95 6.04
N MET A 307 -3.65 16.29 4.99
CA MET A 307 -4.92 16.69 4.39
C MET A 307 -6.09 16.41 5.31
N ARG A 308 -6.08 15.25 5.98
CA ARG A 308 -7.18 14.93 6.88
C ARG A 308 -7.29 15.93 8.03
N ALA A 309 -6.17 16.60 8.37
CA ALA A 309 -6.24 17.66 9.35
C ALA A 309 -7.07 18.83 8.85
N LEU A 310 -6.91 19.18 7.57
CA LEU A 310 -7.76 20.22 6.98
C LEU A 310 -9.22 19.79 6.97
N GLN A 311 -9.48 18.54 6.60
CA GLN A 311 -10.86 18.05 6.61
C GLN A 311 -11.44 18.05 8.01
N ARG A 312 -10.65 17.62 9.00
CA ARG A 312 -11.13 17.65 10.38
C ARG A 312 -11.41 19.07 10.85
N LEU A 313 -10.52 20.00 10.49
CA LEU A 313 -10.71 21.38 10.92
C LEU A 313 -11.92 22.02 10.25
N ALA A 314 -12.21 21.63 8.99
CA ALA A 314 -13.29 22.27 8.25
C ALA A 314 -14.64 22.06 8.92
N ASP A 315 -14.91 20.83 9.37
CA ASP A 315 -16.23 20.54 9.93
C ASP A 315 -16.40 21.13 11.32
N GLN A 316 -15.33 21.18 12.12
CA GLN A 316 -15.42 21.72 13.46
C GLN A 316 -15.80 23.19 13.44
N PHE A 317 -15.19 23.97 12.55
CA PHE A 317 -15.39 25.41 12.51
C PHE A 317 -16.30 25.87 11.38
N GLY A 318 -16.63 24.99 10.44
CA GLY A 318 -17.52 25.35 9.34
C GLY A 318 -16.95 26.41 8.42
N VAL A 319 -15.69 26.25 8.02
CA VAL A 319 -15.01 27.18 7.13
C VAL A 319 -14.74 26.46 5.81
N ALA A 320 -15.07 27.12 4.70
CA ALA A 320 -14.76 26.57 3.40
C ALA A 320 -13.25 26.46 3.21
N VAL A 321 -12.82 25.38 2.58
CA VAL A 321 -11.41 25.09 2.37
C VAL A 321 -11.15 25.06 0.87
N VAL A 322 -10.17 25.85 0.44
CA VAL A 322 -9.77 25.92 -0.97
C VAL A 322 -8.31 25.49 -1.07
N VAL A 323 -8.04 24.59 -1.99
CA VAL A 323 -6.70 24.05 -2.20
C VAL A 323 -6.33 24.27 -3.66
N THR A 324 -5.12 24.79 -3.90
CA THR A 324 -4.63 24.89 -5.26
C THR A 324 -3.61 23.78 -5.53
N ASN A 325 -3.21 23.67 -6.78
CA ASN A 325 -2.29 22.61 -7.19
C ASN A 325 -1.66 22.99 -8.51
N GLN A 326 -0.55 22.34 -8.82
CA GLN A 326 0.16 22.51 -10.08
C GLN A 326 0.07 21.25 -10.91
N VAL A 327 0.24 21.41 -12.21
CA VAL A 327 0.17 20.28 -13.13
C VAL A 327 1.52 20.07 -13.82
N GLY A 346 -0.91 15.40 -6.78
CA GLY A 346 -1.29 14.65 -5.60
C GLY A 346 -1.87 13.30 -5.93
N GLY A 347 -2.11 13.07 -7.22
CA GLY A 347 -2.68 11.80 -7.64
C GLY A 347 -4.07 11.60 -7.06
N ASN A 348 -4.29 10.44 -6.45
CA ASN A 348 -5.61 10.09 -5.93
C ASN A 348 -5.95 10.80 -4.63
N ILE A 349 -4.94 11.33 -3.92
CA ILE A 349 -5.20 11.97 -2.63
C ILE A 349 -6.08 13.21 -2.81
N MET A 350 -5.75 14.03 -3.81
CA MET A 350 -6.54 15.22 -4.07
C MET A 350 -7.98 14.86 -4.42
N ALA A 351 -8.17 13.86 -5.28
CA ALA A 351 -9.51 13.47 -5.68
C ALA A 351 -10.31 12.92 -4.50
N HIS A 352 -9.70 12.06 -3.69
CA HIS A 352 -10.42 11.48 -2.56
C HIS A 352 -10.77 12.54 -1.52
N SER A 353 -9.83 13.42 -1.19
CA SER A 353 -10.05 14.38 -0.13
C SER A 353 -11.01 15.49 -0.55
N SER A 354 -10.83 16.06 -1.74
CA SER A 354 -11.61 17.20 -2.17
C SER A 354 -13.04 16.79 -2.49
N THR A 355 -13.99 17.66 -2.13
CA THR A 355 -15.39 17.40 -2.44
C THR A 355 -15.72 17.83 -3.87
N THR A 356 -15.55 19.12 -4.17
CA THR A 356 -15.83 19.66 -5.49
C THR A 356 -14.55 20.14 -6.14
N ARG A 357 -14.27 19.66 -7.35
CA ARG A 357 -13.04 19.97 -8.07
C ARG A 357 -13.36 20.86 -9.26
N LEU A 358 -12.46 21.82 -9.53
CA LEU A 358 -12.61 22.72 -10.66
C LEU A 358 -11.28 22.80 -11.40
N GLY A 359 -11.30 22.44 -12.68
CA GLY A 359 -10.14 22.58 -13.52
C GLY A 359 -10.11 23.93 -14.21
N PHE A 360 -8.90 24.44 -14.40
CA PHE A 360 -8.70 25.75 -15.00
C PHE A 360 -7.91 25.64 -16.29
N LYS A 361 -8.22 26.52 -17.24
CA LYS A 361 -7.56 26.54 -18.53
C LYS A 361 -7.39 27.99 -18.98
N LYS A 362 -6.27 28.26 -19.64
CA LYS A 362 -5.97 29.62 -20.09
C LYS A 362 -6.77 29.92 -21.36
N GLY A 363 -7.70 30.87 -21.26
CA GLY A 363 -8.47 31.31 -22.39
C GLY A 363 -7.82 32.45 -23.14
N LYS A 364 -8.54 32.98 -24.13
CA LYS A 364 -8.03 34.07 -24.94
C LYS A 364 -7.93 35.35 -24.12
N GLY A 365 -6.80 36.04 -24.24
CA GLY A 365 -6.60 37.28 -23.52
C GLY A 365 -6.69 37.07 -22.02
N CYS A 366 -7.43 37.95 -21.34
CA CYS A 366 -7.64 37.83 -19.91
C CYS A 366 -8.71 36.82 -19.54
N GLN A 367 -9.50 36.35 -20.51
CA GLN A 367 -10.51 35.34 -20.23
C GLN A 367 -9.87 34.02 -19.85
N ARG A 368 -10.54 33.29 -18.97
CA ARG A 368 -10.09 31.99 -18.51
C ARG A 368 -11.29 31.04 -18.43
N LEU A 369 -11.01 29.77 -18.68
CA LEU A 369 -12.03 28.72 -18.69
C LEU A 369 -11.98 27.95 -17.38
N CYS A 370 -13.15 27.72 -16.78
CA CYS A 370 -13.24 26.88 -15.60
C CYS A 370 -14.28 25.79 -15.83
N LYS A 371 -13.90 24.56 -15.49
CA LYS A 371 -14.70 23.38 -15.78
C LYS A 371 -14.94 22.59 -14.50
N VAL A 372 -16.16 22.09 -14.33
CA VAL A 372 -16.54 21.33 -13.15
C VAL A 372 -16.21 19.86 -13.46
N VAL A 373 -14.98 19.47 -13.15
CA VAL A 373 -14.56 18.10 -13.41
C VAL A 373 -15.35 17.10 -12.56
N ASP A 374 -15.51 17.39 -11.28
CA ASP A 374 -16.22 16.50 -10.37
C ASP A 374 -17.05 17.33 -9.40
N SER A 375 -18.19 16.76 -9.00
CA SER A 375 -19.10 17.41 -8.07
C SER A 375 -20.12 16.42 -7.56
N PRO A 376 -20.54 16.50 -6.30
CA PRO A 376 -21.56 15.57 -5.79
C PRO A 376 -22.95 15.88 -6.29
N CYS A 377 -23.24 17.12 -6.69
CA CYS A 377 -24.60 17.47 -7.11
C CYS A 377 -24.62 18.40 -8.33
N LEU A 378 -23.54 18.47 -9.09
CA LEU A 378 -23.52 19.36 -10.25
C LEU A 378 -23.11 18.60 -11.51
N PRO A 379 -23.66 18.96 -12.66
CA PRO A 379 -23.22 18.34 -13.92
C PRO A 379 -21.93 18.94 -14.42
N GLU A 380 -21.27 18.20 -15.30
CA GLU A 380 -19.99 18.64 -15.86
C GLU A 380 -20.24 19.75 -16.88
N ALA A 381 -20.06 21.00 -16.46
CA ALA A 381 -20.27 22.14 -17.33
C ALA A 381 -19.13 23.12 -17.14
N GLU A 382 -18.84 23.88 -18.21
CA GLU A 382 -17.74 24.83 -18.24
C GLU A 382 -18.28 26.24 -18.41
N CYS A 383 -17.49 27.22 -17.99
CA CYS A 383 -17.84 28.62 -18.20
C CYS A 383 -16.58 29.46 -18.23
N VAL A 384 -16.76 30.76 -18.44
CA VAL A 384 -15.67 31.69 -18.73
C VAL A 384 -15.73 32.85 -17.74
N PHE A 385 -14.57 33.21 -17.18
CA PHE A 385 -14.47 34.42 -16.38
C PHE A 385 -13.30 35.26 -16.87
N ALA A 386 -13.03 36.39 -16.21
CA ALA A 386 -11.93 37.26 -16.62
C ALA A 386 -11.24 37.81 -15.38
N ILE A 387 -9.96 38.16 -15.57
CA ILE A 387 -9.13 38.68 -14.48
C ILE A 387 -8.62 40.05 -14.90
N TYR A 388 -8.82 41.03 -14.04
CA TYR A 388 -8.33 42.39 -14.23
C TYR A 388 -7.45 42.76 -13.04
N GLU A 389 -6.81 43.93 -13.13
CA GLU A 389 -5.94 44.39 -12.07
C GLU A 389 -6.70 44.62 -10.76
N ASP A 390 -8.03 44.72 -10.82
CA ASP A 390 -8.85 44.87 -9.63
C ASP A 390 -9.42 43.56 -9.12
N GLY A 391 -9.14 42.44 -9.78
CA GLY A 391 -9.62 41.16 -9.30
C GLY A 391 -10.18 40.23 -10.36
N VAL A 392 -11.30 39.59 -10.06
CA VAL A 392 -11.92 38.61 -10.95
C VAL A 392 -13.37 39.05 -11.19
N GLY A 393 -13.77 39.06 -12.46
CA GLY A 393 -15.11 39.44 -12.83
C GLY A 393 -15.60 38.65 -14.03
N ASP A 394 -16.77 39.03 -14.51
CA ASP A 394 -17.32 38.42 -15.72
C ASP A 394 -16.67 39.02 -16.96
N PRO A 395 -16.51 38.23 -18.01
CA PRO A 395 -15.96 38.78 -19.27
C PRO A 395 -16.89 39.85 -19.84
N ARG A 396 -16.29 40.88 -20.41
CA ARG A 396 -17.01 42.00 -20.99
C ARG A 396 -17.15 41.84 -22.49
N GLU A 397 -17.96 42.71 -23.09
CA GLU A 397 -18.13 42.69 -24.54
C GLU A 397 -16.82 43.02 -25.25
N GLU A 398 -15.97 43.85 -24.63
CA GLU A 398 -14.65 44.11 -25.21
C GLU A 398 -13.78 42.86 -25.20
N ASP A 399 -13.91 42.04 -24.15
CA ASP A 399 -13.15 40.80 -24.07
C ASP A 399 -13.54 39.80 -25.15
N GLU A 400 -14.74 39.93 -25.71
CA GLU A 400 -15.21 39.02 -26.75
C GLU A 400 -14.42 39.21 -28.04
N PHE B 80 -43.39 -7.75 9.74
CA PHE B 80 -42.81 -8.70 10.69
C PHE B 80 -43.75 -8.95 11.87
N VAL B 81 -43.19 -9.40 12.98
CA VAL B 81 -43.96 -9.73 14.18
C VAL B 81 -43.72 -8.61 15.19
N PRO B 82 -44.73 -7.79 15.50
CA PRO B 82 -44.55 -6.77 16.54
C PRO B 82 -44.28 -7.40 17.90
N ILE B 83 -43.45 -6.72 18.69
CA ILE B 83 -43.08 -7.25 20.00
C ILE B 83 -44.26 -7.23 20.96
N GLU B 84 -45.16 -6.26 20.82
CA GLU B 84 -46.24 -6.06 21.77
C GLU B 84 -47.36 -7.07 21.63
N LYS B 85 -47.17 -8.15 20.86
CA LYS B 85 -48.17 -9.20 20.74
C LYS B 85 -47.69 -10.54 21.26
N LEU B 86 -46.44 -10.66 21.69
CA LEU B 86 -45.92 -11.90 22.24
C LEU B 86 -46.23 -12.06 23.73
N GLN B 87 -46.71 -11.02 24.39
CA GLN B 87 -46.97 -11.06 25.83
C GLN B 87 -48.14 -11.99 26.11
N VAL B 88 -47.85 -13.16 26.69
CA VAL B 88 -48.86 -14.14 27.05
C VAL B 88 -48.24 -15.10 28.04
N ASN B 89 -49.09 -15.74 28.84
CA ASN B 89 -48.67 -16.73 29.84
C ASN B 89 -47.80 -16.11 30.93
N GLY B 90 -48.32 -15.06 31.56
CA GLY B 90 -47.70 -14.49 32.75
C GLY B 90 -46.35 -13.82 32.58
N ILE B 91 -46.19 -13.00 31.54
CA ILE B 91 -45.05 -12.12 31.41
C ILE B 91 -45.57 -10.68 31.40
N THR B 92 -45.10 -9.88 32.35
CA THR B 92 -45.58 -8.52 32.53
C THR B 92 -44.87 -7.57 31.57
N MET B 93 -45.32 -6.31 31.58
CA MET B 93 -44.70 -5.29 30.74
C MET B 93 -43.34 -4.87 31.25
N ALA B 94 -43.01 -5.17 32.51
CA ALA B 94 -41.68 -4.87 33.03
C ALA B 94 -40.61 -5.66 32.27
N ASP B 95 -40.88 -6.94 32.00
CA ASP B 95 -39.97 -7.73 31.19
C ASP B 95 -39.86 -7.15 29.79
N VAL B 96 -40.97 -6.65 29.24
CA VAL B 96 -40.94 -6.05 27.92
C VAL B 96 -40.04 -4.81 27.91
N LYS B 97 -40.16 -3.97 28.94
CA LYS B 97 -39.28 -2.81 29.03
C LYS B 97 -37.84 -3.22 29.17
N LYS B 98 -37.56 -4.23 29.98
CA LYS B 98 -36.18 -4.72 30.12
C LYS B 98 -35.63 -5.19 28.80
N LEU B 99 -36.45 -5.89 28.01
CA LEU B 99 -36.05 -6.25 26.65
C LEU B 99 -35.82 -5.00 25.80
N ARG B 100 -36.61 -3.95 26.03
CA ARG B 100 -36.42 -2.71 25.30
C ARG B 100 -35.03 -2.13 25.54
N GLU B 101 -34.60 -2.09 26.81
CA GLU B 101 -33.20 -1.69 27.02
C GLU B 101 -32.23 -2.74 26.47
N SER B 102 -32.63 -4.00 26.44
CA SER B 102 -31.77 -5.03 25.87
C SER B 102 -31.58 -4.87 24.37
N GLY B 103 -32.45 -4.11 23.71
CA GLY B 103 -32.37 -3.88 22.28
C GLY B 103 -33.28 -4.75 21.44
N LEU B 104 -33.78 -5.86 22.00
CA LEU B 104 -34.65 -6.76 21.25
C LEU B 104 -36.03 -6.13 21.10
N HIS B 105 -36.25 -5.44 19.98
CA HIS B 105 -37.47 -4.67 19.77
C HIS B 105 -38.55 -5.44 19.01
N THR B 106 -38.29 -6.68 18.61
CA THR B 106 -39.28 -7.50 17.92
C THR B 106 -39.30 -8.90 18.52
N ALA B 107 -40.46 -9.56 18.41
CA ALA B 107 -40.55 -10.95 18.81
C ALA B 107 -39.56 -11.80 18.03
N GLU B 108 -39.37 -11.48 16.74
CA GLU B 108 -38.37 -12.17 15.95
C GLU B 108 -36.98 -11.95 16.53
N ALA B 109 -36.68 -10.73 16.98
CA ALA B 109 -35.35 -10.44 17.52
C ALA B 109 -35.07 -11.27 18.78
N VAL B 110 -36.05 -11.36 19.69
CA VAL B 110 -35.83 -12.14 20.89
C VAL B 110 -35.80 -13.64 20.56
N ALA B 111 -36.56 -14.06 19.57
CA ALA B 111 -36.52 -15.47 19.16
C ALA B 111 -35.16 -15.84 18.60
N TYR B 112 -34.56 -14.94 17.81
CA TYR B 112 -33.27 -15.24 17.20
C TYR B 112 -32.12 -15.14 18.19
N ALA B 113 -32.25 -14.33 19.22
CA ALA B 113 -31.15 -14.11 20.15
C ALA B 113 -30.84 -15.40 20.92
N PRO B 114 -29.57 -15.68 21.17
CA PRO B 114 -29.22 -16.91 21.90
C PRO B 114 -29.62 -16.83 23.35
N ARG B 115 -29.77 -18.02 23.95
CA ARG B 115 -30.22 -18.10 25.33
C ARG B 115 -29.22 -17.47 26.31
N LYS B 116 -27.92 -17.66 26.05
CA LYS B 116 -26.92 -17.14 26.97
C LYS B 116 -26.97 -15.62 27.06
N ASP B 117 -27.27 -14.94 25.94
CA ASP B 117 -27.41 -13.49 25.98
C ASP B 117 -28.60 -13.08 26.84
N LEU B 118 -29.69 -13.84 26.76
CA LEU B 118 -30.85 -13.58 27.63
C LEU B 118 -30.47 -13.78 29.09
N LEU B 119 -29.69 -14.82 29.39
CA LEU B 119 -29.24 -15.03 30.76
C LEU B 119 -28.37 -13.88 31.25
N GLU B 120 -27.51 -13.35 30.37
CA GLU B 120 -26.64 -12.24 30.75
C GLU B 120 -27.40 -10.95 31.02
N ILE B 121 -28.68 -10.89 30.66
CA ILE B 121 -29.47 -9.69 30.94
C ILE B 121 -29.85 -9.68 32.40
N LYS B 122 -29.55 -8.58 33.09
CA LYS B 122 -29.84 -8.47 34.51
C LYS B 122 -31.34 -8.39 34.76
N GLY B 123 -31.80 -9.03 35.83
CA GLY B 123 -33.19 -8.96 36.22
C GLY B 123 -34.09 -9.97 35.54
N ILE B 124 -33.55 -10.88 34.75
CA ILE B 124 -34.33 -11.90 34.06
C ILE B 124 -33.87 -13.27 34.55
N SER B 125 -34.80 -14.03 35.12
CA SER B 125 -34.50 -15.40 35.53
C SER B 125 -34.45 -16.31 34.31
N GLU B 126 -33.72 -17.41 34.46
CA GLU B 126 -33.57 -18.35 33.34
C GLU B 126 -34.89 -19.05 33.02
N ALA B 127 -35.74 -19.29 34.02
CA ALA B 127 -36.99 -19.99 33.77
C ALA B 127 -37.91 -19.17 32.87
N LYS B 128 -38.16 -17.91 33.24
CA LYS B 128 -39.02 -17.08 32.41
C LYS B 128 -38.33 -16.70 31.10
N ALA B 129 -37.00 -16.68 31.08
CA ALA B 129 -36.29 -16.48 29.82
C ALA B 129 -36.59 -17.62 28.86
N ASP B 130 -36.47 -18.87 29.32
CA ASP B 130 -36.82 -20.00 28.47
C ASP B 130 -38.30 -20.00 28.12
N LYS B 131 -39.15 -19.53 29.04
CA LYS B 131 -40.56 -19.38 28.72
C LYS B 131 -40.74 -18.47 27.50
N LEU B 132 -40.38 -17.20 27.65
CA LEU B 132 -40.56 -16.25 26.55
C LEU B 132 -39.87 -16.75 25.29
N LEU B 133 -38.76 -17.48 25.43
CA LEU B 133 -38.11 -18.06 24.27
C LEU B 133 -39.02 -19.07 23.57
N ASN B 134 -39.72 -19.91 24.33
CA ASN B 134 -40.55 -20.91 23.65
C ASN B 134 -41.83 -20.30 23.08
N GLU B 135 -42.43 -19.29 23.73
CA GLU B 135 -43.53 -18.60 23.03
C GLU B 135 -43.04 -17.91 21.78
N ALA B 136 -41.85 -17.30 21.80
CA ALA B 136 -41.31 -16.67 20.60
C ALA B 136 -41.07 -17.71 19.51
N ALA B 137 -40.54 -18.88 19.88
CA ALA B 137 -40.29 -19.93 18.89
C ALA B 137 -41.59 -20.48 18.33
N ARG B 138 -42.65 -20.54 19.14
CA ARG B 138 -43.95 -20.91 18.61
C ARG B 138 -44.46 -19.87 17.62
N LEU B 139 -44.28 -18.59 17.95
CA LEU B 139 -44.81 -17.52 17.12
C LEU B 139 -43.99 -17.30 15.85
N VAL B 140 -42.69 -17.56 15.89
CA VAL B 140 -41.81 -17.40 14.75
C VAL B 140 -41.29 -18.77 14.35
N PRO B 141 -41.57 -19.25 13.13
CA PRO B 141 -41.22 -20.64 12.79
C PRO B 141 -39.73 -20.88 12.60
N MET B 142 -39.12 -21.61 13.53
CA MET B 142 -37.74 -22.06 13.40
C MET B 142 -37.61 -23.46 12.84
N GLY B 143 -38.71 -24.11 12.50
CA GLY B 143 -38.71 -25.50 12.09
C GLY B 143 -38.14 -25.73 10.71
N PHE B 144 -38.65 -26.76 10.04
CA PHE B 144 -38.14 -27.19 8.76
C PHE B 144 -39.13 -26.85 7.65
N VAL B 145 -38.61 -26.32 6.55
CA VAL B 145 -39.42 -25.93 5.41
C VAL B 145 -38.92 -26.66 4.18
N THR B 146 -39.85 -26.99 3.29
CA THR B 146 -39.48 -27.62 2.04
C THR B 146 -38.89 -26.58 1.08
N ALA B 147 -38.41 -27.06 -0.07
CA ALA B 147 -38.00 -26.12 -1.10
C ALA B 147 -39.20 -25.42 -1.72
N ALA B 148 -40.38 -26.05 -1.64
CA ALA B 148 -41.59 -25.40 -2.16
C ALA B 148 -41.95 -24.17 -1.35
N ASP B 149 -41.97 -24.30 -0.03
CA ASP B 149 -42.34 -23.16 0.82
C ASP B 149 -41.35 -22.02 0.69
N PHE B 150 -40.05 -22.32 0.86
CA PHE B 150 -39.04 -21.28 0.74
C PHE B 150 -38.98 -20.73 -0.67
N HIS B 151 -39.31 -21.54 -1.67
CA HIS B 151 -39.33 -21.05 -3.04
C HIS B 151 -40.47 -20.07 -3.27
N MET B 152 -41.65 -20.37 -2.71
CA MET B 152 -42.75 -19.40 -2.79
C MET B 152 -42.42 -18.13 -2.04
N ARG B 153 -41.78 -18.24 -0.87
CA ARG B 153 -41.36 -17.05 -0.15
C ARG B 153 -40.34 -16.24 -0.95
N ARG B 154 -39.42 -16.93 -1.63
CA ARG B 154 -38.48 -16.24 -2.52
C ARG B 154 -39.22 -15.51 -3.63
N SER B 155 -40.24 -16.16 -4.20
CA SER B 155 -41.03 -15.51 -5.24
C SER B 155 -41.73 -14.28 -4.70
N GLU B 156 -42.18 -14.32 -3.45
CA GLU B 156 -42.91 -13.21 -2.84
C GLU B 156 -42.00 -12.16 -2.21
N LEU B 157 -40.68 -12.33 -2.29
CA LEU B 157 -39.78 -11.33 -1.77
C LEU B 157 -39.90 -10.04 -2.57
N ILE B 158 -39.65 -8.92 -1.91
CA ILE B 158 -39.76 -7.60 -2.51
C ILE B 158 -38.42 -7.21 -3.09
N CYS B 159 -38.43 -6.75 -4.35
CA CYS B 159 -37.23 -6.29 -5.03
C CYS B 159 -37.42 -4.84 -5.47
N LEU B 160 -36.38 -4.03 -5.29
CA LEU B 160 -36.44 -2.61 -5.60
C LEU B 160 -35.85 -2.36 -6.98
N THR B 161 -36.60 -1.65 -7.82
CA THR B 161 -36.14 -1.38 -9.18
C THR B 161 -34.93 -0.47 -9.15
N THR B 162 -33.93 -0.79 -9.96
CA THR B 162 -32.73 0.03 -10.08
C THR B 162 -32.93 1.22 -11.00
N GLY B 163 -34.04 1.28 -11.72
CA GLY B 163 -34.28 2.33 -12.68
C GLY B 163 -33.68 2.09 -14.05
N SER B 164 -32.97 0.98 -14.24
CA SER B 164 -32.38 0.63 -15.53
C SER B 164 -32.74 -0.81 -15.84
N LYS B 165 -33.30 -1.04 -17.02
CA LYS B 165 -33.70 -2.40 -17.40
C LYS B 165 -32.49 -3.33 -17.46
N ASN B 166 -31.37 -2.85 -18.00
CA ASN B 166 -30.15 -3.66 -18.03
C ASN B 166 -29.72 -4.02 -16.60
N LEU B 167 -29.67 -3.02 -15.71
CA LEU B 167 -29.30 -3.28 -14.34
C LEU B 167 -30.36 -4.10 -13.61
N ASP B 168 -31.63 -3.89 -13.94
CA ASP B 168 -32.69 -4.69 -13.33
C ASP B 168 -32.52 -6.17 -13.67
N THR B 169 -32.24 -6.48 -14.94
CA THR B 169 -32.00 -7.86 -15.32
C THR B 169 -30.70 -8.39 -14.72
N LEU B 170 -29.68 -7.53 -14.60
CA LEU B 170 -28.43 -7.96 -13.99
C LEU B 170 -28.64 -8.37 -12.53
N LEU B 171 -29.43 -7.61 -11.79
CA LEU B 171 -29.73 -7.90 -10.40
C LEU B 171 -30.83 -8.96 -10.24
N GLY B 172 -31.29 -9.56 -11.34
CA GLY B 172 -32.31 -10.57 -11.25
C GLY B 172 -33.71 -10.06 -11.00
N GLY B 173 -33.92 -8.75 -11.09
CA GLY B 173 -35.24 -8.18 -10.86
C GLY B 173 -35.28 -7.09 -9.80
N GLY B 174 -34.17 -6.75 -9.15
CA GLY B 174 -34.16 -5.71 -8.16
C GLY B 174 -33.20 -6.06 -7.03
N VAL B 175 -33.44 -5.44 -5.88
CA VAL B 175 -32.64 -5.67 -4.67
C VAL B 175 -33.50 -6.44 -3.69
N GLU B 176 -33.03 -7.62 -3.30
CA GLU B 176 -33.82 -8.52 -2.46
C GLU B 176 -33.81 -8.06 -1.00
N THR B 177 -34.80 -8.53 -0.25
CA THR B 177 -34.95 -8.16 1.14
C THR B 177 -34.02 -9.01 2.02
N GLY B 178 -33.59 -8.43 3.13
CA GLY B 178 -32.76 -9.14 4.08
C GLY B 178 -31.45 -9.62 3.51
N SER B 179 -30.77 -8.77 2.74
CA SER B 179 -29.50 -9.14 2.14
C SER B 179 -28.68 -7.87 1.93
N ILE B 180 -27.37 -7.98 2.20
CA ILE B 180 -26.47 -6.84 2.13
C ILE B 180 -25.86 -6.76 0.74
N THR B 181 -25.97 -5.60 0.11
CA THR B 181 -25.38 -5.33 -1.19
C THR B 181 -24.20 -4.40 -1.02
N GLU B 182 -23.06 -4.75 -1.61
CA GLU B 182 -21.82 -4.00 -1.48
C GLU B 182 -21.40 -3.52 -2.86
N LEU B 183 -21.64 -2.26 -3.16
CA LEU B 183 -21.14 -1.65 -4.38
C LEU B 183 -19.75 -1.10 -4.12
N PHE B 184 -18.80 -1.46 -4.98
CA PHE B 184 -17.43 -1.06 -4.76
C PHE B 184 -16.76 -0.75 -6.10
N GLY B 185 -15.71 0.03 -6.03
CA GLY B 185 -14.97 0.45 -7.21
C GLY B 185 -14.30 1.79 -6.94
N GLU B 186 -13.61 2.27 -7.95
CA GLU B 186 -12.98 3.58 -7.85
C GLU B 186 -14.06 4.66 -7.77
N PHE B 187 -13.63 5.87 -7.39
CA PHE B 187 -14.57 6.95 -7.17
C PHE B 187 -15.19 7.40 -8.50
N ARG B 188 -16.16 8.31 -8.39
CA ARG B 188 -16.87 8.94 -9.50
C ARG B 188 -17.55 7.93 -10.43
N THR B 189 -17.67 6.67 -10.01
CA THR B 189 -18.28 5.63 -10.82
C THR B 189 -19.80 5.55 -10.66
N GLY B 190 -20.39 6.44 -9.86
CA GLY B 190 -21.83 6.51 -9.77
C GLY B 190 -22.46 5.66 -8.68
N LYS B 191 -21.70 5.23 -7.68
CA LYS B 191 -22.27 4.47 -6.58
C LYS B 191 -23.25 5.33 -5.78
N SER B 192 -22.84 6.56 -5.45
CA SER B 192 -23.73 7.46 -4.71
C SER B 192 -24.96 7.79 -5.53
N GLN B 193 -24.81 7.92 -6.86
CA GLN B 193 -25.96 8.14 -7.72
C GLN B 193 -26.90 6.95 -7.67
N LEU B 194 -26.36 5.73 -7.66
CA LEU B 194 -27.20 4.55 -7.56
C LEU B 194 -27.95 4.52 -6.24
N CYS B 195 -27.26 4.87 -5.14
CA CYS B 195 -27.93 4.90 -3.85
C CYS B 195 -29.04 5.95 -3.82
N HIS B 196 -28.78 7.13 -4.38
CA HIS B 196 -29.81 8.17 -4.41
C HIS B 196 -30.99 7.74 -5.25
N THR B 197 -30.75 7.07 -6.38
CA THR B 197 -31.84 6.56 -7.20
C THR B 197 -32.65 5.52 -6.44
N LEU B 198 -31.97 4.61 -5.72
CA LEU B 198 -32.67 3.59 -4.96
C LEU B 198 -33.50 4.21 -3.84
N ALA B 199 -33.03 5.33 -3.28
CA ALA B 199 -33.73 5.96 -2.16
C ALA B 199 -35.16 6.38 -2.51
N VAL B 200 -35.47 6.55 -3.78
CA VAL B 200 -36.82 6.95 -4.15
C VAL B 200 -37.68 5.75 -4.57
N THR B 201 -37.06 4.67 -5.03
CA THR B 201 -37.83 3.52 -5.50
C THR B 201 -38.56 2.80 -4.37
N CYS B 202 -38.19 3.05 -3.12
CA CYS B 202 -38.85 2.39 -2.00
C CYS B 202 -40.24 2.96 -1.76
N GLN B 203 -40.43 4.26 -1.96
CA GLN B 203 -41.70 4.90 -1.64
C GLN B 203 -42.74 4.74 -2.74
N ILE B 204 -42.34 4.34 -3.94
CA ILE B 204 -43.26 4.22 -5.06
C ILE B 204 -44.22 3.07 -4.79
N PRO B 205 -45.38 3.02 -5.44
CA PRO B 205 -46.27 1.87 -5.27
C PRO B 205 -45.59 0.56 -5.67
N LEU B 206 -45.92 -0.50 -4.95
CA LEU B 206 -45.20 -1.77 -5.11
C LEU B 206 -45.47 -2.41 -6.47
N ASP B 207 -46.56 -2.04 -7.14
CA ASP B 207 -46.88 -2.69 -8.41
C ASP B 207 -45.81 -2.44 -9.46
N ILE B 208 -45.16 -1.27 -9.42
CA ILE B 208 -44.05 -0.99 -10.33
C ILE B 208 -42.77 -1.66 -9.88
N GLY B 209 -42.68 -2.07 -8.61
CA GLY B 209 -41.48 -2.69 -8.10
C GLY B 209 -40.88 -2.00 -6.89
N GLY B 210 -41.72 -1.29 -6.14
CA GLY B 210 -41.30 -0.60 -4.94
C GLY B 210 -41.46 -1.45 -3.69
N GLY B 211 -41.56 -0.76 -2.56
CA GLY B 211 -41.75 -1.43 -1.29
C GLY B 211 -42.78 -0.76 -0.40
N GLU B 212 -43.29 0.39 -0.83
CA GLU B 212 -44.28 1.16 -0.09
C GLU B 212 -43.82 1.44 1.34
N GLY B 213 -42.70 2.15 1.44
CA GLY B 213 -42.15 2.48 2.74
C GLY B 213 -41.44 3.81 2.77
N LYS B 214 -40.56 4.00 3.76
CA LYS B 214 -39.80 5.23 3.90
C LYS B 214 -38.34 4.90 4.16
N CYS B 215 -37.47 5.64 3.49
CA CYS B 215 -36.04 5.34 3.43
C CYS B 215 -35.28 5.90 4.63
N LEU B 216 -34.04 5.44 4.78
CA LEU B 216 -33.16 5.89 5.85
C LEU B 216 -31.75 5.94 5.28
N TYR B 217 -31.03 7.02 5.59
CA TYR B 217 -29.74 7.28 4.95
C TYR B 217 -28.71 7.59 6.02
N ILE B 218 -27.79 6.65 6.25
CA ILE B 218 -26.68 6.84 7.16
C ILE B 218 -25.44 7.15 6.33
N ASP B 219 -24.89 8.35 6.51
CA ASP B 219 -23.83 8.85 5.66
C ASP B 219 -22.55 9.03 6.48
N THR B 220 -21.41 8.88 5.81
CA THR B 220 -20.11 9.03 6.45
C THR B 220 -19.23 10.09 5.81
N GLU B 221 -19.45 10.45 4.55
CA GLU B 221 -18.61 11.41 3.85
C GLU B 221 -19.35 12.70 3.49
N GLY B 222 -20.60 12.85 3.89
CA GLY B 222 -21.34 14.08 3.61
C GLY B 222 -21.59 14.35 2.14
N THR B 223 -22.01 13.33 1.39
CA THR B 223 -22.31 13.49 -0.03
C THR B 223 -23.77 13.29 -0.37
N PHE B 224 -24.65 13.23 0.64
CA PHE B 224 -26.08 13.13 0.39
C PHE B 224 -26.60 14.47 -0.11
N ARG B 225 -27.59 14.41 -1.00
CA ARG B 225 -28.16 15.62 -1.59
C ARG B 225 -29.65 15.45 -1.85
N PRO B 226 -30.51 16.17 -1.12
CA PRO B 226 -31.95 16.09 -1.40
C PRO B 226 -32.34 16.58 -2.79
N VAL B 227 -31.51 17.40 -3.42
CA VAL B 227 -31.85 17.92 -4.75
C VAL B 227 -31.94 16.79 -5.75
N ARG B 228 -31.08 15.78 -5.61
CA ARG B 228 -31.15 14.62 -6.50
C ARG B 228 -32.49 13.89 -6.34
N LEU B 229 -32.95 13.74 -5.10
CA LEU B 229 -34.27 13.12 -4.88
C LEU B 229 -35.37 13.97 -5.50
N VAL B 230 -35.27 15.30 -5.36
CA VAL B 230 -36.25 16.19 -5.98
C VAL B 230 -36.29 15.95 -7.48
N SER B 231 -35.12 15.86 -8.11
CA SER B 231 -35.08 15.67 -9.55
C SER B 231 -35.62 14.30 -9.96
N ILE B 232 -35.30 13.27 -9.18
CA ILE B 232 -35.67 11.91 -9.57
C ILE B 232 -37.14 11.60 -9.30
N ALA B 233 -37.75 12.22 -8.29
CA ALA B 233 -39.13 11.91 -7.94
C ALA B 233 -40.10 12.17 -9.10
N GLN B 234 -39.72 13.02 -10.05
CA GLN B 234 -40.58 13.28 -11.20
C GLN B 234 -40.56 12.16 -12.22
N ARG B 235 -39.55 11.28 -12.17
CA ARG B 235 -39.49 10.18 -13.12
C ARG B 235 -40.68 9.24 -12.96
N PHE B 236 -41.05 8.94 -11.72
CA PHE B 236 -42.23 8.13 -11.44
C PHE B 236 -43.41 8.98 -10.95
N GLY B 237 -43.30 10.30 -11.00
CA GLY B 237 -44.39 11.17 -10.62
C GLY B 237 -44.54 11.41 -9.14
N LEU B 238 -43.56 11.05 -8.33
CA LEU B 238 -43.68 11.21 -6.89
C LEU B 238 -43.62 12.70 -6.52
N ASP B 239 -44.23 13.02 -5.38
CA ASP B 239 -44.31 14.40 -4.94
C ASP B 239 -42.93 14.92 -4.54
N PRO B 240 -42.59 16.15 -4.90
CA PRO B 240 -41.26 16.69 -4.56
C PRO B 240 -41.02 16.83 -3.06
N ASP B 241 -42.06 16.87 -2.25
CA ASP B 241 -41.90 17.01 -0.80
C ASP B 241 -42.31 15.77 -0.02
N ASP B 242 -43.26 14.99 -0.53
CA ASP B 242 -43.58 13.71 0.09
C ASP B 242 -42.41 12.73 -0.01
N ALA B 243 -41.50 12.94 -0.98
CA ALA B 243 -40.28 12.15 -1.03
C ALA B 243 -39.27 12.63 0.01
N LEU B 244 -39.25 13.93 0.30
CA LEU B 244 -38.24 14.51 1.18
C LEU B 244 -38.63 14.48 2.65
N ASN B 245 -39.91 14.32 2.97
CA ASN B 245 -40.32 14.20 4.37
C ASN B 245 -40.40 12.76 4.83
N ASN B 246 -40.19 11.79 3.94
CA ASN B 246 -40.28 10.37 4.27
C ASN B 246 -38.94 9.68 4.07
N VAL B 247 -37.85 10.36 4.45
CA VAL B 247 -36.51 9.79 4.40
C VAL B 247 -35.76 10.27 5.64
N ALA B 248 -35.54 9.38 6.60
CA ALA B 248 -34.72 9.71 7.74
C ALA B 248 -33.26 9.83 7.31
N TYR B 249 -32.52 10.73 7.97
CA TYR B 249 -31.13 10.98 7.63
C TYR B 249 -30.30 11.08 8.89
N ALA B 250 -29.05 10.64 8.78
CA ALA B 250 -28.08 10.80 9.87
C ALA B 250 -26.68 10.65 9.30
N ARG B 251 -25.71 11.21 10.00
CA ARG B 251 -24.31 11.16 9.57
C ARG B 251 -23.41 10.67 10.70
N ALA B 252 -22.40 9.89 10.35
CA ALA B 252 -21.41 9.40 11.28
C ALA B 252 -20.09 10.16 11.09
N TYR B 253 -19.30 10.25 12.16
CA TYR B 253 -18.09 11.05 12.12
C TYR B 253 -16.85 10.26 12.51
N ASN B 254 -16.98 9.36 13.47
CA ASN B 254 -15.85 8.54 13.91
C ASN B 254 -16.28 7.08 13.91
N ALA B 255 -15.31 6.20 14.19
CA ALA B 255 -15.57 4.76 14.11
C ALA B 255 -16.64 4.33 15.11
N ASP B 256 -16.58 4.86 16.33
CA ASP B 256 -17.54 4.45 17.36
C ASP B 256 -18.96 4.87 17.01
N HIS B 257 -19.12 6.08 16.47
CA HIS B 257 -20.45 6.57 16.12
C HIS B 257 -21.09 5.72 15.03
N GLN B 258 -20.28 5.18 14.12
CA GLN B 258 -20.82 4.37 13.05
C GLN B 258 -21.54 3.14 13.59
N LEU B 259 -20.95 2.48 14.60
CA LEU B 259 -21.62 1.35 15.23
C LEU B 259 -22.73 1.82 16.16
N ARG B 260 -22.55 2.98 16.80
CA ARG B 260 -23.54 3.47 17.76
C ARG B 260 -24.86 3.83 17.08
N LEU B 261 -24.82 4.22 15.81
CA LEU B 261 -26.04 4.62 15.12
C LEU B 261 -27.03 3.47 14.96
N LEU B 262 -26.54 2.24 14.97
CA LEU B 262 -27.37 1.10 14.58
C LEU B 262 -28.44 0.79 15.63
N ASP B 263 -28.13 0.93 16.92
CA ASP B 263 -29.14 0.68 17.94
C ASP B 263 -30.28 1.68 17.83
N ALA B 264 -29.94 2.95 17.60
CA ALA B 264 -30.96 3.96 17.40
C ALA B 264 -31.79 3.67 16.15
N ALA B 265 -31.13 3.20 15.09
CA ALA B 265 -31.85 2.84 13.87
C ALA B 265 -32.85 1.72 14.13
N ALA B 266 -32.42 0.69 14.86
CA ALA B 266 -33.30 -0.43 15.17
C ALA B 266 -34.47 0.02 16.04
N GLN B 267 -34.20 0.88 17.03
CA GLN B 267 -35.27 1.39 17.88
C GLN B 267 -36.29 2.19 17.05
N MET B 268 -35.80 3.06 16.17
CA MET B 268 -36.70 3.88 15.37
C MET B 268 -37.52 3.05 14.41
N MET B 269 -36.89 2.06 13.77
CA MET B 269 -37.55 1.31 12.72
C MET B 269 -38.61 0.34 13.24
N SER B 270 -38.63 0.07 14.54
CA SER B 270 -39.60 -0.85 15.12
C SER B 270 -41.02 -0.31 15.10
N GLU B 271 -41.23 0.97 14.80
CA GLU B 271 -42.56 1.56 14.83
C GLU B 271 -43.24 1.62 13.48
N SER B 272 -42.47 1.63 12.39
CA SER B 272 -43.03 1.77 11.05
C SER B 272 -42.20 0.96 10.08
N ARG B 273 -42.76 0.72 8.90
CA ARG B 273 -42.11 -0.12 7.90
C ARG B 273 -41.09 0.71 7.14
N PHE B 274 -39.82 0.59 7.52
CA PHE B 274 -38.75 1.02 6.64
C PHE B 274 -38.55 -0.02 5.55
N SER B 275 -37.86 0.39 4.48
CA SER B 275 -37.61 -0.52 3.39
C SER B 275 -36.21 -0.38 2.79
N LEU B 276 -35.33 0.41 3.39
CA LEU B 276 -33.99 0.56 2.84
C LEU B 276 -33.10 1.28 3.84
N ILE B 277 -31.83 0.88 3.85
CA ILE B 277 -30.79 1.50 4.67
C ILE B 277 -29.56 1.69 3.80
N VAL B 278 -28.88 2.81 3.96
CA VAL B 278 -27.69 3.13 3.18
C VAL B 278 -26.54 3.42 4.13
N VAL B 279 -25.38 2.82 3.86
CA VAL B 279 -24.13 3.16 4.53
C VAL B 279 -23.10 3.49 3.45
N ASP B 280 -22.58 4.70 3.48
CA ASP B 280 -21.69 5.18 2.42
C ASP B 280 -20.74 6.20 3.02
N SER B 281 -19.47 5.81 3.21
CA SER B 281 -19.01 4.46 2.91
C SER B 281 -18.53 3.77 4.18
N VAL B 282 -18.17 2.50 4.07
CA VAL B 282 -17.93 1.69 5.27
C VAL B 282 -16.56 2.00 5.87
N MET B 283 -15.49 1.75 5.12
CA MET B 283 -14.15 1.81 5.66
C MET B 283 -13.45 3.13 5.43
N ALA B 284 -14.17 4.16 4.99
CA ALA B 284 -13.55 5.48 4.85
C ALA B 284 -13.06 6.00 6.20
N LEU B 285 -13.83 5.78 7.26
CA LEU B 285 -13.43 6.23 8.59
C LEU B 285 -12.36 5.33 9.19
N TYR B 286 -12.35 4.05 8.85
CA TYR B 286 -11.44 3.12 9.49
C TYR B 286 -10.00 3.30 9.01
N ARG B 287 -9.82 3.75 7.76
CA ARG B 287 -8.46 4.03 7.29
C ARG B 287 -7.90 5.27 7.97
N THR B 288 -8.75 6.27 8.24
CA THR B 288 -8.31 7.52 8.82
C THR B 288 -8.36 7.55 10.34
N ASP B 289 -8.87 6.51 10.98
CA ASP B 289 -8.96 6.49 12.43
C ASP B 289 -7.59 6.59 13.10
N GLY B 294 0.31 -2.18 15.69
CA GLY B 294 -0.52 -1.53 16.69
C GLY B 294 -1.97 -1.38 16.27
N GLU B 295 -2.28 -0.25 15.62
CA GLU B 295 -3.64 -0.01 15.16
C GLU B 295 -4.04 -0.96 14.04
N LEU B 296 -3.07 -1.55 13.34
CA LEU B 296 -3.40 -2.44 12.22
C LEU B 296 -4.21 -3.64 12.66
N SER B 297 -3.85 -4.24 13.81
CA SER B 297 -4.58 -5.41 14.29
C SER B 297 -5.91 -5.03 14.93
N ALA B 298 -6.00 -3.86 15.56
CA ALA B 298 -7.16 -3.53 16.36
C ALA B 298 -8.37 -3.11 15.52
N ARG B 299 -8.15 -2.73 14.26
CA ARG B 299 -9.27 -2.24 13.46
C ARG B 299 -10.16 -3.37 12.96
N GLN B 300 -9.56 -4.54 12.66
CA GLN B 300 -10.36 -5.63 12.10
C GLN B 300 -11.41 -6.12 13.09
N MET B 301 -11.05 -6.24 14.37
CA MET B 301 -12.02 -6.70 15.36
C MET B 301 -13.16 -5.70 15.51
N HIS B 302 -12.86 -4.41 15.45
CA HIS B 302 -13.91 -3.40 15.47
C HIS B 302 -14.77 -3.48 14.22
N LEU B 303 -14.14 -3.73 13.07
CA LEU B 303 -14.90 -3.83 11.82
C LEU B 303 -15.88 -5.01 11.85
N ALA B 304 -15.44 -6.14 12.40
CA ALA B 304 -16.31 -7.31 12.48
C ALA B 304 -17.53 -7.04 13.34
N LYS B 305 -17.33 -6.34 14.48
CA LYS B 305 -18.45 -6.05 15.36
C LYS B 305 -19.49 -5.18 14.67
N PHE B 306 -19.04 -4.15 13.95
CA PHE B 306 -19.98 -3.27 13.26
C PHE B 306 -20.67 -4.00 12.12
N MET B 307 -19.91 -4.72 11.30
CA MET B 307 -20.48 -5.37 10.12
C MET B 307 -21.44 -6.48 10.50
N ARG B 308 -21.19 -7.16 11.62
CA ARG B 308 -22.12 -8.20 12.06
C ARG B 308 -23.48 -7.60 12.42
N ALA B 309 -23.48 -6.40 13.00
CA ALA B 309 -24.72 -5.79 13.45
C ALA B 309 -25.69 -5.57 12.30
N LEU B 310 -25.17 -5.15 11.13
CA LEU B 310 -26.03 -4.95 9.97
C LEU B 310 -26.71 -6.25 9.55
N GLN B 311 -25.96 -7.36 9.57
CA GLN B 311 -26.54 -8.64 9.19
C GLN B 311 -27.69 -9.02 10.11
N ARG B 312 -27.54 -8.77 11.41
CA ARG B 312 -28.63 -9.02 12.35
C ARG B 312 -29.82 -8.12 12.05
N LEU B 313 -29.56 -6.87 11.67
CA LEU B 313 -30.66 -5.93 11.41
C LEU B 313 -31.52 -6.39 10.25
N ALA B 314 -30.90 -6.91 9.19
CA ALA B 314 -31.67 -7.33 8.02
C ALA B 314 -32.62 -8.48 8.37
N ASP B 315 -32.13 -9.46 9.13
CA ASP B 315 -32.98 -10.60 9.49
C ASP B 315 -34.09 -10.18 10.44
N GLN B 316 -33.80 -9.22 11.34
CA GLN B 316 -34.80 -8.80 12.31
C GLN B 316 -36.02 -8.17 11.64
N PHE B 317 -35.80 -7.36 10.62
CA PHE B 317 -36.87 -6.56 10.03
C PHE B 317 -37.14 -6.85 8.57
N GLY B 318 -36.25 -7.53 7.85
CA GLY B 318 -36.46 -7.79 6.45
C GLY B 318 -36.46 -6.52 5.61
N VAL B 319 -35.30 -5.86 5.52
CA VAL B 319 -35.13 -4.66 4.72
C VAL B 319 -33.83 -4.76 3.94
N ALA B 320 -33.73 -3.97 2.88
CA ALA B 320 -32.56 -3.98 2.02
C ALA B 320 -31.53 -2.98 2.52
N VAL B 321 -30.30 -3.46 2.73
CA VAL B 321 -29.20 -2.63 3.23
C VAL B 321 -28.14 -2.56 2.15
N VAL B 322 -27.72 -1.35 1.81
CA VAL B 322 -26.75 -1.09 0.75
C VAL B 322 -25.54 -0.40 1.36
N VAL B 323 -24.37 -1.01 1.22
CA VAL B 323 -23.12 -0.46 1.74
C VAL B 323 -22.17 -0.22 0.57
N THR B 324 -21.58 0.97 0.53
CA THR B 324 -20.65 1.31 -0.53
C THR B 324 -19.21 1.18 -0.04
N ASN B 325 -18.32 0.78 -0.95
CA ASN B 325 -16.92 0.57 -0.63
C ASN B 325 -16.04 1.29 -1.63
N GLN B 326 -14.87 1.72 -1.16
CA GLN B 326 -13.87 2.38 -1.99
C GLN B 326 -12.63 1.51 -2.12
N VAL B 327 -11.85 1.78 -3.15
CA VAL B 327 -10.60 1.05 -3.37
C VAL B 327 -9.44 2.01 -3.58
N GLY B 346 -9.91 -3.74 5.04
CA GLY B 346 -10.95 -4.73 5.14
C GLY B 346 -10.56 -6.08 4.55
N GLY B 347 -10.76 -6.23 3.25
CA GLY B 347 -10.41 -7.46 2.58
C GLY B 347 -11.35 -8.61 2.90
N ASN B 348 -10.85 -9.57 3.69
CA ASN B 348 -11.64 -10.75 4.02
C ASN B 348 -12.89 -10.40 4.82
N ILE B 349 -12.79 -9.43 5.72
CA ILE B 349 -13.92 -9.07 6.58
C ILE B 349 -15.09 -8.58 5.73
N MET B 350 -14.81 -7.71 4.76
CA MET B 350 -15.86 -7.23 3.86
C MET B 350 -16.26 -8.26 2.82
N ALA B 351 -15.35 -9.14 2.42
CA ALA B 351 -15.69 -10.14 1.42
C ALA B 351 -16.64 -11.20 1.97
N HIS B 352 -16.42 -11.62 3.21
CA HIS B 352 -17.22 -12.71 3.77
C HIS B 352 -18.62 -12.26 4.15
N SER B 353 -18.76 -11.06 4.71
CA SER B 353 -20.03 -10.64 5.27
C SER B 353 -21.06 -10.29 4.21
N SER B 354 -20.64 -9.57 3.16
CA SER B 354 -21.60 -9.05 2.18
C SER B 354 -22.23 -10.18 1.39
N THR B 355 -23.57 -10.14 1.27
CA THR B 355 -24.28 -11.16 0.51
C THR B 355 -24.02 -11.02 -1.00
N THR B 356 -24.13 -9.80 -1.52
CA THR B 356 -23.91 -9.54 -2.92
C THR B 356 -22.87 -8.45 -3.08
N ARG B 357 -22.05 -8.55 -4.12
CA ARG B 357 -21.02 -7.56 -4.40
C ARG B 357 -21.08 -7.16 -5.86
N LEU B 358 -21.15 -5.85 -6.11
CA LEU B 358 -21.17 -5.31 -7.47
C LEU B 358 -20.00 -4.36 -7.65
N GLY B 359 -19.17 -4.61 -8.65
CA GLY B 359 -18.06 -3.74 -8.98
C GLY B 359 -18.44 -2.77 -10.09
N PHE B 360 -17.95 -1.54 -9.96
CA PHE B 360 -18.26 -0.48 -10.89
C PHE B 360 -16.99 0.02 -11.55
N LYS B 361 -17.10 0.39 -12.83
CA LYS B 361 -15.98 0.92 -13.59
C LYS B 361 -16.45 2.10 -14.42
N LYS B 362 -15.55 3.06 -14.62
CA LYS B 362 -15.87 4.26 -15.38
C LYS B 362 -15.72 4.00 -16.87
N GLY B 363 -16.74 4.37 -17.64
CA GLY B 363 -16.72 4.27 -19.08
C GLY B 363 -16.52 5.61 -19.75
N LYS B 364 -17.04 5.75 -20.95
CA LYS B 364 -16.94 6.98 -21.72
C LYS B 364 -18.19 7.82 -21.52
N GLY B 365 -18.00 9.09 -21.18
CA GLY B 365 -19.13 9.97 -20.96
C GLY B 365 -19.97 9.49 -19.79
N CYS B 366 -21.28 9.42 -20.00
CA CYS B 366 -22.20 8.96 -18.97
C CYS B 366 -22.23 7.45 -18.83
N GLN B 367 -21.66 6.72 -19.78
CA GLN B 367 -21.65 5.26 -19.71
C GLN B 367 -20.76 4.79 -18.56
N ARG B 368 -21.26 3.82 -17.79
CA ARG B 368 -20.50 3.20 -16.72
C ARG B 368 -20.78 1.71 -16.74
N LEU B 369 -19.76 0.92 -16.40
CA LEU B 369 -19.84 -0.53 -16.45
C LEU B 369 -20.10 -1.09 -15.06
N CYS B 370 -20.93 -2.12 -14.99
CA CYS B 370 -21.25 -2.80 -13.74
C CYS B 370 -21.07 -4.30 -13.92
N LYS B 371 -20.48 -4.95 -12.91
CA LYS B 371 -20.18 -6.37 -12.97
C LYS B 371 -20.50 -7.02 -11.64
N VAL B 372 -21.22 -8.15 -11.67
CA VAL B 372 -21.56 -8.88 -10.46
C VAL B 372 -20.31 -9.62 -10.00
N VAL B 373 -19.58 -9.05 -9.05
CA VAL B 373 -18.35 -9.65 -8.60
C VAL B 373 -18.63 -10.91 -7.79
N ASP B 374 -19.64 -10.87 -6.92
CA ASP B 374 -19.94 -11.99 -6.04
C ASP B 374 -21.43 -12.04 -5.76
N SER B 375 -22.03 -13.20 -6.03
CA SER B 375 -23.44 -13.43 -5.74
C SER B 375 -23.65 -14.93 -5.57
N PRO B 376 -24.62 -15.34 -4.76
CA PRO B 376 -24.82 -16.78 -4.56
C PRO B 376 -25.59 -17.46 -5.67
N CYS B 377 -26.44 -16.71 -6.38
CA CYS B 377 -27.29 -17.31 -7.41
C CYS B 377 -27.37 -16.44 -8.65
N LEU B 378 -26.29 -15.71 -8.97
CA LEU B 378 -26.31 -14.91 -10.18
C LEU B 378 -25.07 -15.19 -11.03
N PRO B 379 -25.22 -15.28 -12.34
CA PRO B 379 -24.04 -15.44 -13.21
C PRO B 379 -23.19 -14.19 -13.21
N GLU B 380 -21.88 -14.39 -13.40
CA GLU B 380 -20.93 -13.27 -13.43
C GLU B 380 -21.06 -12.54 -14.75
N ALA B 381 -22.14 -11.77 -14.89
CA ALA B 381 -22.45 -11.04 -16.10
C ALA B 381 -21.91 -9.62 -16.00
N GLU B 382 -22.27 -8.79 -16.99
CA GLU B 382 -21.81 -7.41 -17.03
C GLU B 382 -22.82 -6.59 -17.82
N CYS B 383 -23.01 -5.34 -17.39
CA CYS B 383 -23.98 -4.46 -18.03
C CYS B 383 -23.44 -3.04 -18.03
N VAL B 384 -24.13 -2.17 -18.76
CA VAL B 384 -23.77 -0.76 -18.89
C VAL B 384 -24.98 0.08 -18.51
N PHE B 385 -24.72 1.22 -17.87
CA PHE B 385 -25.80 2.11 -17.48
C PHE B 385 -25.32 3.55 -17.54
N ALA B 386 -26.26 4.47 -17.69
CA ALA B 386 -25.94 5.88 -17.87
C ALA B 386 -26.62 6.70 -16.78
N ILE B 387 -25.87 7.62 -16.19
CA ILE B 387 -26.41 8.56 -15.22
C ILE B 387 -26.91 9.78 -15.97
N TYR B 388 -28.17 10.15 -15.73
CA TYR B 388 -28.79 11.29 -16.37
C TYR B 388 -29.17 12.31 -15.29
N GLU B 389 -29.92 13.33 -15.71
CA GLU B 389 -30.36 14.35 -14.76
C GLU B 389 -31.33 13.75 -13.73
N ASP B 390 -32.13 12.78 -14.15
CA ASP B 390 -33.18 12.23 -13.29
C ASP B 390 -32.83 10.84 -12.74
N GLY B 391 -31.56 10.46 -12.77
CA GLY B 391 -31.13 9.27 -12.06
C GLY B 391 -30.42 8.29 -12.97
N VAL B 392 -30.31 7.05 -12.48
CA VAL B 392 -29.70 5.98 -13.26
C VAL B 392 -30.69 5.48 -14.30
N GLY B 393 -30.19 5.17 -15.49
CA GLY B 393 -31.08 4.66 -16.53
C GLY B 393 -30.31 3.91 -17.60
N ASP B 394 -31.07 3.41 -18.57
CA ASP B 394 -30.48 2.73 -19.71
C ASP B 394 -29.78 3.75 -20.62
N PRO B 395 -28.73 3.34 -21.32
CA PRO B 395 -28.07 4.25 -22.26
C PRO B 395 -28.98 4.61 -23.42
N ARG B 396 -28.80 5.83 -23.92
CA ARG B 396 -29.56 6.32 -25.05
C ARG B 396 -28.77 6.14 -26.35
N GLU B 397 -29.51 6.11 -27.46
CA GLU B 397 -28.87 5.92 -28.76
C GLU B 397 -27.97 7.11 -29.12
N GLU B 398 -28.30 8.31 -28.62
CA GLU B 398 -27.44 9.46 -28.87
C GLU B 398 -26.08 9.29 -28.20
N ASP B 399 -26.06 8.77 -26.98
CA ASP B 399 -24.82 8.56 -26.25
C ASP B 399 -24.09 7.28 -26.65
N GLU B 400 -24.72 6.42 -27.45
CA GLU B 400 -24.10 5.19 -27.90
C GLU B 400 -23.31 5.41 -29.19
N VAL C 81 21.33 36.33 10.16
CA VAL C 81 22.15 36.39 11.35
C VAL C 81 23.20 35.29 11.34
N PRO C 82 24.39 35.59 11.86
CA PRO C 82 25.47 34.59 11.88
C PRO C 82 25.12 33.40 12.76
N ILE C 83 25.68 32.25 12.42
CA ILE C 83 25.47 31.03 13.19
C ILE C 83 26.19 31.05 14.53
N GLU C 84 26.98 32.10 14.79
CA GLU C 84 27.74 32.18 16.04
C GLU C 84 26.84 32.27 17.26
N LYS C 85 25.60 32.72 17.10
CA LYS C 85 24.65 32.71 18.21
C LYS C 85 24.24 31.30 18.62
N LEU C 86 24.58 30.29 17.80
CA LEU C 86 24.20 28.91 18.07
C LEU C 86 24.94 28.32 19.26
N GLN C 87 26.03 28.93 19.71
CA GLN C 87 26.83 28.38 20.82
C GLN C 87 26.14 28.66 22.14
N VAL C 88 24.98 28.01 22.32
CA VAL C 88 24.18 28.12 23.53
C VAL C 88 23.71 26.73 23.92
N ASN C 89 23.27 26.61 25.17
CA ASN C 89 22.66 25.39 25.70
C ASN C 89 23.61 24.20 25.66
N GLY C 90 24.92 24.45 25.75
CA GLY C 90 25.88 23.39 25.92
C GLY C 90 26.26 22.63 24.66
N ILE C 91 25.75 23.02 23.49
CA ILE C 91 26.14 22.35 22.26
C ILE C 91 27.54 22.78 21.87
N THR C 92 28.40 21.80 21.60
CA THR C 92 29.82 22.06 21.40
C THR C 92 30.09 22.74 20.06
N MET C 93 31.29 23.32 19.97
CA MET C 93 31.73 23.96 18.74
C MET C 93 31.93 22.95 17.61
N ALA C 94 32.21 21.69 17.94
CA ALA C 94 32.45 20.68 16.91
C ALA C 94 31.24 20.50 16.00
N ASP C 95 30.04 20.53 16.57
CA ASP C 95 28.83 20.43 15.76
C ASP C 95 28.70 21.63 14.81
N VAL C 96 29.03 22.82 15.30
CA VAL C 96 29.00 24.01 14.45
C VAL C 96 30.00 23.87 13.31
N LYS C 97 31.19 23.33 13.61
CA LYS C 97 32.18 23.11 12.56
C LYS C 97 31.70 22.10 11.54
N LYS C 98 31.06 21.03 12.00
CA LYS C 98 30.49 20.05 11.07
C LYS C 98 29.44 20.68 10.17
N LEU C 99 28.57 21.52 10.75
CA LEU C 99 27.57 22.21 9.94
C LEU C 99 28.22 23.15 8.93
N ARG C 100 29.28 23.85 9.34
CA ARG C 100 29.99 24.73 8.42
C ARG C 100 30.64 23.94 7.29
N GLU C 101 31.10 22.71 7.58
CA GLU C 101 31.63 21.85 6.52
C GLU C 101 30.56 21.44 5.52
N SER C 102 29.29 21.49 5.91
CA SER C 102 28.18 21.13 5.03
C SER C 102 27.48 22.35 4.45
N GLY C 103 28.06 23.54 4.61
CA GLY C 103 27.48 24.76 4.07
C GLY C 103 26.50 25.48 4.98
N LEU C 104 26.22 24.94 6.16
CA LEU C 104 25.29 25.56 7.10
C LEU C 104 25.98 26.73 7.79
N HIS C 105 26.23 27.77 6.98
CA HIS C 105 27.03 28.90 7.46
C HIS C 105 26.23 29.85 8.34
N THR C 106 24.93 30.00 8.08
CA THR C 106 24.11 30.95 8.82
C THR C 106 22.92 30.24 9.44
N ALA C 107 22.35 30.88 10.46
CA ALA C 107 21.28 30.26 11.24
C ALA C 107 20.01 30.10 10.42
N GLU C 108 19.81 30.94 9.39
CA GLU C 108 18.60 30.83 8.59
C GLU C 108 18.53 29.48 7.89
N ALA C 109 19.64 29.02 7.33
CA ALA C 109 19.68 27.70 6.71
C ALA C 109 19.48 26.60 7.74
N VAL C 110 19.97 26.82 8.96
CA VAL C 110 19.75 25.83 10.02
C VAL C 110 18.27 25.70 10.34
N ALA C 111 17.58 26.84 10.45
CA ALA C 111 16.16 26.81 10.77
C ALA C 111 15.34 26.20 9.63
N TYR C 112 15.60 26.66 8.40
CA TYR C 112 14.82 26.17 7.27
C TYR C 112 15.16 24.73 6.88
N ALA C 113 16.25 24.19 7.40
CA ALA C 113 16.65 22.85 7.01
C ALA C 113 15.65 21.81 7.52
N PRO C 114 15.39 20.75 6.74
CA PRO C 114 14.55 19.66 7.24
C PRO C 114 15.31 18.80 8.23
N ARG C 115 14.56 17.89 8.87
CA ARG C 115 15.16 17.03 9.88
C ARG C 115 16.20 16.09 9.28
N LYS C 116 15.90 15.48 8.13
CA LYS C 116 16.79 14.46 7.58
C LYS C 116 18.12 15.06 7.13
N ASP C 117 18.09 16.29 6.59
CA ASP C 117 19.32 16.90 6.12
C ASP C 117 20.30 17.13 7.25
N LEU C 118 19.82 17.64 8.39
CA LEU C 118 20.68 17.83 9.55
C LEU C 118 21.00 16.50 10.24
N LEU C 119 20.15 15.49 10.07
CA LEU C 119 20.48 14.17 10.60
C LEU C 119 21.64 13.54 9.84
N GLU C 120 21.73 13.82 8.53
CA GLU C 120 22.78 13.23 7.71
C GLU C 120 24.16 13.71 8.13
N ILE C 121 24.25 14.84 8.84
CA ILE C 121 25.55 15.39 9.21
C ILE C 121 26.23 14.46 10.21
N LYS C 122 27.49 14.14 9.96
CA LYS C 122 28.24 13.26 10.84
C LYS C 122 28.47 13.89 12.19
N GLY C 123 28.56 13.05 13.22
CA GLY C 123 28.79 13.52 14.56
C GLY C 123 27.65 14.32 15.16
N ILE C 124 26.44 14.15 14.66
CA ILE C 124 25.28 14.89 15.10
C ILE C 124 24.24 13.88 15.56
N SER C 125 23.78 14.02 16.81
CA SER C 125 22.75 13.15 17.33
C SER C 125 21.38 13.81 17.17
N GLU C 126 20.36 12.97 16.97
CA GLU C 126 19.01 13.50 16.79
C GLU C 126 18.49 14.19 18.04
N ALA C 127 18.87 13.70 19.22
CA ALA C 127 18.41 14.30 20.46
C ALA C 127 18.82 15.77 20.55
N LYS C 128 20.11 16.05 20.36
CA LYS C 128 20.56 17.44 20.35
C LYS C 128 20.05 18.18 19.12
N ALA C 129 19.77 17.46 18.03
CA ALA C 129 19.25 18.08 16.83
C ALA C 129 17.88 18.69 17.08
N ASP C 130 17.06 18.03 17.90
CA ASP C 130 15.77 18.60 18.26
C ASP C 130 15.93 19.97 18.92
N LYS C 131 16.84 20.07 19.90
CA LYS C 131 17.12 21.38 20.48
C LYS C 131 17.61 22.35 19.42
N LEU C 132 18.64 21.97 18.67
CA LEU C 132 19.17 22.81 17.60
C LEU C 132 18.05 23.44 16.78
N LEU C 133 17.08 22.62 16.37
CA LEU C 133 15.92 23.14 15.66
C LEU C 133 15.09 24.09 16.52
N ASN C 134 14.94 23.77 17.81
CA ASN C 134 14.13 24.62 18.68
C ASN C 134 14.71 26.02 18.80
N GLU C 135 15.99 26.12 19.16
CA GLU C 135 16.62 27.45 19.21
C GLU C 135 16.73 28.10 17.83
N ALA C 136 16.87 27.32 16.76
CA ALA C 136 16.84 27.92 15.43
C ALA C 136 15.50 28.59 15.18
N ALA C 137 14.40 27.93 15.58
CA ALA C 137 13.08 28.54 15.45
C ALA C 137 12.93 29.76 16.35
N ARG C 138 13.54 29.71 17.54
CA ARG C 138 13.41 30.85 18.45
C ARG C 138 14.14 32.09 17.92
N LEU C 139 15.34 31.91 17.36
CA LEU C 139 16.12 33.06 16.93
C LEU C 139 15.50 33.77 15.73
N VAL C 140 15.10 33.02 14.71
CA VAL C 140 14.55 33.62 13.50
C VAL C 140 13.03 33.50 13.54
N PRO C 141 12.28 34.52 13.14
CA PRO C 141 10.81 34.41 13.14
C PRO C 141 10.32 33.32 12.19
N MET C 142 9.38 32.51 12.68
CA MET C 142 8.81 31.43 11.88
C MET C 142 7.31 31.28 12.01
N GLY C 143 6.65 31.93 12.98
CA GLY C 143 5.23 31.72 13.22
C GLY C 143 4.34 32.59 12.37
N PHE C 144 3.05 32.56 12.72
CA PHE C 144 2.06 33.35 12.01
C PHE C 144 2.36 34.85 12.12
N VAL C 145 1.78 35.61 11.20
CA VAL C 145 1.89 37.05 11.20
C VAL C 145 0.79 37.62 10.31
N THR C 146 0.22 38.76 10.70
CA THR C 146 -0.78 39.40 9.87
C THR C 146 -0.10 40.05 8.66
N ALA C 147 -0.89 40.24 7.60
CA ALA C 147 -0.34 40.69 6.33
C ALA C 147 0.21 42.12 6.39
N ALA C 148 -0.19 42.92 7.38
CA ALA C 148 0.33 44.28 7.47
C ALA C 148 1.83 44.27 7.73
N ASP C 149 2.29 43.43 8.67
CA ASP C 149 3.71 43.35 8.95
C ASP C 149 4.48 42.83 7.74
N PHE C 150 3.93 41.85 7.04
CA PHE C 150 4.58 41.32 5.84
C PHE C 150 4.70 42.40 4.77
N HIS C 151 3.65 43.18 4.55
CA HIS C 151 3.68 44.23 3.55
C HIS C 151 4.68 45.32 3.92
N MET C 152 4.72 45.72 5.19
CA MET C 152 5.67 46.76 5.57
C MET C 152 7.10 46.24 5.55
N ARG C 153 7.29 44.93 5.77
CA ARG C 153 8.62 44.35 5.65
C ARG C 153 9.08 44.33 4.20
N ARG C 154 8.23 43.87 3.28
CA ARG C 154 8.63 43.81 1.88
C ARG C 154 8.68 45.19 1.24
N SER C 155 7.98 46.18 1.80
CA SER C 155 8.01 47.52 1.22
C SER C 155 9.40 48.15 1.37
N GLU C 156 10.04 47.94 2.51
CA GLU C 156 11.36 48.49 2.78
C GLU C 156 12.48 47.60 2.26
N LEU C 157 12.17 46.61 1.44
CA LEU C 157 13.19 45.73 0.89
C LEU C 157 14.15 46.52 0.00
N ILE C 158 15.43 46.14 0.04
CA ILE C 158 16.46 46.84 -0.71
C ILE C 158 16.29 46.56 -2.19
N CYS C 159 16.29 47.60 -3.01
CA CYS C 159 16.19 47.49 -4.45
C CYS C 159 17.40 48.12 -5.10
N LEU C 160 17.93 47.45 -6.13
CA LEU C 160 19.11 47.93 -6.84
C LEU C 160 18.69 48.59 -8.14
N THR C 161 18.99 49.88 -8.28
CA THR C 161 18.68 50.57 -9.51
C THR C 161 19.63 50.14 -10.63
N THR C 162 19.11 50.14 -11.85
CA THR C 162 19.89 49.76 -13.02
C THR C 162 20.55 50.94 -13.71
N GLY C 163 20.40 52.13 -13.12
CA GLY C 163 20.91 53.35 -13.79
C GLY C 163 19.86 53.84 -14.77
N SER C 164 18.91 52.98 -15.13
CA SER C 164 17.81 53.40 -16.04
C SER C 164 16.56 53.66 -15.19
N LYS C 165 16.21 54.93 -15.00
CA LYS C 165 15.04 55.28 -14.13
C LYS C 165 13.76 54.76 -14.78
N ASN C 166 13.73 54.71 -16.11
CA ASN C 166 12.54 54.15 -16.82
C ASN C 166 12.32 52.73 -16.29
N LEU C 167 13.39 51.94 -16.18
CA LEU C 167 13.27 50.57 -15.62
C LEU C 167 12.78 50.68 -14.18
N ASP C 168 13.42 51.54 -13.38
CA ASP C 168 13.04 51.68 -11.95
C ASP C 168 11.51 51.87 -11.86
N THR C 169 10.97 52.88 -12.55
CA THR C 169 9.52 53.09 -12.52
C THR C 169 8.77 51.83 -12.93
N LEU C 170 9.27 51.12 -13.94
CA LEU C 170 8.59 49.90 -14.39
C LEU C 170 8.70 48.79 -13.35
N LEU C 171 9.83 48.71 -12.66
CA LEU C 171 10.05 47.66 -11.67
C LEU C 171 9.69 48.09 -10.25
N GLY C 172 9.17 49.31 -10.07
CA GLY C 172 8.83 49.77 -8.74
C GLY C 172 10.02 49.91 -7.82
N GLY C 173 11.13 50.46 -8.33
CA GLY C 173 12.34 50.63 -7.55
C GLY C 173 13.54 49.90 -8.11
N GLY C 174 13.33 48.90 -8.97
CA GLY C 174 14.41 48.14 -9.57
C GLY C 174 14.27 46.66 -9.28
N VAL C 175 15.41 45.97 -9.27
CA VAL C 175 15.43 44.53 -9.00
C VAL C 175 15.41 44.31 -7.49
N GLU C 176 14.60 43.34 -7.07
CA GLU C 176 14.42 43.04 -5.66
C GLU C 176 15.56 42.18 -5.14
N THR C 177 15.92 42.40 -3.87
CA THR C 177 16.93 41.57 -3.23
C THR C 177 16.26 40.40 -2.52
N GLY C 178 16.78 39.20 -2.75
CA GLY C 178 16.24 38.00 -2.15
C GLY C 178 15.29 37.22 -3.02
N SER C 179 15.19 37.54 -4.31
CA SER C 179 14.31 36.84 -5.23
C SER C 179 15.07 36.54 -6.52
N ILE C 180 14.38 35.97 -7.49
CA ILE C 180 14.99 35.56 -8.75
C ILE C 180 14.42 36.45 -9.86
N THR C 181 15.32 37.13 -10.57
CA THR C 181 14.97 37.91 -11.75
C THR C 181 15.68 37.31 -12.95
N GLU C 182 14.92 36.99 -13.99
CA GLU C 182 15.44 36.33 -15.18
C GLU C 182 15.33 37.27 -16.37
N LEU C 183 16.34 37.23 -17.23
CA LEU C 183 16.40 38.04 -18.43
C LEU C 183 16.46 37.13 -19.64
N PHE C 184 15.60 37.40 -20.63
CA PHE C 184 15.63 36.63 -21.86
C PHE C 184 15.42 37.56 -23.04
N GLY C 185 16.04 37.24 -24.17
CA GLY C 185 15.93 38.06 -25.35
C GLY C 185 17.12 37.85 -26.26
N GLU C 186 17.11 38.60 -27.36
CA GLU C 186 18.19 38.51 -28.34
C GLU C 186 19.49 39.05 -27.76
N PHE C 187 20.60 38.41 -28.13
CA PHE C 187 21.90 38.86 -27.64
C PHE C 187 22.25 40.23 -28.20
N ARG C 188 21.78 40.54 -29.40
CA ARG C 188 22.05 41.85 -29.99
C ARG C 188 21.42 42.97 -29.17
N THR C 189 20.35 42.65 -28.42
CA THR C 189 19.75 43.66 -27.55
C THR C 189 20.72 44.11 -26.47
N GLY C 190 21.48 43.17 -25.91
CA GLY C 190 22.46 43.51 -24.89
C GLY C 190 21.93 43.32 -23.49
N LYS C 191 22.46 42.32 -22.79
CA LYS C 191 22.09 42.06 -21.41
C LYS C 191 23.34 41.97 -20.54
N SER C 192 24.46 41.57 -21.16
CA SER C 192 25.73 41.61 -20.46
C SER C 192 26.09 43.04 -20.07
N GLN C 193 25.62 44.03 -20.84
CA GLN C 193 25.82 45.42 -20.46
C GLN C 193 25.12 45.72 -19.14
N LEU C 194 23.89 45.25 -18.98
CA LEU C 194 23.19 45.43 -17.70
C LEU C 194 23.86 44.65 -16.58
N CYS C 195 24.39 43.46 -16.89
CA CYS C 195 25.10 42.69 -15.88
C CYS C 195 26.34 43.44 -15.39
N HIS C 196 27.08 44.05 -16.30
CA HIS C 196 28.20 44.90 -15.90
C HIS C 196 27.72 46.10 -15.10
N THR C 197 26.64 46.74 -15.55
CA THR C 197 26.17 47.96 -14.90
C THR C 197 25.76 47.70 -13.46
N LEU C 198 25.04 46.61 -13.20
CA LEU C 198 24.58 46.32 -11.85
C LEU C 198 25.72 45.99 -10.89
N ALA C 199 26.92 45.70 -11.40
CA ALA C 199 28.00 45.27 -10.53
C ALA C 199 28.47 46.38 -9.59
N VAL C 200 28.39 47.64 -10.02
CA VAL C 200 28.93 48.75 -9.24
C VAL C 200 27.83 49.36 -8.38
N THR C 201 26.58 49.23 -8.81
CA THR C 201 25.47 49.82 -8.07
C THR C 201 25.30 49.19 -6.69
N CYS C 202 25.73 47.94 -6.53
CA CYS C 202 25.62 47.27 -5.24
C CYS C 202 26.48 47.91 -4.16
N GLN C 203 27.42 48.77 -4.53
CA GLN C 203 28.29 49.42 -3.55
C GLN C 203 27.88 50.84 -3.21
N ILE C 204 27.18 51.53 -4.10
CA ILE C 204 26.77 52.91 -3.89
C ILE C 204 25.72 52.96 -2.79
N PRO C 205 25.52 54.10 -2.12
CA PRO C 205 24.58 54.15 -1.00
C PRO C 205 23.15 53.86 -1.41
N LEU C 206 22.36 53.40 -0.44
CA LEU C 206 20.99 52.95 -0.71
C LEU C 206 20.09 54.07 -1.21
N ASP C 207 20.33 55.31 -0.74
CA ASP C 207 19.44 56.41 -1.08
C ASP C 207 19.39 56.69 -2.57
N ILE C 208 20.40 56.25 -3.32
CA ILE C 208 20.42 56.44 -4.76
C ILE C 208 20.27 55.08 -5.45
N GLY C 209 19.57 54.17 -4.80
CA GLY C 209 19.32 52.86 -5.38
C GLY C 209 20.45 51.87 -5.26
N GLY C 210 21.29 51.99 -4.24
CA GLY C 210 22.42 51.11 -4.07
C GLY C 210 22.12 49.94 -3.15
N GLY C 211 23.16 49.13 -2.92
CA GLY C 211 23.05 47.97 -2.07
C GLY C 211 23.99 48.02 -0.89
N GLU C 212 25.09 48.77 -1.02
CA GLU C 212 26.11 48.89 0.02
C GLU C 212 26.65 47.52 0.43
N GLY C 213 26.94 46.68 -0.56
CA GLY C 213 27.45 45.34 -0.28
C GLY C 213 28.34 44.86 -1.41
N LYS C 214 28.90 43.67 -1.21
CA LYS C 214 29.79 43.09 -2.19
C LYS C 214 29.00 42.41 -3.31
N CYS C 215 29.67 42.24 -4.45
CA CYS C 215 29.08 41.59 -5.61
C CYS C 215 29.92 40.38 -6.00
N LEU C 216 29.25 39.32 -6.41
CA LEU C 216 29.89 38.07 -6.81
C LEU C 216 29.38 37.73 -8.20
N TYR C 217 30.17 38.06 -9.22
CA TYR C 217 29.80 37.84 -10.61
C TYR C 217 30.37 36.52 -11.08
N ILE C 218 29.51 35.67 -11.63
CA ILE C 218 29.92 34.39 -12.21
C ILE C 218 29.64 34.45 -13.70
N ASP C 219 30.66 34.15 -14.50
CA ASP C 219 30.55 34.14 -15.95
C ASP C 219 30.75 32.72 -16.46
N THR C 220 30.11 32.43 -17.60
CA THR C 220 30.25 31.13 -18.24
C THR C 220 30.75 31.25 -19.68
N GLU C 221 31.15 32.45 -20.10
CA GLU C 221 31.66 32.62 -21.46
C GLU C 221 32.85 33.56 -21.53
N GLY C 222 33.39 34.02 -20.40
CA GLY C 222 34.57 34.86 -20.41
C GLY C 222 34.40 36.20 -21.08
N THR C 223 33.26 36.85 -20.86
CA THR C 223 32.98 38.16 -21.43
C THR C 223 33.36 39.30 -20.49
N PHE C 224 33.91 38.97 -19.31
CA PHE C 224 34.23 39.98 -18.31
C PHE C 224 35.25 40.98 -18.85
N ARG C 225 34.83 42.23 -18.99
CA ARG C 225 35.70 43.32 -19.44
C ARG C 225 35.78 44.39 -18.37
N PRO C 226 36.87 44.45 -17.59
CA PRO C 226 36.96 45.45 -16.52
C PRO C 226 36.98 46.89 -17.01
N VAL C 227 37.27 47.12 -18.30
CA VAL C 227 37.29 48.47 -18.83
C VAL C 227 35.89 49.08 -18.76
N ARG C 228 34.86 48.29 -19.11
CA ARG C 228 33.50 48.77 -18.97
C ARG C 228 33.16 49.05 -17.51
N LEU C 229 33.69 48.24 -16.60
CA LEU C 229 33.47 48.49 -15.18
C LEU C 229 34.10 49.82 -14.76
N VAL C 230 35.31 50.11 -15.25
CA VAL C 230 35.95 51.38 -14.94
C VAL C 230 35.13 52.54 -15.51
N SER C 231 34.63 52.39 -16.73
CA SER C 231 33.85 53.46 -17.35
C SER C 231 32.58 53.73 -16.57
N ILE C 232 31.86 52.68 -16.19
CA ILE C 232 30.62 52.87 -15.45
C ILE C 232 30.89 53.41 -14.05
N ALA C 233 32.00 53.00 -13.42
CA ALA C 233 32.35 53.56 -12.12
C ALA C 233 32.66 55.05 -12.23
N GLN C 234 33.37 55.45 -13.28
CA GLN C 234 33.63 56.86 -13.51
C GLN C 234 32.34 57.62 -13.77
N ARG C 235 31.39 56.99 -14.46
CA ARG C 235 30.06 57.60 -14.60
C ARG C 235 29.41 57.79 -13.24
N PHE C 236 29.51 56.79 -12.36
CA PHE C 236 28.96 56.89 -11.02
C PHE C 236 29.88 57.62 -10.05
N GLY C 237 31.10 57.97 -10.49
CA GLY C 237 32.03 58.70 -9.65
C GLY C 237 32.85 57.86 -8.70
N LEU C 238 32.63 56.56 -8.65
CA LEU C 238 33.38 55.70 -7.75
C LEU C 238 34.79 55.47 -8.29
N ASP C 239 35.70 55.16 -7.38
CA ASP C 239 37.08 54.87 -7.75
C ASP C 239 37.14 53.53 -8.48
N PRO C 240 37.77 53.47 -9.65
CA PRO C 240 37.92 52.17 -10.33
C PRO C 240 38.64 51.13 -9.51
N ASP C 241 39.62 51.53 -8.69
CA ASP C 241 40.28 50.59 -7.81
C ASP C 241 39.31 50.01 -6.80
N ASP C 242 38.40 50.84 -6.26
CA ASP C 242 37.38 50.34 -5.35
C ASP C 242 36.46 49.35 -6.04
N ALA C 243 36.07 49.66 -7.28
CA ALA C 243 35.18 48.75 -8.01
C ALA C 243 35.85 47.41 -8.29
N LEU C 244 37.13 47.43 -8.67
CA LEU C 244 37.82 46.19 -8.98
C LEU C 244 38.17 45.40 -7.71
N ASN C 245 38.37 46.10 -6.59
CA ASN C 245 38.75 45.44 -5.35
C ASN C 245 37.56 45.00 -4.51
N ASN C 246 36.33 45.26 -4.97
CA ASN C 246 35.14 44.90 -4.21
C ASN C 246 34.38 43.72 -4.77
N VAL C 247 34.39 43.52 -6.09
CA VAL C 247 33.64 42.44 -6.73
C VAL C 247 34.53 41.21 -6.85
N ALA C 248 33.89 40.05 -6.88
CA ALA C 248 34.59 38.77 -7.00
C ALA C 248 34.10 38.07 -8.26
N TYR C 249 35.01 37.84 -9.20
CA TYR C 249 34.71 37.10 -10.41
C TYR C 249 34.90 35.61 -10.19
N ALA C 250 34.11 34.81 -10.90
CA ALA C 250 34.31 33.37 -10.93
C ALA C 250 33.84 32.83 -12.27
N ARG C 251 34.63 31.93 -12.85
CA ARG C 251 34.28 31.26 -14.09
C ARG C 251 34.18 29.76 -13.85
N ALA C 252 33.23 29.12 -14.53
CA ALA C 252 33.04 27.68 -14.43
C ALA C 252 33.13 27.07 -15.82
N TYR C 253 33.85 25.96 -15.93
CA TYR C 253 34.01 25.23 -17.18
C TYR C 253 33.04 24.07 -17.31
N ASN C 254 32.25 23.78 -16.28
CA ASN C 254 31.35 22.64 -16.30
C ASN C 254 30.24 22.87 -15.29
N ALA C 255 29.18 22.08 -15.42
CA ALA C 255 28.05 22.19 -14.51
C ALA C 255 28.44 21.88 -13.07
N ASP C 256 29.26 20.85 -12.87
CA ASP C 256 29.68 20.48 -11.53
C ASP C 256 30.51 21.59 -10.88
N HIS C 257 31.43 22.19 -11.64
CA HIS C 257 32.20 23.31 -11.12
C HIS C 257 31.29 24.49 -10.76
N GLN C 258 30.29 24.75 -11.61
CA GLN C 258 29.34 25.81 -11.31
C GLN C 258 28.58 25.52 -10.02
N LEU C 259 28.18 24.26 -9.81
CA LEU C 259 27.45 23.90 -8.61
C LEU C 259 28.32 24.05 -7.37
N ARG C 260 29.57 23.59 -7.43
CA ARG C 260 30.45 23.69 -6.28
C ARG C 260 30.97 25.10 -6.03
N LEU C 261 30.92 25.98 -7.04
CA LEU C 261 31.31 27.36 -6.83
C LEU C 261 30.39 28.04 -5.84
N LEU C 262 29.09 27.73 -5.88
CA LEU C 262 28.16 28.27 -4.89
C LEU C 262 28.52 27.79 -3.48
N ASP C 263 28.85 26.50 -3.34
CA ASP C 263 29.22 25.98 -2.04
C ASP C 263 30.48 26.67 -1.51
N ALA C 264 31.46 26.87 -2.38
CA ALA C 264 32.67 27.58 -1.97
C ALA C 264 32.38 29.03 -1.62
N ALA C 265 31.51 29.68 -2.39
CA ALA C 265 31.19 31.09 -2.16
C ALA C 265 30.37 31.31 -0.91
N ALA C 266 29.66 30.27 -0.45
CA ALA C 266 28.88 30.40 0.78
C ALA C 266 29.77 30.87 1.93
N GLN C 267 31.01 30.40 1.98
CA GLN C 267 31.92 30.83 3.03
C GLN C 267 32.20 32.33 2.94
N MET C 268 32.42 32.85 1.73
CA MET C 268 32.70 34.28 1.59
C MET C 268 31.47 35.12 1.92
N MET C 269 30.28 34.71 1.47
CA MET C 269 29.10 35.47 1.91
C MET C 269 28.83 35.32 3.39
N SER C 270 29.34 34.27 4.03
CA SER C 270 29.21 34.16 5.48
C SER C 270 30.17 35.11 6.19
N GLU C 271 31.41 35.21 5.70
CA GLU C 271 32.43 36.00 6.38
C GLU C 271 32.33 37.49 6.09
N SER C 272 31.58 37.88 5.06
CA SER C 272 31.48 39.28 4.69
C SER C 272 30.13 39.56 4.06
N ARG C 273 29.74 40.83 4.05
CA ARG C 273 28.44 41.24 3.54
C ARG C 273 28.47 41.28 2.01
N PHE C 274 27.56 40.54 1.39
CA PHE C 274 27.36 40.57 -0.05
C PHE C 274 25.94 41.01 -0.34
N SER C 275 25.73 41.61 -1.52
CA SER C 275 24.42 42.17 -1.86
C SER C 275 24.00 41.89 -3.29
N LEU C 276 24.70 41.02 -4.02
CA LEU C 276 24.35 40.81 -5.42
C LEU C 276 25.00 39.52 -5.92
N ILE C 277 24.21 38.74 -6.65
CA ILE C 277 24.70 37.59 -7.40
C ILE C 277 24.22 37.73 -8.84
N VAL C 278 25.14 37.65 -9.78
CA VAL C 278 24.84 37.77 -11.21
C VAL C 278 25.37 36.53 -11.91
N VAL C 279 24.50 35.87 -12.68
CA VAL C 279 24.87 34.68 -13.44
C VAL C 279 24.64 34.97 -14.91
N ASP C 280 25.68 34.77 -15.72
CA ASP C 280 25.61 35.02 -17.16
C ASP C 280 26.54 34.03 -17.84
N SER C 281 25.97 32.95 -18.36
CA SER C 281 24.54 32.72 -18.30
C SER C 281 24.23 31.46 -17.51
N VAL C 282 22.96 31.05 -17.50
CA VAL C 282 22.55 29.85 -16.78
C VAL C 282 22.34 28.66 -17.69
N MET C 283 21.99 28.89 -18.97
CA MET C 283 21.78 27.80 -19.92
C MET C 283 22.99 27.48 -20.78
N ALA C 284 24.06 28.28 -20.69
CA ALA C 284 25.22 28.04 -21.54
C ALA C 284 25.87 26.70 -21.22
N LEU C 285 26.16 26.45 -19.93
CA LEU C 285 26.75 25.18 -19.55
C LEU C 285 25.79 24.02 -19.77
N TYR C 286 24.52 24.22 -19.44
CA TYR C 286 23.53 23.15 -19.60
C TYR C 286 23.31 22.78 -21.07
N ARG C 287 23.56 23.70 -21.99
CA ARG C 287 23.44 23.37 -23.40
C ARG C 287 24.48 22.34 -23.81
N THR C 288 25.71 22.48 -23.32
CA THR C 288 26.78 21.56 -23.66
C THR C 288 27.05 20.59 -22.50
N PHE C 290 24.98 18.93 -20.78
CA PHE C 290 23.88 18.17 -21.36
C PHE C 290 23.66 18.53 -22.83
N LEU C 296 19.52 14.23 -21.26
CA LEU C 296 18.56 15.32 -21.36
C LEU C 296 17.65 15.37 -20.14
N SER C 297 17.19 14.20 -19.69
CA SER C 297 16.33 14.14 -18.51
C SER C 297 17.06 14.64 -17.27
N ALA C 298 18.32 14.23 -17.10
CA ALA C 298 19.08 14.63 -15.92
C ALA C 298 19.34 16.13 -15.88
N ARG C 299 19.22 16.82 -17.02
CA ARG C 299 19.41 18.26 -17.03
C ARG C 299 18.36 18.96 -16.17
N GLN C 300 17.12 18.50 -16.23
CA GLN C 300 16.05 19.14 -15.47
C GLN C 300 16.29 19.03 -13.97
N MET C 301 16.67 17.84 -13.48
CA MET C 301 16.98 17.70 -12.07
C MET C 301 18.19 18.52 -11.68
N HIS C 302 19.21 18.53 -12.53
CA HIS C 302 20.40 19.34 -12.26
C HIS C 302 20.05 20.83 -12.24
N LEU C 303 19.23 21.28 -13.20
CA LEU C 303 18.82 22.67 -13.23
C LEU C 303 17.97 23.03 -12.01
N ALA C 304 17.07 22.13 -11.62
CA ALA C 304 16.23 22.38 -10.46
C ALA C 304 17.06 22.50 -9.20
N LYS C 305 18.06 21.63 -9.04
CA LYS C 305 18.94 21.71 -7.88
C LYS C 305 19.73 23.01 -7.88
N PHE C 306 20.26 23.41 -9.05
CA PHE C 306 21.00 24.66 -9.13
C PHE C 306 20.11 25.87 -8.84
N MET C 307 18.90 25.87 -9.40
CA MET C 307 18.00 27.00 -9.19
C MET C 307 17.56 27.08 -7.74
N ARG C 308 17.19 25.95 -7.14
CA ARG C 308 16.80 25.97 -5.73
C ARG C 308 17.98 26.34 -4.83
N ALA C 309 19.20 25.99 -5.25
CA ALA C 309 20.37 26.47 -4.53
C ALA C 309 20.50 27.98 -4.61
N LEU C 310 20.22 28.55 -5.79
CA LEU C 310 20.21 30.01 -5.93
C LEU C 310 19.12 30.62 -5.06
N GLN C 311 17.96 29.98 -4.99
CA GLN C 311 16.91 30.44 -4.08
C GLN C 311 17.36 30.37 -2.64
N ARG C 312 18.08 29.30 -2.28
CA ARG C 312 18.57 29.16 -0.91
C ARG C 312 19.55 30.28 -0.56
N LEU C 313 20.43 30.64 -1.49
CA LEU C 313 21.39 31.70 -1.22
C LEU C 313 20.69 33.02 -0.95
N ALA C 314 19.65 33.33 -1.72
CA ALA C 314 18.89 34.54 -1.48
C ALA C 314 18.19 34.49 -0.12
N ASP C 315 17.68 33.31 0.26
CA ASP C 315 17.00 33.18 1.53
C ASP C 315 17.96 33.29 2.70
N GLN C 316 19.18 32.76 2.55
CA GLN C 316 20.11 32.68 3.68
C GLN C 316 20.90 33.97 3.90
N PHE C 317 20.88 34.92 2.96
CA PHE C 317 21.62 36.15 3.13
C PHE C 317 20.89 37.39 2.64
N GLY C 318 19.65 37.26 2.17
CA GLY C 318 18.93 38.40 1.65
C GLY C 318 19.54 39.00 0.40
N VAL C 319 20.39 38.25 -0.28
CA VAL C 319 21.10 38.77 -1.45
C VAL C 319 20.22 38.66 -2.68
N ALA C 320 20.33 39.65 -3.57
CA ALA C 320 19.64 39.60 -4.84
C ALA C 320 20.28 38.57 -5.76
N VAL C 321 19.46 37.90 -6.56
CA VAL C 321 19.92 36.92 -7.54
C VAL C 321 19.36 37.32 -8.88
N VAL C 322 20.24 37.50 -9.87
CA VAL C 322 19.84 37.79 -11.24
C VAL C 322 20.58 36.84 -12.16
N VAL C 323 19.85 36.24 -13.11
CA VAL C 323 20.43 35.31 -14.06
C VAL C 323 20.02 35.73 -15.47
N THR C 324 20.83 35.32 -16.44
CA THR C 324 20.54 35.58 -17.84
C THR C 324 20.30 34.28 -18.57
N ASN C 325 19.50 34.35 -19.64
CA ASN C 325 19.16 33.18 -20.43
C ASN C 325 18.97 33.60 -21.88
N GLN C 326 19.75 33.01 -22.77
CA GLN C 326 19.62 33.28 -24.19
C GLN C 326 18.39 32.60 -24.76
N VAL C 327 17.76 33.25 -25.74
CA VAL C 327 16.60 32.69 -26.41
C VAL C 327 17.03 31.82 -27.58
N GLY C 346 15.82 24.50 -20.05
CA GLY C 346 15.09 25.41 -19.18
C GLY C 346 13.60 25.41 -19.45
N GLY C 347 13.11 26.51 -20.03
CA GLY C 347 11.69 26.61 -20.33
C GLY C 347 10.86 26.63 -19.07
N ASN C 348 9.93 25.67 -18.96
CA ASN C 348 9.03 25.63 -17.82
C ASN C 348 9.76 25.39 -16.51
N ILE C 349 10.80 24.56 -16.52
CA ILE C 349 11.51 24.22 -15.29
C ILE C 349 12.10 25.48 -14.66
N MET C 350 12.73 26.31 -15.49
CA MET C 350 13.18 27.63 -15.02
C MET C 350 11.99 28.52 -14.69
N ALA C 351 10.89 28.38 -15.45
CA ALA C 351 9.75 29.28 -15.29
C ALA C 351 9.09 29.16 -13.92
N HIS C 352 9.01 27.95 -13.37
CA HIS C 352 8.41 27.82 -12.03
C HIS C 352 9.14 28.70 -11.01
N SER C 353 10.46 28.60 -10.96
CA SER C 353 11.21 29.35 -9.96
C SER C 353 11.47 30.79 -10.37
N SER C 354 11.12 31.17 -11.59
CA SER C 354 11.35 32.54 -12.06
C SER C 354 10.34 33.48 -11.40
N THR C 355 10.79 34.19 -10.36
CA THR C 355 9.91 35.16 -9.70
C THR C 355 9.57 36.31 -10.64
N THR C 356 10.57 36.86 -11.33
CA THR C 356 10.35 37.94 -12.29
C THR C 356 11.01 37.57 -13.61
N ARG C 357 10.37 37.95 -14.72
CA ARG C 357 10.89 37.65 -16.05
C ARG C 357 10.81 38.89 -16.93
N LEU C 358 11.94 39.27 -17.54
CA LEU C 358 12.01 40.42 -18.42
C LEU C 358 12.49 39.98 -19.80
N GLY C 359 11.73 40.34 -20.82
CA GLY C 359 12.09 40.06 -22.20
C GLY C 359 12.63 41.31 -22.88
N PHE C 360 13.62 41.10 -23.76
CA PHE C 360 14.33 42.18 -24.42
C PHE C 360 14.14 42.10 -25.92
N LYS C 361 13.94 43.26 -26.55
CA LYS C 361 13.83 43.39 -27.99
C LYS C 361 14.72 44.53 -28.47
N LYS C 362 15.26 44.37 -29.67
CA LYS C 362 16.18 45.36 -30.24
C LYS C 362 15.37 46.44 -30.95
N GLY C 363 15.71 47.70 -30.66
CA GLY C 363 15.02 48.83 -31.26
C GLY C 363 15.85 49.56 -32.29
N LYS C 364 15.78 50.89 -32.27
CA LYS C 364 16.50 51.73 -33.23
C LYS C 364 17.84 52.13 -32.62
N GLY C 365 18.93 51.71 -33.27
CA GLY C 365 20.25 52.05 -32.77
C GLY C 365 20.49 51.44 -31.40
N CYS C 366 20.85 52.29 -30.43
CA CYS C 366 21.07 51.82 -29.08
C CYS C 366 19.78 51.60 -28.30
N GLN C 367 18.65 52.04 -28.82
CA GLN C 367 17.38 51.89 -28.12
C GLN C 367 16.99 50.41 -28.04
N ARG C 368 16.49 50.00 -26.88
CA ARG C 368 16.03 48.64 -26.65
C ARG C 368 14.71 48.69 -25.89
N LEU C 369 13.90 47.65 -26.07
CA LEU C 369 12.59 47.56 -25.44
C LEU C 369 12.58 46.42 -24.43
N CYS C 370 12.17 46.73 -23.20
CA CYS C 370 12.10 45.76 -22.12
C CYS C 370 10.64 45.57 -21.71
N LYS C 371 10.19 44.32 -21.66
CA LYS C 371 8.82 44.00 -21.29
C LYS C 371 8.83 43.07 -20.09
N VAL C 372 8.09 43.43 -19.04
CA VAL C 372 7.95 42.56 -17.87
C VAL C 372 6.94 41.48 -18.22
N VAL C 373 7.44 40.33 -18.70
CA VAL C 373 6.54 39.33 -19.25
C VAL C 373 5.75 38.64 -18.14
N ASP C 374 6.42 38.26 -17.05
CA ASP C 374 5.79 37.53 -15.97
C ASP C 374 6.16 38.16 -14.64
N SER C 375 5.17 38.27 -13.76
CA SER C 375 5.38 38.83 -12.43
C SER C 375 4.18 38.48 -11.55
N PRO C 376 4.40 38.16 -10.28
CA PRO C 376 3.27 37.79 -9.41
C PRO C 376 2.26 38.92 -9.23
N CYS C 377 2.71 40.17 -9.23
CA CYS C 377 1.80 41.28 -8.95
C CYS C 377 1.86 42.35 -10.04
N LEU C 378 3.04 42.60 -10.59
CA LEU C 378 3.21 43.69 -11.53
C LEU C 378 2.44 43.42 -12.82
N PRO C 379 1.88 44.48 -13.44
CA PRO C 379 1.14 44.30 -14.68
C PRO C 379 2.07 44.06 -15.86
N GLU C 380 1.47 43.67 -16.98
CA GLU C 380 2.20 43.37 -18.21
C GLU C 380 2.27 44.63 -19.07
N ALA C 381 3.47 45.21 -19.18
CA ALA C 381 3.66 46.43 -19.94
C ALA C 381 5.05 46.39 -20.57
N GLU C 382 5.42 47.48 -21.25
CA GLU C 382 6.71 47.59 -21.92
C GLU C 382 7.28 48.98 -21.70
N CYS C 383 8.60 49.09 -21.89
CA CYS C 383 9.30 50.36 -21.75
C CYS C 383 10.53 50.33 -22.66
N VAL C 384 11.18 51.49 -22.76
CA VAL C 384 12.33 51.67 -23.66
C VAL C 384 13.50 52.23 -22.86
N PHE C 385 14.69 51.71 -23.13
CA PHE C 385 15.92 52.23 -22.54
C PHE C 385 16.98 52.31 -23.63
N ALA C 386 18.18 52.76 -23.24
CA ALA C 386 19.27 52.95 -24.19
C ALA C 386 20.57 52.47 -23.56
N ILE C 387 21.54 52.19 -24.43
CA ILE C 387 22.85 51.68 -24.05
C ILE C 387 23.93 52.61 -24.59
N TYR C 388 24.88 52.99 -23.74
CA TYR C 388 26.00 53.81 -24.13
C TYR C 388 27.25 53.26 -23.48
N GLU C 389 28.39 53.89 -23.78
CA GLU C 389 29.66 53.46 -23.21
C GLU C 389 29.65 53.55 -21.69
N ASP C 390 28.83 54.44 -21.13
CA ASP C 390 28.75 54.59 -19.68
C ASP C 390 27.79 53.59 -19.05
N GLY C 391 27.04 52.82 -19.83
CA GLY C 391 26.18 51.80 -19.28
C GLY C 391 24.77 51.89 -19.85
N VAL C 392 23.83 51.29 -19.14
CA VAL C 392 22.43 51.25 -19.56
C VAL C 392 21.68 52.34 -18.82
N GLY C 393 20.94 53.16 -19.57
CA GLY C 393 20.18 54.23 -18.96
C GLY C 393 18.90 54.56 -19.69
N ASP C 394 18.26 55.66 -19.30
CA ASP C 394 17.07 56.12 -20.00
C ASP C 394 17.45 56.63 -21.39
N PRO C 395 16.57 56.46 -22.37
CA PRO C 395 16.87 56.95 -23.72
C PRO C 395 17.04 58.47 -23.74
N ARG C 396 17.97 58.94 -24.54
CA ARG C 396 18.21 60.36 -24.70
C ARG C 396 17.58 60.87 -25.99
N GLU C 397 17.57 62.20 -26.14
CA GLU C 397 17.03 62.81 -27.35
C GLU C 397 17.86 62.47 -28.58
N GLU C 398 19.12 62.09 -28.41
CA GLU C 398 19.94 61.67 -29.55
C GLU C 398 19.38 60.41 -30.19
N ASP C 399 18.98 59.44 -29.38
CA ASP C 399 18.39 58.21 -29.89
C ASP C 399 16.94 58.38 -30.32
N GLU C 400 16.30 59.48 -29.92
CA GLU C 400 14.90 59.71 -30.30
C GLU C 400 14.82 60.37 -31.67
N PHE D 80 52.48 27.87 -20.12
CA PHE D 80 51.50 26.88 -19.72
C PHE D 80 52.17 25.69 -19.03
N VAL D 81 51.36 24.88 -18.36
CA VAL D 81 51.86 23.72 -17.61
C VAL D 81 51.81 22.51 -18.53
N PRO D 82 52.93 21.86 -18.82
CA PRO D 82 52.91 20.67 -19.66
C PRO D 82 52.17 19.53 -18.98
N ILE D 83 51.58 18.66 -19.81
CA ILE D 83 50.83 17.52 -19.30
C ILE D 83 51.74 16.54 -18.58
N GLU D 84 53.03 16.50 -18.96
CA GLU D 84 53.96 15.56 -18.34
C GLU D 84 54.14 15.83 -16.86
N LYS D 85 54.22 17.10 -16.47
CA LYS D 85 54.39 17.46 -15.07
C LYS D 85 53.11 17.25 -14.25
N LEU D 86 51.97 17.03 -14.90
CA LEU D 86 50.70 16.94 -14.18
C LEU D 86 50.61 15.66 -13.36
N GLN D 87 51.10 14.55 -13.89
CA GLN D 87 50.92 13.26 -13.25
C GLN D 87 51.72 13.18 -11.95
N VAL D 88 51.01 13.06 -10.82
CA VAL D 88 51.61 12.97 -9.50
C VAL D 88 50.86 11.91 -8.71
N ASN D 89 51.58 11.25 -7.80
CA ASN D 89 50.99 10.30 -6.86
C ASN D 89 50.35 9.11 -7.59
N GLY D 90 51.20 8.36 -8.30
CA GLY D 90 50.79 7.09 -8.87
C GLY D 90 50.08 7.15 -10.20
N ILE D 91 50.05 8.31 -10.85
CA ILE D 91 49.43 8.41 -12.18
C ILE D 91 50.44 7.91 -13.22
N THR D 92 50.07 6.86 -13.94
CA THR D 92 50.98 6.23 -14.88
C THR D 92 51.16 7.12 -16.12
N MET D 93 52.34 7.02 -16.72
CA MET D 93 52.64 7.79 -17.93
C MET D 93 51.77 7.35 -19.10
N ALA D 94 51.31 6.09 -19.09
CA ALA D 94 50.40 5.61 -20.11
C ALA D 94 49.10 6.40 -20.10
N ASP D 95 48.64 6.82 -18.93
CA ASP D 95 47.46 7.69 -18.87
C ASP D 95 47.73 9.02 -19.57
N VAL D 96 48.92 9.58 -19.39
CA VAL D 96 49.29 10.82 -20.06
C VAL D 96 49.31 10.61 -21.58
N LYS D 97 49.84 9.47 -22.03
CA LYS D 97 49.84 9.16 -23.46
C LYS D 97 48.41 9.03 -23.99
N LYS D 98 47.53 8.38 -23.22
CA LYS D 98 46.14 8.25 -23.64
C LYS D 98 45.46 9.62 -23.73
N LEU D 99 45.74 10.51 -22.78
CA LEU D 99 45.20 11.85 -22.85
C LEU D 99 45.73 12.60 -24.07
N ARG D 100 47.02 12.43 -24.38
CA ARG D 100 47.59 13.05 -25.56
C ARG D 100 46.92 12.54 -26.83
N GLU D 101 46.68 11.24 -26.91
CA GLU D 101 46.01 10.67 -28.08
C GLU D 101 44.58 11.17 -28.19
N SER D 102 43.87 11.28 -27.05
CA SER D 102 42.49 11.75 -27.07
C SER D 102 42.40 13.18 -27.55
N GLY D 103 43.34 14.03 -27.13
CA GLY D 103 43.32 15.43 -27.53
C GLY D 103 43.79 16.37 -26.44
N LEU D 104 43.81 15.89 -25.20
CA LEU D 104 44.31 16.69 -24.08
C LEU D 104 45.83 16.64 -24.08
N HIS D 105 46.46 17.74 -24.48
CA HIS D 105 47.90 17.80 -24.62
C HIS D 105 48.61 18.59 -23.52
N THR D 106 47.86 19.29 -22.67
CA THR D 106 48.44 20.07 -21.60
C THR D 106 47.63 19.87 -20.32
N ALA D 107 48.26 20.16 -19.18
CA ALA D 107 47.59 20.04 -17.90
C ALA D 107 46.42 21.02 -17.79
N GLU D 108 46.47 22.12 -18.54
CA GLU D 108 45.36 23.06 -18.54
C GLU D 108 44.10 22.43 -19.11
N ALA D 109 44.24 21.60 -20.15
CA ALA D 109 43.09 20.91 -20.73
C ALA D 109 42.46 19.96 -19.71
N VAL D 110 43.28 19.25 -18.94
CA VAL D 110 42.75 18.36 -17.92
C VAL D 110 42.09 19.18 -16.81
N ALA D 111 42.67 20.33 -16.47
CA ALA D 111 42.05 21.20 -15.47
C ALA D 111 40.68 21.67 -15.92
N TYR D 112 40.54 22.05 -17.19
CA TYR D 112 39.26 22.46 -17.72
C TYR D 112 38.40 21.28 -18.16
N ALA D 113 38.93 20.06 -18.14
CA ALA D 113 38.16 18.90 -18.54
C ALA D 113 37.07 18.60 -17.53
N PRO D 114 35.86 18.29 -17.97
CA PRO D 114 34.78 17.93 -17.06
C PRO D 114 34.89 16.47 -16.62
N ARG D 115 33.92 16.05 -15.81
CA ARG D 115 33.94 14.69 -15.26
C ARG D 115 33.75 13.66 -16.36
N LYS D 116 32.73 13.85 -17.21
CA LYS D 116 32.42 12.86 -18.23
C LYS D 116 33.54 12.74 -19.24
N ASP D 117 33.99 13.87 -19.79
CA ASP D 117 35.00 13.83 -20.84
C ASP D 117 36.23 13.05 -20.39
N LEU D 118 36.64 13.23 -19.14
CA LEU D 118 37.68 12.39 -18.58
C LEU D 118 37.21 10.95 -18.41
N LEU D 119 35.91 10.75 -18.18
CA LEU D 119 35.41 9.40 -17.94
C LEU D 119 35.52 8.52 -19.18
N GLU D 120 35.12 9.02 -20.36
CA GLU D 120 35.24 8.17 -21.54
C GLU D 120 36.64 8.10 -22.13
N ILE D 121 37.60 8.87 -21.63
CA ILE D 121 38.98 8.74 -22.12
C ILE D 121 39.52 7.37 -21.73
N LYS D 122 40.14 6.69 -22.68
CA LYS D 122 40.65 5.35 -22.44
C LYS D 122 41.74 5.36 -21.38
N GLY D 123 41.76 4.31 -20.56
CA GLY D 123 42.75 4.20 -19.51
C GLY D 123 42.54 5.08 -18.32
N ILE D 124 41.40 5.75 -18.21
CA ILE D 124 41.09 6.66 -17.11
C ILE D 124 39.88 6.13 -16.38
N SER D 125 40.00 5.99 -15.07
CA SER D 125 38.92 5.52 -14.21
C SER D 125 38.35 6.68 -13.41
N GLU D 126 37.30 6.40 -12.64
CA GLU D 126 36.67 7.44 -11.82
C GLU D 126 37.63 7.97 -10.77
N ALA D 127 38.30 7.07 -10.04
CA ALA D 127 39.30 7.49 -9.08
C ALA D 127 40.48 8.15 -9.77
N LYS D 128 40.89 7.61 -10.92
CA LYS D 128 41.97 8.22 -11.69
C LYS D 128 41.60 9.61 -12.16
N ALA D 129 40.37 9.79 -12.64
CA ALA D 129 39.91 11.11 -13.07
C ALA D 129 39.87 12.08 -11.90
N ASP D 130 39.42 11.61 -10.73
CA ASP D 130 39.41 12.47 -9.55
C ASP D 130 40.82 12.87 -9.16
N LYS D 131 41.78 11.94 -9.22
CA LYS D 131 43.17 12.26 -8.91
C LYS D 131 43.73 13.28 -9.91
N LEU D 132 43.43 13.10 -11.20
CA LEU D 132 43.87 14.06 -12.21
C LEU D 132 43.30 15.44 -11.94
N LEU D 133 42.01 15.52 -11.60
CA LEU D 133 41.40 16.80 -11.31
C LEU D 133 42.01 17.45 -10.08
N ASN D 134 42.29 16.65 -9.03
CA ASN D 134 42.92 17.19 -7.84
C ASN D 134 44.31 17.73 -8.13
N GLU D 135 45.09 16.98 -8.92
CA GLU D 135 46.44 17.44 -9.27
C GLU D 135 46.37 18.72 -10.10
N ALA D 136 45.42 18.79 -11.04
CA ALA D 136 45.27 20.00 -11.85
C ALA D 136 44.87 21.19 -10.98
N ALA D 137 43.97 20.97 -10.02
CA ALA D 137 43.58 22.06 -9.12
C ALA D 137 44.75 22.51 -8.26
N ARG D 138 45.59 21.58 -7.82
CA ARG D 138 46.77 21.94 -7.04
C ARG D 138 47.74 22.76 -7.88
N LEU D 139 47.99 22.33 -9.12
CA LEU D 139 48.98 23.01 -9.95
C LEU D 139 48.43 24.31 -10.54
N VAL D 140 47.16 24.33 -10.92
CA VAL D 140 46.54 25.44 -11.62
C VAL D 140 45.44 26.01 -10.73
N PRO D 141 45.39 27.33 -10.50
CA PRO D 141 44.32 27.90 -9.69
C PRO D 141 42.95 27.71 -10.33
N MET D 142 42.10 26.94 -9.66
CA MET D 142 40.79 26.56 -10.18
C MET D 142 39.65 27.36 -9.57
N GLY D 143 39.92 28.12 -8.51
CA GLY D 143 38.86 28.79 -7.78
C GLY D 143 38.64 30.21 -8.22
N PHE D 144 38.16 31.02 -7.27
CA PHE D 144 37.79 32.39 -7.55
C PHE D 144 39.00 33.24 -7.92
N VAL D 145 38.80 34.15 -8.86
CA VAL D 145 39.81 35.13 -9.28
C VAL D 145 39.22 36.52 -9.09
N THR D 146 39.94 37.37 -8.36
CA THR D 146 39.46 38.73 -8.14
C THR D 146 39.52 39.53 -9.43
N ALA D 147 38.79 40.65 -9.44
CA ALA D 147 38.74 41.49 -10.63
C ALA D 147 40.11 42.08 -10.95
N ALA D 148 40.85 42.48 -9.94
CA ALA D 148 42.18 43.06 -10.14
C ALA D 148 43.13 42.08 -10.80
N ASP D 149 43.14 40.83 -10.32
CA ASP D 149 44.03 39.82 -10.90
C ASP D 149 43.66 39.53 -12.36
N PHE D 150 42.37 39.41 -12.65
CA PHE D 150 41.94 39.16 -14.02
C PHE D 150 42.31 40.33 -14.92
N HIS D 151 42.12 41.56 -14.44
CA HIS D 151 42.44 42.74 -15.24
C HIS D 151 43.94 42.82 -15.51
N MET D 152 44.77 42.58 -14.50
CA MET D 152 46.21 42.66 -14.71
C MET D 152 46.71 41.52 -15.60
N ARG D 153 46.10 40.34 -15.52
CA ARG D 153 46.46 39.26 -16.42
C ARG D 153 46.07 39.60 -17.86
N ARG D 154 44.90 40.20 -18.06
CA ARG D 154 44.49 40.60 -19.40
C ARG D 154 45.40 41.69 -19.95
N SER D 155 45.83 42.62 -19.08
CA SER D 155 46.70 43.70 -19.53
C SER D 155 48.05 43.17 -20.02
N GLU D 156 48.60 42.19 -19.32
CA GLU D 156 49.89 41.61 -19.71
C GLU D 156 49.79 40.70 -20.93
N LEU D 157 48.58 40.39 -21.39
CA LEU D 157 48.43 39.53 -22.55
C LEU D 157 49.00 40.18 -23.80
N ILE D 158 49.63 39.36 -24.64
CA ILE D 158 50.32 39.87 -25.83
C ILE D 158 49.28 40.15 -26.92
N CYS D 159 49.39 41.32 -27.54
CA CYS D 159 48.55 41.69 -28.66
C CYS D 159 49.37 41.65 -29.95
N LEU D 160 48.76 41.14 -31.00
CA LEU D 160 49.44 40.97 -32.29
C LEU D 160 49.14 42.16 -33.18
N THR D 161 50.20 42.82 -33.66
CA THR D 161 50.03 43.97 -34.53
C THR D 161 49.53 43.53 -35.90
N THR D 162 48.76 44.41 -36.54
CA THR D 162 48.22 44.17 -37.86
C THR D 162 49.09 44.76 -38.97
N GLY D 163 50.18 45.44 -38.63
CA GLY D 163 51.00 46.11 -39.61
C GLY D 163 50.47 47.45 -40.06
N SER D 164 49.28 47.84 -39.61
CA SER D 164 48.67 49.12 -39.98
C SER D 164 48.29 49.85 -38.71
N LYS D 165 48.63 51.14 -38.64
CA LYS D 165 48.37 51.92 -37.43
C LYS D 165 46.87 52.08 -37.18
N ASN D 166 46.09 52.27 -38.25
CA ASN D 166 44.65 52.48 -38.08
C ASN D 166 43.97 51.25 -37.49
N LEU D 167 44.30 50.06 -38.01
CA LEU D 167 43.68 48.84 -37.51
C LEU D 167 44.08 48.58 -36.06
N ASP D 168 45.36 48.77 -35.74
CA ASP D 168 45.81 48.58 -34.36
C ASP D 168 45.14 49.56 -33.41
N THR D 169 44.99 50.82 -33.84
CA THR D 169 44.31 51.81 -33.01
C THR D 169 42.86 51.42 -32.79
N LEU D 170 42.17 50.96 -33.85
CA LEU D 170 40.79 50.53 -33.68
C LEU D 170 40.70 49.24 -32.87
N LEU D 171 41.75 48.42 -32.90
CA LEU D 171 41.79 47.17 -32.15
C LEU D 171 42.47 47.32 -30.79
N GLY D 172 42.79 48.55 -30.38
CA GLY D 172 43.47 48.76 -29.12
C GLY D 172 44.88 48.21 -29.08
N GLY D 173 45.66 48.45 -30.13
CA GLY D 173 47.03 47.97 -30.22
C GLY D 173 47.22 46.77 -31.12
N GLY D 174 46.15 46.09 -31.51
CA GLY D 174 46.24 44.96 -32.39
C GLY D 174 45.28 43.87 -31.97
N VAL D 175 45.50 42.68 -32.51
CA VAL D 175 44.63 41.54 -32.24
C VAL D 175 45.03 40.91 -30.91
N GLU D 176 44.06 40.75 -30.02
CA GLU D 176 44.31 40.11 -28.73
C GLU D 176 44.51 38.61 -28.91
N THR D 177 45.55 38.07 -28.30
CA THR D 177 45.82 36.65 -28.37
C THR D 177 44.85 35.87 -27.49
N GLY D 178 44.64 34.61 -27.86
CA GLY D 178 43.75 33.74 -27.10
C GLY D 178 42.30 34.19 -27.11
N SER D 179 41.83 34.74 -28.22
CA SER D 179 40.45 35.19 -28.35
C SER D 179 39.89 34.75 -29.69
N ILE D 180 38.57 34.61 -29.74
CA ILE D 180 37.87 34.17 -30.95
C ILE D 180 37.53 35.42 -31.77
N THR D 181 38.20 35.57 -32.91
CA THR D 181 38.01 36.70 -33.79
C THR D 181 37.53 36.20 -35.14
N GLU D 182 36.42 36.76 -35.62
CA GLU D 182 35.84 36.42 -36.91
C GLU D 182 35.97 37.60 -37.86
N LEU D 183 36.42 37.34 -39.08
CA LEU D 183 36.58 38.37 -40.10
C LEU D 183 35.72 37.98 -41.29
N PHE D 184 34.54 38.57 -41.39
CA PHE D 184 33.60 38.26 -42.46
C PHE D 184 33.48 39.45 -43.40
N GLY D 185 33.41 39.17 -44.70
CA GLY D 185 33.31 40.25 -45.66
C GLY D 185 33.25 39.73 -47.07
N GLU D 186 33.27 40.66 -48.02
CA GLU D 186 33.19 40.33 -49.44
C GLU D 186 34.45 39.59 -49.88
N PHE D 187 34.30 38.76 -50.91
CA PHE D 187 35.43 38.03 -51.47
C PHE D 187 36.38 38.99 -52.18
N ARG D 188 37.64 38.57 -52.28
CA ARG D 188 38.69 39.34 -52.95
C ARG D 188 38.86 40.73 -52.33
N THR D 189 38.65 40.84 -51.02
CA THR D 189 38.88 42.08 -50.29
C THR D 189 40.15 42.06 -49.47
N GLY D 190 41.06 41.13 -49.75
CA GLY D 190 42.30 41.04 -49.02
C GLY D 190 42.22 40.29 -47.71
N LYS D 191 41.12 39.57 -47.45
CA LYS D 191 41.03 38.77 -46.24
C LYS D 191 42.12 37.71 -46.21
N SER D 192 42.36 37.04 -47.33
CA SER D 192 43.50 36.14 -47.43
C SER D 192 44.81 36.90 -47.30
N GLN D 193 44.90 38.09 -47.92
CA GLN D 193 46.09 38.92 -47.78
C GLN D 193 46.29 39.36 -46.34
N LEU D 194 45.21 39.75 -45.66
CA LEU D 194 45.31 40.13 -44.26
C LEU D 194 45.75 38.95 -43.40
N CYS D 195 45.22 37.76 -43.68
CA CYS D 195 45.61 36.57 -42.93
C CYS D 195 47.09 36.26 -43.13
N HIS D 196 47.57 36.36 -44.37
CA HIS D 196 48.99 36.13 -44.63
C HIS D 196 49.86 37.18 -43.94
N THR D 197 49.41 38.44 -43.94
CA THR D 197 50.16 39.49 -43.25
C THR D 197 50.23 39.21 -41.76
N LEU D 198 49.12 38.80 -41.16
CA LEU D 198 49.11 38.46 -39.74
C LEU D 198 50.01 37.25 -39.46
N ALA D 199 50.00 36.26 -40.34
CA ALA D 199 50.87 35.11 -40.17
C ALA D 199 52.34 35.50 -40.22
N VAL D 200 52.69 36.43 -41.12
CA VAL D 200 54.07 36.92 -41.17
C VAL D 200 54.40 37.70 -39.91
N THR D 201 53.49 38.54 -39.44
CA THR D 201 53.76 39.42 -38.31
C THR D 201 53.66 38.73 -36.97
N CYS D 202 53.26 37.45 -36.92
CA CYS D 202 53.24 36.74 -35.64
C CYS D 202 54.60 36.15 -35.29
N GLN D 203 55.60 36.28 -36.16
CA GLN D 203 56.94 35.77 -35.89
C GLN D 203 57.96 36.87 -35.65
N ILE D 204 57.62 38.12 -35.92
CA ILE D 204 58.52 39.25 -35.69
C ILE D 204 58.64 39.46 -34.18
N PRO D 205 59.69 40.14 -33.70
CA PRO D 205 59.86 40.30 -32.25
C PRO D 205 58.72 41.08 -31.61
N LEU D 206 58.52 40.81 -30.31
CA LEU D 206 57.43 41.42 -29.56
C LEU D 206 57.54 42.93 -29.46
N ASP D 207 58.73 43.49 -29.68
CA ASP D 207 58.93 44.93 -29.50
C ASP D 207 58.07 45.74 -30.47
N ILE D 208 57.75 45.18 -31.63
CA ILE D 208 56.94 45.89 -32.61
C ILE D 208 55.60 45.19 -32.77
N GLY D 209 55.14 44.54 -31.70
CA GLY D 209 53.83 43.91 -31.71
C GLY D 209 53.80 42.50 -32.26
N GLY D 210 54.93 41.82 -32.29
CA GLY D 210 54.99 40.48 -32.84
C GLY D 210 54.53 39.42 -31.86
N GLY D 211 54.80 38.17 -32.21
CA GLY D 211 54.43 37.05 -31.37
C GLY D 211 55.60 36.17 -30.97
N GLU D 212 56.68 36.19 -31.77
CA GLU D 212 57.86 35.39 -31.52
C GLU D 212 57.53 33.91 -31.39
N GLY D 213 56.66 33.43 -32.26
CA GLY D 213 56.24 32.04 -32.23
C GLY D 213 55.95 31.51 -33.62
N LYS D 214 55.75 30.20 -33.70
CA LYS D 214 55.44 29.56 -34.97
C LYS D 214 54.02 29.92 -35.41
N CYS D 215 53.72 29.61 -36.66
CA CYS D 215 52.40 29.85 -37.23
C CYS D 215 51.90 28.60 -37.94
N LEU D 216 50.59 28.38 -37.89
CA LEU D 216 49.96 27.25 -38.58
C LEU D 216 48.77 27.81 -39.35
N TYR D 217 48.90 27.86 -40.66
CA TYR D 217 47.87 28.40 -41.54
C TYR D 217 47.06 27.25 -42.13
N ILE D 218 45.75 27.26 -41.89
CA ILE D 218 44.83 26.29 -42.45
C ILE D 218 44.02 27.01 -43.53
N ASP D 219 44.19 26.58 -44.77
CA ASP D 219 43.49 27.16 -45.91
C ASP D 219 42.56 26.12 -46.52
N THR D 220 41.33 26.54 -46.81
CA THR D 220 40.33 25.67 -47.41
C THR D 220 39.91 26.09 -48.81
N GLU D 221 40.15 27.35 -49.19
CA GLU D 221 39.76 27.85 -50.50
C GLU D 221 40.90 27.77 -51.51
N GLY D 222 42.05 27.22 -51.15
CA GLY D 222 43.17 27.18 -52.06
C GLY D 222 43.82 28.52 -52.31
N THR D 223 43.73 29.44 -51.35
CA THR D 223 44.27 30.79 -51.50
C THR D 223 45.71 30.91 -51.00
N PHE D 224 46.34 29.79 -50.63
CA PHE D 224 47.71 29.83 -50.17
C PHE D 224 48.63 30.34 -51.27
N ARG D 225 49.38 31.40 -50.96
CA ARG D 225 50.29 32.03 -51.91
C ARG D 225 51.63 32.28 -51.24
N PRO D 226 52.62 31.42 -51.45
CA PRO D 226 53.95 31.67 -50.88
C PRO D 226 54.57 32.98 -51.36
N VAL D 227 54.23 33.43 -52.56
CA VAL D 227 54.77 34.69 -53.07
C VAL D 227 54.35 35.86 -52.19
N ARG D 228 53.08 35.89 -51.79
CA ARG D 228 52.60 36.96 -50.91
C ARG D 228 53.29 36.89 -49.56
N LEU D 229 53.50 35.68 -49.05
CA LEU D 229 54.21 35.52 -47.78
C LEU D 229 55.63 36.07 -47.88
N VAL D 230 56.32 35.76 -48.98
CA VAL D 230 57.68 36.28 -49.18
C VAL D 230 57.66 37.79 -49.28
N SER D 231 56.67 38.34 -49.98
CA SER D 231 56.58 39.80 -50.13
C SER D 231 56.37 40.48 -48.77
N ILE D 232 55.47 39.93 -47.95
CA ILE D 232 55.24 40.51 -46.63
C ILE D 232 56.47 40.35 -45.74
N ALA D 233 57.18 39.23 -45.88
CA ALA D 233 58.42 39.04 -45.12
C ALA D 233 59.45 40.09 -45.51
N GLN D 234 59.58 40.38 -46.81
CA GLN D 234 60.47 41.46 -47.23
C GLN D 234 60.02 42.80 -46.69
N ARG D 235 58.70 43.04 -46.67
CA ARG D 235 58.18 44.29 -46.14
C ARG D 235 58.54 44.46 -44.67
N PHE D 236 58.41 43.41 -43.88
CA PHE D 236 58.74 43.45 -42.46
C PHE D 236 60.16 43.01 -42.16
N GLY D 237 60.96 42.72 -43.18
CA GLY D 237 62.35 42.34 -42.97
C GLY D 237 62.57 40.89 -42.65
N LEU D 238 61.53 40.07 -42.58
CA LEU D 238 61.69 38.66 -42.26
C LEU D 238 62.34 37.92 -43.44
N ASP D 239 63.13 36.91 -43.10
CA ASP D 239 63.79 36.09 -44.12
C ASP D 239 62.76 35.22 -44.81
N PRO D 240 62.63 35.29 -46.14
CA PRO D 240 61.56 34.52 -46.81
C PRO D 240 61.59 33.03 -46.54
N ASP D 241 62.78 32.42 -46.53
CA ASP D 241 62.84 30.99 -46.21
C ASP D 241 62.49 30.74 -44.75
N ASP D 242 62.97 31.60 -43.85
CA ASP D 242 62.60 31.49 -42.44
C ASP D 242 61.14 31.80 -42.21
N ALA D 243 60.51 32.58 -43.11
CA ALA D 243 59.07 32.79 -43.02
C ALA D 243 58.30 31.58 -43.53
N LEU D 244 58.80 30.92 -44.57
CA LEU D 244 58.09 29.78 -45.13
C LEU D 244 58.19 28.55 -44.24
N ASN D 245 59.39 28.27 -43.71
CA ASN D 245 59.55 27.09 -42.88
C ASN D 245 58.95 27.25 -41.50
N ASN D 246 58.71 28.48 -41.05
CA ASN D 246 58.09 28.72 -39.76
C ASN D 246 56.57 28.62 -39.80
N VAL D 247 55.99 28.47 -40.99
CA VAL D 247 54.54 28.40 -41.16
C VAL D 247 54.18 27.01 -41.66
N ALA D 248 53.33 26.31 -40.91
CA ALA D 248 52.84 24.99 -41.30
C ALA D 248 51.53 25.17 -42.06
N TYR D 249 51.53 24.80 -43.34
CA TYR D 249 50.36 24.98 -44.19
C TYR D 249 49.55 23.69 -44.24
N ALA D 250 48.25 23.80 -44.01
CA ALA D 250 47.34 22.66 -44.01
C ALA D 250 46.13 22.95 -44.88
N ARG D 251 45.84 22.05 -45.81
CA ARG D 251 44.67 22.15 -46.67
C ARG D 251 43.59 21.21 -46.17
N ALA D 252 42.37 21.72 -46.05
CA ALA D 252 41.24 20.98 -45.50
C ALA D 252 40.31 20.54 -46.63
N TYR D 253 39.99 19.24 -46.64
CA TYR D 253 39.08 18.66 -47.63
C TYR D 253 37.70 18.39 -47.07
N ASN D 254 37.61 17.73 -45.91
CA ASN D 254 36.35 17.42 -45.27
C ASN D 254 36.40 17.90 -43.82
N ALA D 255 35.23 17.90 -43.17
CA ALA D 255 35.16 18.33 -41.78
C ALA D 255 36.01 17.43 -40.88
N ASP D 256 35.91 16.11 -41.09
CA ASP D 256 36.76 15.21 -40.34
C ASP D 256 38.23 15.44 -40.66
N HIS D 257 38.54 15.81 -41.91
CA HIS D 257 39.91 16.10 -42.28
C HIS D 257 40.46 17.29 -41.52
N GLN D 258 39.66 18.36 -41.40
CA GLN D 258 40.15 19.52 -40.66
C GLN D 258 40.19 19.27 -39.15
N LEU D 259 39.28 18.41 -38.65
CA LEU D 259 39.39 17.99 -37.25
C LEU D 259 40.69 17.24 -37.01
N ARG D 260 41.06 16.33 -37.91
CA ARG D 260 42.34 15.63 -37.78
C ARG D 260 43.50 16.61 -37.89
N LEU D 261 43.39 17.60 -38.78
CA LEU D 261 44.44 18.59 -38.94
C LEU D 261 44.65 19.38 -37.66
N LEU D 262 43.55 19.80 -37.01
CA LEU D 262 43.70 20.55 -35.76
C LEU D 262 44.16 19.65 -34.62
N ASP D 263 43.78 18.37 -34.63
CA ASP D 263 44.32 17.44 -33.65
C ASP D 263 45.83 17.32 -33.78
N ALA D 264 46.32 17.20 -35.01
CA ALA D 264 47.77 17.17 -35.22
C ALA D 264 48.41 18.50 -34.84
N ALA D 265 47.72 19.60 -35.12
CA ALA D 265 48.20 20.91 -34.73
C ALA D 265 48.44 20.98 -33.23
N ALA D 266 47.46 20.57 -32.44
CA ALA D 266 47.65 20.49 -31.00
C ALA D 266 48.74 19.48 -30.63
N GLN D 267 48.88 18.43 -31.45
CA GLN D 267 49.88 17.40 -31.16
C GLN D 267 51.29 17.97 -31.17
N MET D 268 51.63 18.74 -32.21
CA MET D 268 52.97 19.33 -32.15
C MET D 268 53.00 20.67 -31.42
N MET D 269 51.83 21.22 -31.06
CA MET D 269 51.82 22.35 -30.12
C MET D 269 52.19 21.90 -28.72
N SER D 270 51.87 20.65 -28.38
CA SER D 270 52.28 20.10 -27.09
C SER D 270 53.79 20.05 -26.94
N GLU D 271 54.53 20.09 -28.05
CA GLU D 271 55.99 20.03 -28.02
C GLU D 271 56.68 21.28 -28.54
N SER D 272 55.95 22.20 -29.18
CA SER D 272 56.54 23.41 -29.73
C SER D 272 55.58 24.57 -29.56
N ARG D 273 56.15 25.78 -29.51
CA ARG D 273 55.36 26.99 -29.33
C ARG D 273 54.92 27.55 -30.68
N PHE D 274 53.74 28.16 -30.69
CA PHE D 274 53.18 28.81 -31.86
C PHE D 274 52.72 30.21 -31.48
N SER D 275 52.26 30.97 -32.48
CA SER D 275 51.84 32.35 -32.25
C SER D 275 50.49 32.72 -32.86
N LEU D 276 50.01 32.01 -33.88
CA LEU D 276 48.78 32.40 -34.53
C LEU D 276 48.16 31.20 -35.23
N ILE D 277 46.83 31.16 -35.22
CA ILE D 277 46.05 30.15 -35.94
C ILE D 277 45.13 30.88 -36.90
N VAL D 278 45.11 30.44 -38.16
CA VAL D 278 44.29 31.05 -39.20
C VAL D 278 43.45 29.96 -39.86
N VAL D 279 42.14 30.21 -39.96
CA VAL D 279 41.22 29.29 -40.61
C VAL D 279 40.47 30.05 -41.69
N ASP D 280 40.77 29.75 -42.96
CA ASP D 280 40.15 30.42 -44.10
C ASP D 280 39.81 29.36 -45.14
N SER D 281 38.52 29.01 -45.24
CA SER D 281 37.48 29.60 -44.40
C SER D 281 36.67 28.51 -43.71
N VAL D 282 35.97 28.88 -42.64
CA VAL D 282 35.22 27.89 -41.87
C VAL D 282 34.05 27.33 -42.67
N MET D 283 33.24 28.21 -43.25
CA MET D 283 32.01 27.79 -43.91
C MET D 283 32.23 27.16 -45.27
N ALA D 284 33.46 27.17 -45.79
CA ALA D 284 33.72 26.58 -47.10
C ALA D 284 33.41 25.09 -47.11
N LEU D 285 33.76 24.38 -46.04
CA LEU D 285 33.54 22.93 -45.97
C LEU D 285 32.18 22.58 -45.40
N TYR D 286 31.63 23.40 -44.50
CA TYR D 286 30.32 23.12 -43.93
C TYR D 286 29.23 23.16 -45.01
N ARG D 287 29.28 24.14 -45.90
CA ARG D 287 28.26 24.30 -46.92
C ARG D 287 28.48 23.31 -48.06
N PHE D 290 27.24 19.73 -45.65
CA PHE D 290 25.90 19.73 -45.07
C PHE D 290 24.91 20.42 -46.00
N GLU D 295 20.56 17.88 -42.51
CA GLU D 295 21.98 18.06 -42.20
C GLU D 295 22.26 19.49 -41.74
N LEU D 296 21.27 20.36 -41.93
CA LEU D 296 21.43 21.75 -41.49
C LEU D 296 21.57 21.83 -39.98
N SER D 297 20.76 21.05 -39.24
CA SER D 297 20.86 21.06 -37.78
C SER D 297 22.16 20.43 -37.33
N ALA D 298 22.50 19.25 -37.87
CA ALA D 298 23.74 18.58 -37.47
C ALA D 298 24.97 19.41 -37.81
N ARG D 299 24.86 20.31 -38.80
CA ARG D 299 25.95 21.23 -39.08
C ARG D 299 26.23 22.16 -37.91
N GLN D 300 25.19 22.56 -37.20
CA GLN D 300 25.36 23.53 -36.11
C GLN D 300 26.12 22.93 -34.94
N MET D 301 25.73 21.74 -34.49
CA MET D 301 26.36 21.17 -33.31
C MET D 301 27.82 20.81 -33.57
N HIS D 302 28.11 20.24 -34.74
CA HIS D 302 29.50 19.92 -35.08
C HIS D 302 30.33 21.17 -35.21
N LEU D 303 29.77 22.22 -35.82
CA LEU D 303 30.46 23.51 -35.88
C LEU D 303 30.67 24.07 -34.48
N ALA D 304 29.65 23.95 -33.62
CA ALA D 304 29.81 24.37 -32.23
C ALA D 304 30.90 23.57 -31.53
N LYS D 305 30.94 22.26 -31.80
CA LYS D 305 32.04 21.45 -31.26
C LYS D 305 33.38 21.90 -31.80
N PHE D 306 33.43 22.25 -33.09
CA PHE D 306 34.65 22.82 -33.65
C PHE D 306 34.97 24.17 -33.01
N MET D 307 33.93 24.99 -32.77
CA MET D 307 34.12 26.20 -31.98
C MET D 307 34.56 25.86 -30.56
N ARG D 308 33.94 24.85 -29.95
CA ARG D 308 34.33 24.44 -28.60
C ARG D 308 35.77 23.95 -28.56
N ALA D 309 36.17 23.15 -29.56
CA ALA D 309 37.54 22.66 -29.61
C ALA D 309 38.52 23.81 -29.82
N LEU D 310 38.14 24.80 -30.64
CA LEU D 310 39.01 25.95 -30.87
C LEU D 310 39.25 26.73 -29.58
N GLN D 311 38.21 26.91 -28.78
CA GLN D 311 38.36 27.63 -27.51
C GLN D 311 39.25 26.87 -26.54
N ARG D 312 39.18 25.54 -26.55
CA ARG D 312 39.98 24.73 -25.64
C ARG D 312 41.47 24.97 -25.85
N LEU D 313 41.92 24.93 -27.10
CA LEU D 313 43.33 25.15 -27.40
C LEU D 313 43.75 26.58 -27.08
N ALA D 314 42.86 27.54 -27.34
CA ALA D 314 43.19 28.94 -27.07
C ALA D 314 43.46 29.16 -25.59
N ASP D 315 42.63 28.57 -24.72
CA ASP D 315 42.85 28.72 -23.28
C ASP D 315 44.07 27.93 -22.83
N GLN D 316 44.44 26.88 -23.55
CA GLN D 316 45.59 26.07 -23.15
C GLN D 316 46.91 26.76 -23.43
N PHE D 317 46.96 27.63 -24.44
CA PHE D 317 48.22 28.25 -24.85
C PHE D 317 48.15 29.76 -24.99
N GLY D 318 46.97 30.37 -24.98
CA GLY D 318 46.89 31.81 -25.14
C GLY D 318 47.35 32.29 -26.50
N VAL D 319 47.00 31.56 -27.55
CA VAL D 319 47.41 31.89 -28.92
C VAL D 319 46.22 32.46 -29.67
N ALA D 320 46.48 33.52 -30.44
CA ALA D 320 45.42 34.17 -31.20
C ALA D 320 44.87 33.23 -32.27
N VAL D 321 43.55 33.23 -32.43
CA VAL D 321 42.85 32.43 -33.42
C VAL D 321 42.00 33.36 -34.26
N VAL D 322 42.15 33.28 -35.58
CA VAL D 322 41.40 34.11 -36.52
C VAL D 322 40.71 33.20 -37.53
N VAL D 323 39.41 33.43 -37.73
CA VAL D 323 38.62 32.64 -38.66
C VAL D 323 37.93 33.59 -39.63
N THR D 324 37.96 33.26 -40.91
CA THR D 324 37.31 34.06 -41.92
C THR D 324 35.94 33.48 -42.26
N ASN D 325 35.00 34.36 -42.59
CA ASN D 325 33.63 33.97 -42.88
C ASN D 325 33.20 34.61 -44.20
N GLN D 326 32.38 33.87 -44.95
CA GLN D 326 31.87 34.36 -46.22
C GLN D 326 30.64 35.24 -46.02
N VAL D 327 30.16 35.81 -47.10
CA VAL D 327 28.96 36.63 -47.08
C VAL D 327 27.97 36.17 -48.14
N PRO D 344 26.52 37.03 -42.17
CA PRO D 344 27.27 35.87 -41.68
C PRO D 344 26.46 34.57 -41.76
N ILE D 345 27.14 33.46 -42.00
CA ILE D 345 26.49 32.16 -42.11
C ILE D 345 26.69 31.40 -40.80
N GLY D 346 25.59 30.90 -40.24
CA GLY D 346 25.63 30.16 -39.00
C GLY D 346 24.67 30.69 -37.96
N GLY D 347 24.52 32.01 -37.92
CA GLY D 347 23.55 32.64 -37.06
C GLY D 347 23.91 32.72 -35.59
N ASN D 348 22.99 32.30 -34.73
CA ASN D 348 23.14 32.50 -33.29
C ASN D 348 24.35 31.76 -32.73
N ILE D 349 24.57 30.52 -33.18
CA ILE D 349 25.64 29.70 -32.60
C ILE D 349 27.00 30.34 -32.89
N MET D 350 27.24 30.70 -34.16
CA MET D 350 28.51 31.30 -34.51
C MET D 350 28.66 32.70 -33.94
N ALA D 351 27.55 33.44 -33.82
CA ALA D 351 27.61 34.76 -33.21
C ALA D 351 28.02 34.68 -31.75
N HIS D 352 27.45 33.71 -31.02
CA HIS D 352 27.84 33.50 -29.62
C HIS D 352 29.28 33.02 -29.52
N SER D 353 29.68 32.11 -30.41
CA SER D 353 31.05 31.62 -30.39
C SER D 353 32.04 32.74 -30.71
N SER D 354 31.72 33.59 -31.68
CA SER D 354 32.60 34.67 -32.08
C SER D 354 32.68 35.72 -30.97
N THR D 355 33.81 35.76 -30.26
CA THR D 355 34.00 36.78 -29.23
C THR D 355 34.03 38.17 -29.86
N THR D 356 34.68 38.32 -31.00
CA THR D 356 34.72 39.58 -31.73
C THR D 356 34.42 39.30 -33.20
N ARG D 357 33.69 40.23 -33.83
CA ARG D 357 33.31 40.11 -35.22
C ARG D 357 33.68 41.38 -35.97
N LEU D 358 34.25 41.22 -37.17
CA LEU D 358 34.67 42.35 -37.99
C LEU D 358 34.13 42.17 -39.40
N GLY D 359 33.29 43.10 -39.83
CA GLY D 359 32.79 43.10 -41.19
C GLY D 359 33.69 43.91 -42.11
N PHE D 360 33.83 43.42 -43.34
CA PHE D 360 34.73 43.99 -44.33
C PHE D 360 33.97 44.36 -45.58
N LYS D 361 34.31 45.51 -46.15
CA LYS D 361 33.72 46.00 -47.39
C LYS D 361 34.83 46.44 -48.34
N LYS D 362 34.57 46.27 -49.63
CA LYS D 362 35.54 46.62 -50.67
C LYS D 362 35.34 48.07 -51.06
N GLY D 363 36.34 48.91 -50.77
CA GLY D 363 36.31 50.31 -51.10
C GLY D 363 36.88 50.59 -52.47
N LYS D 364 37.14 51.87 -52.72
CA LYS D 364 37.69 52.28 -54.00
C LYS D 364 39.13 51.77 -54.16
N GLY D 365 39.42 51.25 -55.34
CA GLY D 365 40.76 50.74 -55.62
C GLY D 365 41.12 49.59 -54.69
N CYS D 366 42.35 49.64 -54.17
CA CYS D 366 42.82 48.63 -53.24
C CYS D 366 42.40 48.88 -51.80
N GLN D 367 41.79 50.04 -51.51
CA GLN D 367 41.38 50.34 -50.16
C GLN D 367 40.17 49.51 -49.75
N ARG D 368 40.12 49.16 -48.47
CA ARG D 368 39.03 48.37 -47.91
C ARG D 368 38.62 48.98 -46.58
N LEU D 369 37.37 48.74 -46.19
CA LEU D 369 36.79 49.26 -44.96
C LEU D 369 36.51 48.12 -44.00
N CYS D 370 36.80 48.34 -42.72
CA CYS D 370 36.59 47.33 -41.68
C CYS D 370 35.82 47.95 -40.54
N LYS D 371 34.76 47.27 -40.09
CA LYS D 371 33.88 47.78 -39.05
C LYS D 371 33.64 46.72 -37.99
N VAL D 372 33.70 47.13 -36.72
CA VAL D 372 33.41 46.21 -35.63
C VAL D 372 31.92 45.89 -35.61
N VAL D 373 31.58 44.69 -35.13
CA VAL D 373 30.19 44.27 -35.04
C VAL D 373 29.85 43.94 -33.59
N ASP D 374 30.57 42.96 -33.03
CA ASP D 374 30.36 42.52 -31.66
C ASP D 374 31.63 42.73 -30.87
N SER D 375 31.56 43.53 -29.82
CA SER D 375 32.70 43.75 -28.94
C SER D 375 32.20 44.19 -27.56
N PRO D 376 32.41 43.37 -26.52
CA PRO D 376 31.95 43.75 -25.18
C PRO D 376 32.60 45.02 -24.66
N CYS D 377 33.83 45.33 -25.10
CA CYS D 377 34.58 46.48 -24.59
C CYS D 377 34.73 47.59 -25.62
N LEU D 378 35.28 47.28 -26.79
CA LEU D 378 35.53 48.32 -27.77
C LEU D 378 34.23 48.80 -28.41
N PRO D 379 33.97 50.11 -28.44
CA PRO D 379 32.76 50.60 -29.10
C PRO D 379 32.83 50.38 -30.60
N GLU D 380 31.65 50.31 -31.22
CA GLU D 380 31.57 50.07 -32.65
C GLU D 380 32.06 51.28 -33.44
N ALA D 381 32.91 51.04 -34.42
CA ALA D 381 33.47 52.10 -35.25
C ALA D 381 33.94 51.48 -36.57
N GLU D 382 34.52 52.33 -37.42
CA GLU D 382 34.98 51.91 -38.73
C GLU D 382 36.39 52.44 -38.98
N CYS D 383 37.09 51.77 -39.90
CA CYS D 383 38.45 52.14 -40.26
C CYS D 383 38.70 51.76 -41.71
N VAL D 384 39.74 52.34 -42.30
CA VAL D 384 40.10 52.10 -43.69
C VAL D 384 41.56 51.66 -43.76
N PHE D 385 41.84 50.63 -44.56
CA PHE D 385 43.20 50.17 -44.79
C PHE D 385 43.40 49.94 -46.28
N ALA D 386 44.62 49.60 -46.67
CA ALA D 386 44.96 49.41 -48.08
C ALA D 386 45.77 48.14 -48.25
N ILE D 387 45.80 47.65 -49.48
CA ILE D 387 46.52 46.44 -49.84
C ILE D 387 47.48 46.75 -50.98
N TYR D 388 48.75 46.39 -50.77
CA TYR D 388 49.78 46.57 -51.83
C TYR D 388 50.52 45.25 -51.94
N GLU D 389 51.44 45.14 -52.90
CA GLU D 389 52.21 43.92 -53.10
C GLU D 389 52.90 43.49 -51.81
N ASP D 390 53.31 44.43 -50.97
CA ASP D 390 53.96 44.10 -49.72
C ASP D 390 53.01 43.59 -48.64
N GLY D 391 51.69 43.71 -48.85
CA GLY D 391 50.73 43.19 -47.90
C GLY D 391 49.70 44.23 -47.53
N VAL D 392 49.11 44.06 -46.36
CA VAL D 392 48.04 44.94 -45.87
C VAL D 392 48.64 45.97 -44.94
N GLY D 393 48.33 47.25 -45.19
CA GLY D 393 48.83 48.32 -44.36
C GLY D 393 47.93 49.53 -44.32
N ASP D 394 48.47 50.65 -43.80
CA ASP D 394 47.71 51.89 -43.77
C ASP D 394 47.53 52.44 -45.18
N PRO D 395 46.37 53.05 -45.47
CA PRO D 395 46.18 53.69 -46.77
C PRO D 395 47.13 54.86 -46.96
N ARG D 396 47.60 55.04 -48.19
CA ARG D 396 48.47 56.16 -48.54
C ARG D 396 47.66 57.29 -49.16
N GLU D 397 48.31 58.43 -49.32
CA GLU D 397 47.64 59.61 -49.86
C GLU D 397 47.23 59.39 -51.31
N GLU D 398 47.98 58.56 -52.04
CA GLU D 398 47.66 58.32 -53.45
C GLU D 398 46.33 57.61 -53.62
N ASP D 399 46.02 56.73 -52.66
CA ASP D 399 44.74 55.96 -52.70
C ASP D 399 43.69 56.68 -51.87
N GLU D 400 44.13 57.43 -50.85
CA GLU D 400 43.18 58.20 -50.01
C GLU D 400 42.50 59.27 -50.88
N VAL E 81 -32.17 -49.73 11.82
CA VAL E 81 -33.10 -50.54 12.61
C VAL E 81 -34.07 -49.62 13.36
N PRO E 82 -35.36 -49.86 13.17
CA PRO E 82 -36.37 -48.99 13.81
C PRO E 82 -36.30 -49.07 15.33
N ILE E 83 -36.62 -47.94 15.97
CA ILE E 83 -36.70 -47.92 17.43
C ILE E 83 -37.88 -48.75 17.91
N GLU E 84 -39.01 -48.70 17.18
CA GLU E 84 -40.18 -49.47 17.59
C GLU E 84 -39.93 -50.97 17.54
N LYS E 85 -38.86 -51.40 16.90
CA LYS E 85 -38.51 -52.82 16.86
C LYS E 85 -38.07 -53.35 18.22
N LEU E 86 -37.58 -52.48 19.10
CA LEU E 86 -36.94 -52.96 20.32
C LEU E 86 -37.92 -53.58 21.29
N GLN E 87 -39.23 -53.46 21.04
CA GLN E 87 -40.22 -54.01 21.96
C GLN E 87 -40.09 -55.53 22.03
N VAL E 88 -39.56 -56.01 23.14
CA VAL E 88 -39.26 -57.43 23.35
C VAL E 88 -39.61 -57.78 24.79
N ASN E 89 -40.17 -58.98 24.97
CA ASN E 89 -40.53 -59.57 26.27
C ASN E 89 -40.96 -58.52 27.29
N GLY E 90 -41.86 -57.63 26.88
CA GLY E 90 -42.48 -56.69 27.80
C GLY E 90 -41.82 -55.34 27.90
N ILE E 91 -41.64 -54.66 26.76
CA ILE E 91 -41.19 -53.28 26.76
C ILE E 91 -42.42 -52.38 26.89
N THR E 92 -42.52 -51.67 28.00
CA THR E 92 -43.63 -50.74 28.20
C THR E 92 -43.51 -49.55 27.25
N MET E 93 -44.64 -49.11 26.73
CA MET E 93 -44.64 -47.97 25.82
C MET E 93 -44.26 -46.67 26.53
N ALA E 94 -44.47 -46.62 27.86
CA ALA E 94 -44.04 -45.45 28.61
C ALA E 94 -42.53 -45.28 28.55
N ASP E 95 -41.78 -46.37 28.65
CA ASP E 95 -40.33 -46.31 28.51
C ASP E 95 -39.94 -45.89 27.10
N VAL E 96 -40.70 -46.35 26.10
CA VAL E 96 -40.42 -45.94 24.71
C VAL E 96 -40.61 -44.44 24.55
N LYS E 97 -41.68 -43.90 25.13
CA LYS E 97 -41.91 -42.46 25.05
C LYS E 97 -40.87 -41.68 25.84
N LYS E 98 -40.40 -42.24 26.96
CA LYS E 98 -39.32 -41.59 27.71
C LYS E 98 -38.05 -41.53 26.87
N LEU E 99 -37.73 -42.62 26.15
CA LEU E 99 -36.61 -42.59 25.23
C LEU E 99 -36.82 -41.58 24.11
N ARG E 100 -38.06 -41.50 23.60
CA ARG E 100 -38.36 -40.54 22.55
C ARG E 100 -38.10 -39.11 23.01
N GLU E 101 -38.58 -38.77 24.21
CA GLU E 101 -38.33 -37.44 24.76
C GLU E 101 -36.90 -37.26 25.23
N SER E 102 -36.13 -38.35 25.38
CA SER E 102 -34.73 -38.25 25.76
C SER E 102 -33.81 -38.04 24.56
N GLY E 103 -34.35 -38.05 23.34
CA GLY E 103 -33.56 -37.86 22.14
C GLY E 103 -33.17 -39.13 21.41
N LEU E 104 -33.34 -40.29 22.04
CA LEU E 104 -32.96 -41.56 21.44
C LEU E 104 -34.11 -42.07 20.58
N HIS E 105 -33.96 -41.99 19.26
CA HIS E 105 -35.01 -42.38 18.33
C HIS E 105 -34.60 -43.55 17.44
N THR E 106 -33.51 -44.24 17.75
CA THR E 106 -33.06 -45.36 16.94
C THR E 106 -32.54 -46.46 17.86
N ALA E 107 -32.68 -47.71 17.40
CA ALA E 107 -32.21 -48.84 18.18
C ALA E 107 -30.70 -48.76 18.42
N GLU E 108 -29.95 -48.27 17.44
CA GLU E 108 -28.51 -48.09 17.63
C GLU E 108 -28.23 -47.07 18.72
N ALA E 109 -29.08 -46.05 18.84
CA ALA E 109 -28.87 -45.01 19.83
C ALA E 109 -28.92 -45.57 21.25
N VAL E 110 -29.86 -46.48 21.51
CA VAL E 110 -29.91 -47.09 22.83
C VAL E 110 -28.87 -48.21 22.95
N ALA E 111 -28.54 -48.89 21.85
CA ALA E 111 -27.56 -49.95 21.91
C ALA E 111 -26.18 -49.42 22.28
N TYR E 112 -25.79 -48.28 21.71
CA TYR E 112 -24.44 -47.77 21.93
C TYR E 112 -24.34 -46.91 23.20
N ALA E 113 -25.44 -46.34 23.64
CA ALA E 113 -25.39 -45.39 24.76
C ALA E 113 -24.95 -46.09 26.03
N PRO E 114 -24.14 -45.44 26.87
CA PRO E 114 -23.74 -46.05 28.14
C PRO E 114 -24.91 -46.14 29.11
N ARG E 115 -24.80 -47.09 30.04
CA ARG E 115 -25.87 -47.33 30.99
C ARG E 115 -26.11 -46.13 31.91
N LYS E 116 -25.05 -45.37 32.20
CA LYS E 116 -25.21 -44.20 33.08
C LYS E 116 -26.14 -43.17 32.46
N ASP E 117 -26.14 -43.03 31.14
CA ASP E 117 -27.07 -42.12 30.48
C ASP E 117 -28.50 -42.56 30.70
N LEU E 118 -28.77 -43.86 30.61
CA LEU E 118 -30.12 -44.37 30.87
C LEU E 118 -30.49 -44.16 32.34
N LEU E 119 -29.55 -44.39 33.25
CA LEU E 119 -29.84 -44.18 34.66
C LEU E 119 -30.10 -42.72 34.99
N GLU E 120 -29.49 -41.80 34.23
CA GLU E 120 -29.74 -40.38 34.46
C GLU E 120 -31.14 -39.96 34.06
N ILE E 121 -31.86 -40.80 33.32
CA ILE E 121 -33.22 -40.49 32.88
C ILE E 121 -34.20 -40.92 33.97
N LYS E 122 -35.10 -40.02 34.34
CA LYS E 122 -36.09 -40.32 35.37
C LYS E 122 -37.05 -41.41 34.90
N GLY E 123 -37.56 -42.17 35.87
CA GLY E 123 -38.49 -43.24 35.57
C GLY E 123 -37.87 -44.50 35.01
N ILE E 124 -36.54 -44.63 35.06
CA ILE E 124 -35.84 -45.79 34.53
C ILE E 124 -35.11 -46.47 35.69
N SER E 125 -35.38 -47.76 35.87
CA SER E 125 -34.72 -48.54 36.90
C SER E 125 -33.46 -49.20 36.33
N GLU E 126 -32.55 -49.55 37.24
CA GLU E 126 -31.24 -50.06 36.82
C GLU E 126 -31.36 -51.43 36.16
N ALA E 127 -32.11 -52.34 36.78
CA ALA E 127 -32.24 -53.69 36.23
C ALA E 127 -32.94 -53.68 34.88
N LYS E 128 -34.02 -52.90 34.75
CA LYS E 128 -34.70 -52.83 33.47
C LYS E 128 -33.85 -52.11 32.42
N ALA E 129 -33.05 -51.14 32.84
CA ALA E 129 -32.12 -50.50 31.91
C ALA E 129 -31.09 -51.52 31.39
N ASP E 130 -30.56 -52.35 32.28
CA ASP E 130 -29.58 -53.36 31.87
C ASP E 130 -30.21 -54.37 30.93
N LYS E 131 -31.44 -54.82 31.23
CA LYS E 131 -32.05 -55.82 30.37
C LYS E 131 -32.42 -55.25 29.00
N LEU E 132 -32.90 -54.00 28.95
CA LEU E 132 -33.13 -53.40 27.64
C LEU E 132 -31.83 -53.16 26.91
N LEU E 133 -30.75 -52.88 27.64
CA LEU E 133 -29.44 -52.74 27.00
C LEU E 133 -29.00 -54.04 26.35
N ASN E 134 -29.17 -55.16 27.05
CA ASN E 134 -28.77 -56.43 26.44
C ASN E 134 -29.70 -56.82 25.30
N GLU E 135 -30.99 -56.46 25.40
CA GLU E 135 -31.91 -56.71 24.29
C GLU E 135 -31.51 -55.91 23.05
N ALA E 136 -31.06 -54.67 23.25
CA ALA E 136 -30.56 -53.89 22.12
C ALA E 136 -29.25 -54.47 21.59
N ALA E 137 -28.38 -54.94 22.49
CA ALA E 137 -27.06 -55.42 22.08
C ALA E 137 -27.15 -56.74 21.31
N ARG E 138 -28.14 -57.57 21.62
CA ARG E 138 -28.24 -58.84 20.92
C ARG E 138 -28.62 -58.68 19.45
N LEU E 139 -29.18 -57.53 19.07
CA LEU E 139 -29.54 -57.30 17.66
C LEU E 139 -28.34 -56.82 16.86
N VAL E 140 -27.79 -55.67 17.23
CA VAL E 140 -26.63 -55.13 16.51
C VAL E 140 -25.37 -55.84 16.97
N PRO E 141 -24.46 -56.25 16.08
CA PRO E 141 -23.23 -56.92 16.53
C PRO E 141 -22.30 -55.98 17.27
N MET E 142 -21.93 -56.34 18.51
CA MET E 142 -21.08 -55.42 19.32
C MET E 142 -19.85 -56.18 19.86
N GLY E 143 -19.22 -57.01 19.03
CA GLY E 143 -18.08 -57.81 19.49
C GLY E 143 -16.89 -57.72 18.57
N PHE E 144 -16.03 -58.73 18.58
CA PHE E 144 -14.81 -58.72 17.74
C PHE E 144 -15.20 -58.98 16.30
N VAL E 145 -14.55 -58.30 15.35
CA VAL E 145 -14.88 -58.47 13.91
C VAL E 145 -13.57 -58.58 13.11
N THR E 146 -13.36 -59.67 12.38
CA THR E 146 -12.12 -59.81 11.65
C THR E 146 -11.97 -58.69 10.61
N ALA E 147 -10.73 -58.33 10.32
CA ALA E 147 -10.46 -57.19 9.45
C ALA E 147 -11.07 -57.37 8.07
N ALA E 148 -11.10 -58.61 7.56
CA ALA E 148 -11.66 -58.87 6.23
C ALA E 148 -13.14 -58.53 6.18
N ASP E 149 -13.88 -58.91 7.22
CA ASP E 149 -15.30 -58.60 7.26
C ASP E 149 -15.54 -57.10 7.33
N PHE E 150 -14.75 -56.39 8.13
CA PHE E 150 -14.88 -54.93 8.18
C PHE E 150 -14.56 -54.31 6.83
N HIS E 151 -13.53 -54.81 6.15
CA HIS E 151 -13.17 -54.27 4.84
C HIS E 151 -14.28 -54.48 3.83
N MET E 152 -14.86 -55.68 3.80
CA MET E 152 -15.93 -55.94 2.83
C MET E 152 -17.18 -55.15 3.17
N ARG E 153 -17.45 -54.94 4.46
CA ARG E 153 -18.59 -54.11 4.85
C ARG E 153 -18.38 -52.68 4.42
N ARG E 154 -17.20 -52.11 4.70
CA ARG E 154 -16.93 -50.73 4.35
C ARG E 154 -16.87 -50.51 2.84
N SER E 155 -16.46 -51.54 2.08
CA SER E 155 -16.44 -51.42 0.63
C SER E 155 -17.84 -51.37 0.04
N GLU E 156 -18.86 -51.79 0.79
CA GLU E 156 -20.24 -51.73 0.34
C GLU E 156 -20.89 -50.38 0.65
N LEU E 157 -20.17 -49.47 1.29
CA LEU E 157 -20.74 -48.19 1.65
C LEU E 157 -21.07 -47.38 0.40
N ILE E 158 -22.22 -46.71 0.43
CA ILE E 158 -22.68 -45.90 -0.70
C ILE E 158 -21.87 -44.60 -0.71
N CYS E 159 -21.18 -44.35 -1.81
CA CYS E 159 -20.40 -43.14 -1.99
C CYS E 159 -21.21 -42.13 -2.77
N LEU E 160 -21.40 -40.95 -2.19
CA LEU E 160 -22.17 -39.91 -2.85
C LEU E 160 -21.44 -39.40 -4.08
N THR E 161 -22.21 -38.96 -5.07
CA THR E 161 -21.68 -38.49 -6.34
C THR E 161 -21.68 -36.97 -6.39
N THR E 162 -20.54 -36.39 -6.72
CA THR E 162 -20.39 -34.94 -6.81
C THR E 162 -20.47 -34.42 -8.24
N GLY E 163 -20.71 -35.30 -9.22
CA GLY E 163 -20.80 -34.91 -10.60
C GLY E 163 -19.48 -34.70 -11.30
N SER E 164 -18.43 -34.33 -10.58
CA SER E 164 -17.11 -34.09 -11.15
C SER E 164 -16.29 -35.38 -11.09
N LYS E 165 -15.92 -35.90 -12.27
CA LYS E 165 -15.16 -37.14 -12.31
C LYS E 165 -13.78 -36.97 -11.68
N ASN E 166 -13.15 -35.80 -11.86
CA ASN E 166 -11.84 -35.57 -11.28
C ASN E 166 -11.88 -35.66 -9.75
N LEU E 167 -12.80 -34.92 -9.13
CA LEU E 167 -12.88 -34.92 -7.67
C LEU E 167 -13.43 -36.25 -7.15
N ASP E 168 -14.35 -36.87 -7.89
CA ASP E 168 -14.84 -38.19 -7.51
C ASP E 168 -13.72 -39.21 -7.49
N THR E 169 -12.85 -39.17 -8.49
CA THR E 169 -11.69 -40.07 -8.50
C THR E 169 -10.69 -39.70 -7.43
N LEU E 170 -10.61 -38.42 -7.07
CA LEU E 170 -9.64 -38.00 -6.05
C LEU E 170 -9.91 -38.67 -4.71
N LEU E 171 -11.17 -38.76 -4.31
CA LEU E 171 -11.53 -39.31 -3.01
C LEU E 171 -11.99 -40.77 -3.10
N GLY E 172 -11.83 -41.41 -4.25
CA GLY E 172 -12.25 -42.79 -4.38
C GLY E 172 -13.75 -43.00 -4.25
N GLY E 173 -14.54 -42.16 -4.90
CA GLY E 173 -15.99 -42.25 -4.84
C GLY E 173 -16.68 -41.04 -4.24
N GLY E 174 -15.95 -40.10 -3.65
CA GLY E 174 -16.55 -38.93 -3.06
C GLY E 174 -16.77 -39.07 -1.57
N VAL E 175 -17.70 -38.25 -1.06
CA VAL E 175 -18.01 -38.25 0.36
C VAL E 175 -18.67 -39.57 0.73
N GLU E 176 -18.26 -40.14 1.86
CA GLU E 176 -18.77 -41.42 2.33
C GLU E 176 -19.91 -41.20 3.32
N THR E 177 -20.85 -42.14 3.32
CA THR E 177 -22.01 -42.06 4.20
C THR E 177 -21.65 -42.62 5.58
N GLY E 178 -21.59 -41.76 6.58
CA GLY E 178 -21.31 -42.17 7.94
C GLY E 178 -20.06 -41.57 8.56
N SER E 179 -19.41 -40.61 7.91
CA SER E 179 -18.21 -40.00 8.43
C SER E 179 -18.29 -38.50 8.26
N ILE E 180 -17.50 -37.78 9.06
CA ILE E 180 -17.48 -36.33 9.02
C ILE E 180 -16.48 -35.87 7.98
N THR E 181 -16.94 -35.06 7.03
CA THR E 181 -16.12 -34.50 5.98
C THR E 181 -16.13 -32.99 6.10
N GLU E 182 -14.95 -32.38 6.21
CA GLU E 182 -14.81 -30.94 6.34
C GLU E 182 -14.14 -30.36 5.11
N LEU E 183 -14.67 -29.25 4.63
CA LEU E 183 -14.10 -28.52 3.49
C LEU E 183 -13.66 -27.16 4.00
N PHE E 184 -12.42 -26.80 3.70
CA PHE E 184 -11.91 -25.51 4.17
C PHE E 184 -11.02 -24.90 3.10
N GLY E 185 -10.78 -23.60 3.26
CA GLY E 185 -10.01 -22.85 2.30
C GLY E 185 -10.38 -21.38 2.38
N GLU E 186 -9.74 -20.61 1.50
CA GLU E 186 -10.03 -19.18 1.46
C GLU E 186 -11.41 -18.95 0.81
N PHE E 187 -11.83 -17.70 0.84
CA PHE E 187 -13.12 -17.33 0.26
C PHE E 187 -13.07 -17.48 -1.26
N ARG E 188 -14.25 -17.62 -1.86
CA ARG E 188 -14.40 -17.80 -3.31
C ARG E 188 -13.74 -19.09 -3.78
N THR E 189 -14.17 -20.22 -3.21
CA THR E 189 -13.65 -21.52 -3.59
C THR E 189 -14.72 -22.53 -3.97
N GLY E 190 -16.00 -22.16 -3.92
CA GLY E 190 -17.04 -23.02 -4.41
C GLY E 190 -17.46 -24.15 -3.49
N LYS E 191 -17.17 -24.07 -2.20
CA LYS E 191 -17.62 -25.09 -1.26
C LYS E 191 -19.14 -25.15 -1.22
N SER E 192 -19.79 -23.98 -1.20
CA SER E 192 -21.25 -23.94 -1.20
C SER E 192 -21.81 -24.59 -2.47
N GLN E 193 -21.13 -24.39 -3.60
CA GLN E 193 -21.57 -25.02 -4.84
C GLN E 193 -21.49 -26.54 -4.73
N LEU E 194 -20.42 -27.05 -4.12
CA LEU E 194 -20.31 -28.49 -3.90
C LEU E 194 -21.42 -29.00 -2.98
N CYS E 195 -21.72 -28.25 -1.93
CA CYS E 195 -22.83 -28.64 -1.04
C CYS E 195 -24.14 -28.68 -1.81
N HIS E 196 -24.39 -27.69 -2.65
CA HIS E 196 -25.61 -27.67 -3.46
C HIS E 196 -25.66 -28.87 -4.39
N THR E 197 -24.54 -29.19 -5.04
CA THR E 197 -24.52 -30.31 -5.97
C THR E 197 -24.78 -31.63 -5.25
N LEU E 198 -24.16 -31.83 -4.08
CA LEU E 198 -24.43 -33.03 -3.30
C LEU E 198 -25.89 -33.08 -2.88
N ALA E 199 -26.46 -31.94 -2.51
CA ALA E 199 -27.87 -31.92 -2.12
C ALA E 199 -28.76 -32.35 -3.28
N VAL E 200 -28.46 -31.90 -4.49
CA VAL E 200 -29.26 -32.31 -5.64
C VAL E 200 -29.08 -33.78 -5.94
N THR E 201 -27.83 -34.25 -5.97
CA THR E 201 -27.55 -35.60 -6.45
C THR E 201 -28.10 -36.67 -5.49
N CYS E 202 -28.04 -36.41 -4.18
CA CYS E 202 -28.34 -37.45 -3.19
C CYS E 202 -29.79 -37.94 -3.28
N GLN E 203 -30.56 -37.38 -4.21
CA GLN E 203 -31.93 -37.82 -4.44
C GLN E 203 -32.08 -38.68 -5.68
N ILE E 204 -31.05 -38.78 -6.52
CA ILE E 204 -31.11 -39.58 -7.73
C ILE E 204 -30.89 -41.04 -7.35
N PRO E 205 -31.28 -42.00 -8.19
CA PRO E 205 -31.15 -43.41 -7.80
C PRO E 205 -29.70 -43.83 -7.58
N LEU E 206 -29.55 -45.06 -7.07
CA LEU E 206 -28.24 -45.54 -6.65
C LEU E 206 -27.31 -45.75 -7.84
N ASP E 207 -27.87 -46.10 -9.01
CA ASP E 207 -27.04 -46.40 -10.17
C ASP E 207 -26.23 -45.18 -10.61
N ILE E 208 -26.82 -43.99 -10.51
CA ILE E 208 -26.16 -42.77 -10.97
C ILE E 208 -25.44 -42.13 -9.79
N GLY E 209 -25.27 -42.89 -8.71
CA GLY E 209 -24.47 -42.45 -7.58
C GLY E 209 -25.24 -41.77 -6.48
N GLY E 210 -26.55 -41.64 -6.58
CA GLY E 210 -27.32 -41.03 -5.52
C GLY E 210 -27.57 -41.97 -4.37
N GLY E 211 -28.03 -41.38 -3.25
CA GLY E 211 -28.35 -42.15 -2.07
C GLY E 211 -29.80 -42.53 -1.91
N GLU E 212 -30.68 -42.03 -2.77
CA GLU E 212 -32.12 -42.28 -2.68
C GLU E 212 -32.66 -41.88 -1.31
N GLY E 213 -32.27 -40.69 -0.87
CA GLY E 213 -32.75 -40.17 0.40
C GLY E 213 -32.86 -38.66 0.40
N LYS E 214 -33.85 -38.13 1.11
CA LYS E 214 -34.05 -36.69 1.16
C LYS E 214 -32.87 -36.01 1.85
N CYS E 215 -32.62 -34.77 1.46
CA CYS E 215 -31.49 -34.01 1.98
C CYS E 215 -31.93 -33.07 3.09
N LEU E 216 -31.02 -32.82 4.02
CA LEU E 216 -31.23 -31.85 5.08
C LEU E 216 -30.14 -30.79 4.98
N TYR E 217 -30.52 -29.53 5.16
CA TYR E 217 -29.59 -28.41 4.98
C TYR E 217 -29.75 -27.47 6.16
N ILE E 218 -28.79 -27.49 7.09
CA ILE E 218 -28.71 -26.52 8.16
C ILE E 218 -27.79 -25.40 7.68
N ASP E 219 -28.33 -24.19 7.58
CA ASP E 219 -27.59 -23.05 7.08
C ASP E 219 -27.41 -22.05 8.20
N THR E 220 -26.22 -21.44 8.25
CA THR E 220 -25.92 -20.44 9.27
C THR E 220 -25.53 -19.10 8.66
N GLU E 221 -25.68 -18.94 7.33
CA GLU E 221 -25.32 -17.69 6.68
C GLU E 221 -26.31 -17.26 5.61
N GLY E 222 -27.42 -17.98 5.44
CA GLY E 222 -28.44 -17.58 4.48
C GLY E 222 -27.96 -17.61 3.03
N THR E 223 -27.27 -18.68 2.64
CA THR E 223 -26.71 -18.80 1.30
C THR E 223 -27.43 -19.85 0.47
N PHE E 224 -28.69 -20.13 0.78
CA PHE E 224 -29.48 -21.11 0.04
C PHE E 224 -30.40 -20.41 -0.94
N ARG E 225 -30.40 -20.88 -2.18
CA ARG E 225 -31.22 -20.30 -3.25
C ARG E 225 -31.91 -21.44 -3.99
N PRO E 226 -33.21 -21.62 -3.78
CA PRO E 226 -33.92 -22.75 -4.41
C PRO E 226 -34.19 -22.55 -5.89
N VAL E 227 -33.53 -21.55 -6.51
CA VAL E 227 -33.68 -21.34 -7.94
C VAL E 227 -32.66 -22.17 -8.71
N ARG E 228 -31.44 -22.28 -8.20
CA ARG E 228 -30.41 -23.08 -8.86
C ARG E 228 -30.64 -24.57 -8.70
N LEU E 229 -31.44 -24.97 -7.71
CA LEU E 229 -31.73 -26.39 -7.52
C LEU E 229 -32.44 -26.97 -8.73
N VAL E 230 -33.38 -26.22 -9.32
CA VAL E 230 -34.10 -26.69 -10.48
C VAL E 230 -33.15 -26.87 -11.67
N SER E 231 -32.24 -25.92 -11.86
CA SER E 231 -31.27 -26.03 -12.96
C SER E 231 -30.37 -27.24 -12.78
N ILE E 232 -29.90 -27.48 -11.55
CA ILE E 232 -29.05 -28.65 -11.33
C ILE E 232 -29.83 -29.93 -11.56
N ALA E 233 -31.10 -29.96 -11.12
CA ALA E 233 -31.92 -31.14 -11.36
C ALA E 233 -32.15 -31.37 -12.85
N GLN E 234 -32.31 -30.29 -13.61
CA GLN E 234 -32.41 -30.42 -15.06
C GLN E 234 -31.13 -30.99 -15.65
N ARG E 235 -29.97 -30.56 -15.14
CA ARG E 235 -28.71 -31.12 -15.61
C ARG E 235 -28.64 -32.61 -15.32
N PHE E 236 -29.12 -33.03 -14.15
CA PHE E 236 -29.13 -34.44 -13.80
C PHE E 236 -30.39 -35.16 -14.26
N GLY E 237 -31.27 -34.47 -14.99
CA GLY E 237 -32.43 -35.09 -15.61
C GLY E 237 -33.55 -35.48 -14.69
N LEU E 238 -33.33 -35.51 -13.38
CA LEU E 238 -34.39 -35.87 -12.45
C LEU E 238 -35.43 -34.75 -12.38
N ASP E 239 -36.66 -35.13 -12.06
CA ASP E 239 -37.77 -34.19 -12.10
C ASP E 239 -37.55 -33.05 -11.12
N PRO E 240 -37.95 -31.83 -11.45
CA PRO E 240 -37.74 -30.71 -10.50
C PRO E 240 -38.69 -30.75 -9.32
N ASP E 241 -39.96 -31.12 -9.54
CA ASP E 241 -40.96 -31.02 -8.48
C ASP E 241 -40.60 -31.90 -7.28
N ASP E 242 -40.33 -33.18 -7.54
CA ASP E 242 -39.99 -34.08 -6.44
C ASP E 242 -38.59 -33.79 -5.89
N ALA E 243 -37.69 -33.27 -6.73
CA ALA E 243 -36.37 -32.89 -6.23
C ALA E 243 -36.47 -31.77 -5.20
N LEU E 244 -37.30 -30.76 -5.48
CA LEU E 244 -37.52 -29.70 -4.50
C LEU E 244 -38.31 -30.21 -3.30
N ASN E 245 -39.28 -31.09 -3.54
CA ASN E 245 -40.11 -31.59 -2.45
C ASN E 245 -39.29 -32.40 -1.46
N ASN E 246 -38.14 -32.93 -1.88
CA ASN E 246 -37.36 -33.85 -1.08
C ASN E 246 -36.16 -33.20 -0.41
N VAL E 247 -36.22 -31.91 -0.09
CA VAL E 247 -35.20 -31.28 0.73
C VAL E 247 -35.85 -30.63 1.93
N ALA E 248 -35.08 -30.47 2.99
CA ALA E 248 -35.50 -29.72 4.17
C ALA E 248 -34.45 -28.68 4.47
N TYR E 249 -34.89 -27.48 4.83
CA TYR E 249 -34.01 -26.37 5.15
C TYR E 249 -34.24 -25.94 6.59
N ALA E 250 -33.18 -25.50 7.25
CA ALA E 250 -33.28 -24.93 8.58
C ALA E 250 -32.23 -23.84 8.73
N ARG E 251 -32.68 -22.61 8.91
CA ARG E 251 -31.76 -21.51 9.19
C ARG E 251 -31.36 -21.53 10.65
N ALA E 252 -30.08 -21.29 10.92
CA ALA E 252 -29.55 -21.27 12.27
C ALA E 252 -29.20 -19.85 12.66
N TYR E 253 -29.81 -19.34 13.72
CA TYR E 253 -29.57 -17.99 14.19
C TYR E 253 -28.60 -17.94 15.36
N ASN E 254 -28.35 -19.06 16.03
CA ASN E 254 -27.45 -19.09 17.16
C ASN E 254 -26.97 -20.52 17.37
N ALA E 255 -25.86 -20.66 18.11
CA ALA E 255 -25.28 -21.97 18.33
C ALA E 255 -26.23 -22.89 19.09
N ASP E 256 -26.92 -22.35 20.09
CA ASP E 256 -27.91 -23.15 20.81
C ASP E 256 -29.01 -23.63 19.88
N HIS E 257 -29.49 -22.76 19.01
CA HIS E 257 -30.47 -23.17 18.01
C HIS E 257 -29.89 -24.21 17.07
N GLN E 258 -28.61 -24.06 16.71
CA GLN E 258 -27.97 -25.04 15.84
C GLN E 258 -27.95 -26.42 16.48
N LEU E 259 -27.61 -26.48 17.78
CA LEU E 259 -27.61 -27.77 18.46
C LEU E 259 -29.01 -28.31 18.63
N ARG E 260 -29.99 -27.44 18.91
CA ARG E 260 -31.37 -27.90 19.07
C ARG E 260 -31.93 -28.40 17.76
N LEU E 261 -31.43 -27.92 16.63
CA LEU E 261 -31.91 -28.37 15.34
C LEU E 261 -31.66 -29.86 15.13
N LEU E 262 -30.53 -30.37 15.62
CA LEU E 262 -30.26 -31.80 15.48
C LEU E 262 -31.28 -32.63 16.25
N ASP E 263 -31.58 -32.22 17.49
CA ASP E 263 -32.61 -32.92 18.27
C ASP E 263 -33.96 -32.84 17.57
N ALA E 264 -34.28 -31.67 17.01
CA ALA E 264 -35.54 -31.52 16.29
C ALA E 264 -35.58 -32.44 15.07
N ALA E 265 -34.47 -32.54 14.35
CA ALA E 265 -34.44 -33.28 13.09
C ALA E 265 -34.32 -34.78 13.28
N ALA E 266 -33.93 -35.23 14.48
CA ALA E 266 -33.73 -36.66 14.70
C ALA E 266 -35.01 -37.45 14.41
N GLN E 267 -36.16 -36.96 14.87
CA GLN E 267 -37.39 -37.73 14.69
C GLN E 267 -37.75 -37.86 13.21
N MET E 268 -37.61 -36.80 12.41
CA MET E 268 -37.89 -36.98 11.00
C MET E 268 -36.81 -37.77 10.27
N MET E 269 -35.58 -37.81 10.78
CA MET E 269 -34.71 -38.87 10.26
C MET E 269 -35.18 -40.25 10.68
N SER E 270 -35.98 -40.36 11.73
CA SER E 270 -36.58 -41.63 12.14
C SER E 270 -37.96 -41.84 11.53
N GLU E 271 -38.41 -40.92 10.68
CA GLU E 271 -39.71 -41.05 10.02
C GLU E 271 -39.62 -41.42 8.55
N SER E 272 -38.55 -41.01 7.87
CA SER E 272 -38.37 -41.34 6.47
C SER E 272 -36.88 -41.45 6.17
N ARG E 273 -36.57 -42.10 5.05
CA ARG E 273 -35.18 -42.35 4.70
C ARG E 273 -34.43 -41.04 4.44
N PHE E 274 -33.22 -40.96 5.01
CA PHE E 274 -32.34 -39.83 4.81
C PHE E 274 -30.96 -40.35 4.39
N SER E 275 -30.27 -39.56 3.58
CA SER E 275 -28.94 -39.95 3.14
C SER E 275 -27.94 -38.80 3.14
N LEU E 276 -28.33 -37.58 3.47
CA LEU E 276 -27.40 -36.47 3.41
C LEU E 276 -27.81 -35.37 4.38
N ILE E 277 -26.86 -34.97 5.23
CA ILE E 277 -26.97 -33.78 6.06
C ILE E 277 -25.85 -32.85 5.65
N VAL E 278 -26.19 -31.58 5.43
CA VAL E 278 -25.21 -30.56 5.09
C VAL E 278 -25.32 -29.45 6.12
N VAL E 279 -24.17 -28.99 6.62
CA VAL E 279 -24.10 -27.91 7.60
C VAL E 279 -23.18 -26.85 7.05
N ASP E 280 -23.68 -25.61 6.97
CA ASP E 280 -22.89 -24.52 6.41
C ASP E 280 -23.23 -23.23 7.14
N SER E 281 -22.28 -22.70 7.90
CA SER E 281 -21.02 -23.37 8.15
C SER E 281 -20.92 -23.78 9.61
N VAL E 282 -19.75 -24.28 10.02
CA VAL E 282 -19.54 -24.71 11.40
C VAL E 282 -18.99 -23.54 12.22
N MET E 283 -17.92 -22.92 11.72
CA MET E 283 -17.19 -21.91 12.47
C MET E 283 -17.86 -20.55 12.50
N ALA E 284 -18.86 -20.31 11.65
CA ALA E 284 -19.41 -18.97 11.53
C ALA E 284 -20.06 -18.50 12.82
N LEU E 285 -20.88 -19.35 13.45
CA LEU E 285 -21.59 -18.92 14.65
C LEU E 285 -20.65 -18.83 15.84
N TYR E 286 -19.76 -19.81 16.00
CA TYR E 286 -18.83 -19.80 17.12
C TYR E 286 -17.79 -18.68 17.01
N ARG E 287 -17.50 -18.21 15.79
CA ARG E 287 -16.59 -17.08 15.64
C ARG E 287 -17.16 -15.83 16.28
N THR E 288 -18.46 -15.58 16.10
CA THR E 288 -19.09 -14.38 16.61
C THR E 288 -19.56 -14.52 18.05
N ASP E 289 -20.06 -15.70 18.43
CA ASP E 289 -20.57 -15.88 19.78
C ASP E 289 -19.47 -15.98 20.82
N PHE E 290 -18.21 -16.09 20.41
CA PHE E 290 -17.11 -16.20 21.36
C PHE E 290 -15.90 -15.39 20.88
N GLU E 295 -13.11 -17.07 27.32
CA GLU E 295 -14.25 -17.48 26.49
C GLU E 295 -13.86 -18.59 25.53
N LEU E 296 -12.55 -18.77 25.33
CA LEU E 296 -12.07 -19.76 24.38
C LEU E 296 -12.46 -21.17 24.80
N SER E 297 -12.33 -21.48 26.10
CA SER E 297 -12.65 -22.81 26.58
C SER E 297 -14.12 -23.15 26.39
N ALA E 298 -15.00 -22.18 26.67
CA ALA E 298 -16.43 -22.40 26.50
C ALA E 298 -16.76 -22.78 25.06
N ARG E 299 -16.26 -21.98 24.12
CA ARG E 299 -16.41 -22.31 22.70
C ARG E 299 -15.83 -23.67 22.40
N GLN E 300 -14.70 -24.01 23.02
CA GLN E 300 -14.04 -25.28 22.72
C GLN E 300 -14.92 -26.47 23.09
N MET E 301 -15.42 -26.52 24.33
CA MET E 301 -16.21 -27.72 24.63
C MET E 301 -17.60 -27.65 24.04
N HIS E 302 -18.13 -26.46 23.74
CA HIS E 302 -19.40 -26.42 23.01
C HIS E 302 -19.24 -27.00 21.62
N LEU E 303 -18.16 -26.64 20.92
CA LEU E 303 -17.89 -27.23 19.62
C LEU E 303 -17.63 -28.72 19.73
N ALA E 304 -16.97 -29.15 20.81
CA ALA E 304 -16.76 -30.58 21.02
C ALA E 304 -18.11 -31.30 21.17
N LYS E 305 -19.03 -30.71 21.93
CA LYS E 305 -20.35 -31.30 22.09
C LYS E 305 -21.08 -31.38 20.76
N PHE E 306 -21.01 -30.31 19.96
CA PHE E 306 -21.67 -30.31 18.66
C PHE E 306 -21.10 -31.38 17.74
N MET E 307 -19.77 -31.51 17.71
CA MET E 307 -19.15 -32.53 16.87
C MET E 307 -19.47 -33.93 17.35
N ARG E 308 -19.54 -34.13 18.67
CA ARG E 308 -19.93 -35.42 19.21
C ARG E 308 -21.36 -35.76 18.80
N ALA E 309 -22.25 -34.76 18.85
CA ALA E 309 -23.63 -34.98 18.41
C ALA E 309 -23.68 -35.34 16.93
N LEU E 310 -22.88 -34.65 16.11
CA LEU E 310 -22.83 -34.95 14.68
C LEU E 310 -22.35 -36.38 14.43
N GLN E 311 -21.29 -36.79 15.14
CA GLN E 311 -20.80 -38.16 14.98
C GLN E 311 -21.83 -39.17 15.46
N ARG E 312 -22.54 -38.86 16.55
CA ARG E 312 -23.59 -39.75 17.03
C ARG E 312 -24.70 -39.89 15.99
N LEU E 313 -25.11 -38.80 15.37
CA LEU E 313 -26.12 -38.87 14.31
C LEU E 313 -25.63 -39.72 13.15
N ALA E 314 -24.37 -39.50 12.75
CA ALA E 314 -23.80 -40.25 11.63
C ALA E 314 -23.77 -41.74 11.93
N ASP E 315 -23.42 -42.11 13.16
CA ASP E 315 -23.36 -43.53 13.50
C ASP E 315 -24.76 -44.14 13.63
N GLN E 316 -25.69 -43.40 14.24
CA GLN E 316 -27.03 -43.95 14.45
C GLN E 316 -27.78 -44.14 13.14
N PHE E 317 -27.81 -43.11 12.29
CA PHE E 317 -28.61 -43.18 11.08
C PHE E 317 -27.82 -43.61 9.85
N GLY E 318 -26.49 -43.66 9.94
CA GLY E 318 -25.70 -44.04 8.78
C GLY E 318 -25.75 -43.05 7.64
N VAL E 319 -26.14 -41.81 7.91
CA VAL E 319 -26.33 -40.80 6.88
C VAL E 319 -25.03 -40.04 6.68
N ALA E 320 -24.75 -39.68 5.42
CA ALA E 320 -23.58 -38.87 5.12
C ALA E 320 -23.72 -37.51 5.76
N VAL E 321 -22.60 -36.98 6.25
CA VAL E 321 -22.56 -35.67 6.89
C VAL E 321 -21.46 -34.86 6.21
N VAL E 322 -21.83 -33.68 5.71
CA VAL E 322 -20.88 -32.75 5.11
C VAL E 322 -20.97 -31.44 5.88
N VAL E 323 -19.82 -30.89 6.27
CA VAL E 323 -19.79 -29.64 7.01
C VAL E 323 -18.85 -28.69 6.27
N THR E 324 -19.11 -27.40 6.44
CA THR E 324 -18.31 -26.37 5.78
C THR E 324 -17.50 -25.61 6.82
N ASN E 325 -16.26 -25.28 6.46
CA ASN E 325 -15.36 -24.53 7.33
C ASN E 325 -14.69 -23.42 6.52
N GLN E 326 -14.35 -22.34 7.22
CA GLN E 326 -13.71 -21.18 6.62
C GLN E 326 -12.42 -20.87 7.37
N VAL E 327 -11.38 -20.54 6.61
CA VAL E 327 -10.09 -20.19 7.21
C VAL E 327 -9.63 -18.83 6.70
N PRO E 344 -5.38 -24.05 11.79
CA PRO E 344 -6.68 -23.38 11.58
C PRO E 344 -7.20 -22.70 12.84
N ILE E 345 -8.30 -21.98 12.72
CA ILE E 345 -8.90 -21.31 13.86
C ILE E 345 -9.56 -22.34 14.76
N GLY E 346 -9.27 -22.29 16.05
CA GLY E 346 -9.77 -23.24 17.02
C GLY E 346 -8.78 -24.33 17.40
N GLY E 347 -7.71 -24.50 16.62
CA GLY E 347 -6.67 -25.45 16.96
C GLY E 347 -6.89 -26.86 16.44
N ASN E 348 -7.14 -27.80 17.35
CA ASN E 348 -7.20 -29.21 17.01
C ASN E 348 -8.57 -29.85 17.26
N ILE E 349 -9.51 -29.12 17.84
CA ILE E 349 -10.80 -29.71 18.19
C ILE E 349 -11.56 -30.14 16.94
N MET E 350 -11.48 -29.36 15.86
CA MET E 350 -12.10 -29.76 14.60
C MET E 350 -11.22 -30.71 13.81
N ALA E 351 -9.90 -30.67 14.02
CA ALA E 351 -9.00 -31.54 13.27
C ALA E 351 -9.10 -32.98 13.74
N HIS E 352 -9.24 -33.20 15.04
CA HIS E 352 -9.32 -34.56 15.56
C HIS E 352 -10.66 -35.21 15.21
N SER E 353 -11.75 -34.43 15.25
CA SER E 353 -13.07 -34.99 14.97
C SER E 353 -13.25 -35.28 13.49
N SER E 354 -12.78 -34.38 12.62
CA SER E 354 -13.02 -34.49 11.19
C SER E 354 -12.31 -35.71 10.63
N THR E 355 -13.09 -36.72 10.23
CA THR E 355 -12.50 -37.90 9.62
C THR E 355 -11.81 -37.57 8.31
N THR E 356 -12.44 -36.75 7.47
CA THR E 356 -11.89 -36.37 6.18
C THR E 356 -11.79 -34.85 6.10
N ARG E 357 -10.71 -34.36 5.50
CA ARG E 357 -10.52 -32.93 5.34
C ARG E 357 -10.05 -32.62 3.93
N LEU E 358 -10.64 -31.58 3.33
CA LEU E 358 -10.27 -31.13 1.99
C LEU E 358 -9.94 -29.64 2.05
N GLY E 359 -8.91 -29.25 1.30
CA GLY E 359 -8.52 -27.86 1.21
C GLY E 359 -8.65 -27.33 -0.21
N PHE E 360 -9.25 -26.15 -0.35
CA PHE E 360 -9.57 -25.59 -1.65
C PHE E 360 -8.69 -24.38 -1.91
N LYS E 361 -8.11 -24.31 -3.11
CA LYS E 361 -7.23 -23.23 -3.53
C LYS E 361 -7.75 -22.61 -4.81
N LYS E 362 -7.68 -21.29 -4.89
CA LYS E 362 -8.13 -20.56 -6.07
C LYS E 362 -7.25 -20.90 -7.27
N GLY E 363 -7.88 -21.02 -8.43
CA GLY E 363 -7.16 -21.30 -9.66
C GLY E 363 -7.26 -20.17 -10.68
N LYS E 364 -7.64 -20.52 -11.90
CA LYS E 364 -7.79 -19.55 -12.98
C LYS E 364 -9.26 -19.49 -13.38
N GLY E 365 -9.93 -18.41 -13.01
CA GLY E 365 -11.34 -18.26 -13.32
C GLY E 365 -12.21 -19.29 -12.64
N CYS E 366 -12.75 -20.22 -13.43
CA CYS E 366 -13.58 -21.29 -12.89
C CYS E 366 -12.76 -22.45 -12.34
N GLN E 367 -11.45 -22.45 -12.54
CA GLN E 367 -10.60 -23.53 -12.05
C GLN E 367 -10.38 -23.40 -10.55
N ARG E 368 -10.40 -24.55 -9.87
CA ARG E 368 -10.08 -24.62 -8.45
C ARG E 368 -9.27 -25.89 -8.21
N LEU E 369 -8.44 -25.85 -7.17
CA LEU E 369 -7.56 -26.97 -6.82
C LEU E 369 -8.01 -27.55 -5.49
N CYS E 370 -8.21 -28.86 -5.46
CA CYS E 370 -8.61 -29.57 -4.25
C CYS E 370 -7.46 -30.45 -3.79
N LYS E 371 -7.07 -30.30 -2.52
CA LYS E 371 -5.95 -31.05 -1.95
C LYS E 371 -6.42 -31.74 -0.68
N VAL E 372 -6.17 -33.04 -0.58
CA VAL E 372 -6.58 -33.79 0.60
C VAL E 372 -5.55 -33.56 1.70
N VAL E 373 -5.83 -32.59 2.57
CA VAL E 373 -4.88 -32.24 3.62
C VAL E 373 -4.73 -33.39 4.60
N ASP E 374 -5.84 -33.99 5.02
CA ASP E 374 -5.81 -35.06 6.01
C ASP E 374 -6.77 -36.16 5.58
N SER E 375 -6.29 -37.40 5.65
CA SER E 375 -7.12 -38.57 5.39
C SER E 375 -6.41 -39.81 5.92
N PRO E 376 -7.07 -40.62 6.75
CA PRO E 376 -6.39 -41.80 7.31
C PRO E 376 -6.06 -42.87 6.28
N CYS E 377 -6.72 -42.88 5.13
CA CYS E 377 -6.52 -43.93 4.13
C CYS E 377 -5.91 -43.42 2.84
N LEU E 378 -6.54 -42.42 2.20
CA LEU E 378 -6.07 -41.95 0.91
C LEU E 378 -4.81 -41.09 1.07
N PRO E 379 -3.84 -41.23 0.17
CA PRO E 379 -2.62 -40.42 0.27
C PRO E 379 -2.88 -38.97 -0.08
N GLU E 380 -2.00 -38.11 0.41
CA GLU E 380 -2.09 -36.68 0.15
C GLU E 380 -1.81 -36.42 -1.33
N ALA E 381 -2.76 -35.80 -2.02
CA ALA E 381 -2.65 -35.54 -3.45
C ALA E 381 -3.30 -34.19 -3.75
N GLU E 382 -3.52 -33.92 -5.03
CA GLU E 382 -4.17 -32.69 -5.46
C GLU E 382 -4.79 -32.91 -6.83
N CYS E 383 -5.86 -32.17 -7.11
CA CYS E 383 -6.59 -32.30 -8.37
C CYS E 383 -7.26 -30.98 -8.70
N VAL E 384 -7.89 -30.92 -9.88
CA VAL E 384 -8.45 -29.70 -10.42
C VAL E 384 -9.91 -29.94 -10.79
N PHE E 385 -10.75 -28.94 -10.56
CA PHE E 385 -12.16 -29.03 -10.92
C PHE E 385 -12.71 -27.65 -11.23
N ALA E 386 -13.79 -27.61 -12.01
CA ALA E 386 -14.40 -26.36 -12.43
C ALA E 386 -15.85 -26.31 -12.01
N ILE E 387 -16.40 -25.09 -11.97
CA ILE E 387 -17.78 -24.84 -11.59
C ILE E 387 -18.47 -24.09 -12.73
N TYR E 388 -19.63 -24.59 -13.14
CA TYR E 388 -20.44 -23.96 -14.17
C TYR E 388 -21.86 -23.82 -13.66
N GLU E 389 -22.72 -23.20 -14.48
CA GLU E 389 -24.08 -22.93 -14.06
C GLU E 389 -24.85 -24.20 -13.71
N ASP E 390 -24.44 -25.33 -14.28
CA ASP E 390 -25.11 -26.60 -14.01
C ASP E 390 -24.57 -27.30 -12.76
N GLY E 391 -23.44 -26.86 -12.22
CA GLY E 391 -22.90 -27.44 -11.01
C GLY E 391 -21.40 -27.62 -11.13
N VAL E 392 -20.88 -28.51 -10.30
CA VAL E 392 -19.45 -28.81 -10.26
C VAL E 392 -19.15 -29.90 -11.29
N GLY E 393 -18.02 -29.77 -11.97
CA GLY E 393 -17.65 -30.76 -12.97
C GLY E 393 -16.17 -30.67 -13.30
N ASP E 394 -15.79 -31.46 -14.31
CA ASP E 394 -14.44 -31.42 -14.83
C ASP E 394 -14.31 -30.27 -15.82
N PRO E 395 -13.23 -29.49 -15.73
CA PRO E 395 -13.06 -28.36 -16.66
C PRO E 395 -12.95 -28.84 -18.10
N ARG E 396 -13.54 -28.06 -19.01
CA ARG E 396 -13.45 -28.34 -20.43
C ARG E 396 -12.18 -27.75 -21.01
N GLU E 397 -11.78 -28.28 -22.17
CA GLU E 397 -10.52 -27.85 -22.79
C GLU E 397 -10.55 -26.36 -23.13
N GLU E 398 -11.72 -25.84 -23.52
CA GLU E 398 -11.84 -24.42 -23.79
C GLU E 398 -11.59 -23.60 -22.54
N ASP E 399 -12.10 -24.06 -21.39
CA ASP E 399 -11.90 -23.35 -20.13
C ASP E 399 -10.47 -23.43 -19.63
N GLU E 400 -9.66 -24.36 -20.17
CA GLU E 400 -8.27 -24.49 -19.76
C GLU E 400 -7.42 -23.35 -20.31
N PHE F 80 3.40 -70.55 26.61
CA PHE F 80 2.59 -70.48 27.82
C PHE F 80 2.21 -71.88 28.29
N VAL F 81 1.54 -71.95 29.44
CA VAL F 81 1.08 -73.22 29.99
C VAL F 81 -0.45 -73.20 30.07
N PRO F 82 -1.14 -74.05 29.30
CA PRO F 82 -2.60 -74.09 29.37
C PRO F 82 -3.08 -74.57 30.72
N ILE F 83 -4.29 -74.12 31.10
CA ILE F 83 -4.88 -74.49 32.38
C ILE F 83 -5.31 -75.95 32.42
N GLU F 84 -5.28 -76.65 31.29
CA GLU F 84 -5.69 -78.05 31.27
C GLU F 84 -4.78 -78.92 32.13
N LYS F 85 -3.47 -78.66 32.08
CA LYS F 85 -2.52 -79.43 32.88
C LYS F 85 -2.52 -79.03 34.35
N LEU F 86 -3.23 -77.95 34.71
CA LEU F 86 -3.24 -77.51 36.10
C LEU F 86 -3.88 -78.55 37.01
N GLN F 87 -4.97 -79.17 36.56
CA GLN F 87 -5.69 -80.13 37.39
C GLN F 87 -4.82 -81.36 37.66
N VAL F 88 -4.58 -81.62 38.94
CA VAL F 88 -3.76 -82.74 39.39
C VAL F 88 -4.45 -83.37 40.59
N ASN F 89 -4.36 -84.70 40.70
CA ASN F 89 -4.94 -85.45 41.81
C ASN F 89 -6.46 -85.26 41.87
N GLY F 90 -7.12 -85.50 40.75
CA GLY F 90 -8.56 -85.48 40.71
C GLY F 90 -9.21 -84.12 40.94
N ILE F 91 -8.60 -83.05 40.43
CA ILE F 91 -9.24 -81.74 40.51
C ILE F 91 -10.46 -81.73 39.59
N THR F 92 -11.59 -81.30 40.14
CA THR F 92 -12.85 -81.36 39.40
C THR F 92 -12.82 -80.46 38.17
N MET F 93 -13.44 -80.93 37.09
CA MET F 93 -13.55 -80.14 35.88
C MET F 93 -14.46 -78.94 36.07
N ALA F 94 -15.42 -79.04 37.00
CA ALA F 94 -16.32 -77.93 37.27
C ALA F 94 -15.55 -76.71 37.78
N ASP F 95 -14.55 -76.94 38.64
CA ASP F 95 -13.73 -75.84 39.13
C ASP F 95 -12.97 -75.17 37.99
N VAL F 96 -12.44 -75.96 37.06
CA VAL F 96 -11.74 -75.40 35.92
C VAL F 96 -12.70 -74.59 35.05
N LYS F 97 -13.92 -75.10 34.86
CA LYS F 97 -14.91 -74.36 34.08
C LYS F 97 -15.27 -73.04 34.76
N LYS F 98 -15.42 -73.05 36.09
CA LYS F 98 -15.71 -71.81 36.81
C LYS F 98 -14.55 -70.83 36.70
N LEU F 99 -13.31 -71.33 36.77
CA LEU F 99 -12.16 -70.46 36.61
C LEU F 99 -12.14 -69.84 35.22
N ARG F 100 -12.46 -70.62 34.19
CA ARG F 100 -12.55 -70.08 32.85
C ARG F 100 -13.66 -69.03 32.75
N GLU F 101 -14.79 -69.28 33.41
CA GLU F 101 -15.85 -68.28 33.49
C GLU F 101 -15.42 -67.06 34.30
N SER F 102 -14.39 -67.19 35.13
CA SER F 102 -13.87 -66.09 35.94
C SER F 102 -12.68 -65.41 35.29
N GLY F 103 -12.39 -65.71 34.03
CA GLY F 103 -11.28 -65.11 33.33
C GLY F 103 -9.96 -65.82 33.51
N LEU F 104 -9.91 -66.93 34.26
CA LEU F 104 -8.69 -67.69 34.47
C LEU F 104 -8.65 -68.81 33.44
N HIS F 105 -7.82 -68.61 32.41
CA HIS F 105 -7.72 -69.57 31.32
C HIS F 105 -6.37 -70.27 31.25
N THR F 106 -5.40 -69.85 32.06
CA THR F 106 -4.07 -70.44 32.03
C THR F 106 -3.59 -70.68 33.46
N ALA F 107 -2.63 -71.58 33.60
CA ALA F 107 -2.06 -71.87 34.91
C ALA F 107 -1.37 -70.65 35.49
N GLU F 108 -0.78 -69.80 34.64
CA GLU F 108 -0.13 -68.59 35.13
C GLU F 108 -1.13 -67.66 35.81
N ALA F 109 -2.34 -67.54 35.25
CA ALA F 109 -3.36 -66.71 35.87
C ALA F 109 -3.73 -67.22 37.26
N VAL F 110 -3.87 -68.54 37.41
CA VAL F 110 -4.19 -69.11 38.71
C VAL F 110 -3.04 -68.89 39.69
N ALA F 111 -1.80 -69.09 39.23
CA ALA F 111 -0.65 -68.93 40.11
C ALA F 111 -0.51 -67.49 40.59
N TYR F 112 -0.68 -66.53 39.69
CA TYR F 112 -0.56 -65.12 40.06
C TYR F 112 -1.77 -64.60 40.82
N ALA F 113 -2.90 -65.29 40.74
CA ALA F 113 -4.09 -64.87 41.45
C ALA F 113 -3.93 -65.14 42.95
N PRO F 114 -4.25 -64.17 43.81
CA PRO F 114 -4.20 -64.43 45.26
C PRO F 114 -5.29 -65.40 45.69
N ARG F 115 -5.37 -65.60 47.00
CA ARG F 115 -6.43 -66.45 47.55
C ARG F 115 -7.75 -65.70 47.67
N LYS F 116 -7.71 -64.38 47.90
CA LYS F 116 -8.93 -63.63 48.18
C LYS F 116 -9.87 -63.62 46.98
N ASP F 117 -9.35 -63.47 45.76
CA ASP F 117 -10.23 -63.47 44.59
C ASP F 117 -10.81 -64.86 44.34
N LEU F 118 -10.04 -65.91 44.63
CA LEU F 118 -10.58 -67.26 44.55
C LEU F 118 -11.72 -67.44 45.55
N LEU F 119 -11.56 -66.89 46.76
CA LEU F 119 -12.66 -66.93 47.73
C LEU F 119 -13.86 -66.15 47.22
N GLU F 120 -13.61 -65.03 46.52
CA GLU F 120 -14.70 -64.22 45.98
C GLU F 120 -15.53 -64.96 44.95
N ILE F 121 -14.95 -65.94 44.25
CA ILE F 121 -15.67 -66.69 43.24
C ILE F 121 -16.64 -67.65 43.92
N LYS F 122 -17.89 -67.65 43.48
CA LYS F 122 -18.89 -68.54 44.04
C LYS F 122 -18.55 -69.99 43.74
N GLY F 123 -18.79 -70.86 44.72
CA GLY F 123 -18.56 -72.28 44.54
C GLY F 123 -17.14 -72.75 44.76
N ILE F 124 -16.24 -71.88 45.21
CA ILE F 124 -14.86 -72.23 45.46
C ILE F 124 -14.61 -72.12 46.97
N SER F 125 -14.18 -73.22 47.58
CA SER F 125 -13.92 -73.27 49.00
C SER F 125 -12.49 -72.82 49.31
N GLU F 126 -12.24 -72.50 50.58
CA GLU F 126 -10.91 -72.09 51.00
C GLU F 126 -9.90 -73.22 50.84
N ALA F 127 -10.31 -74.45 51.18
CA ALA F 127 -9.43 -75.59 51.00
C ALA F 127 -9.06 -75.78 49.54
N LYS F 128 -10.06 -75.70 48.65
CA LYS F 128 -9.78 -75.78 47.21
C LYS F 128 -8.88 -74.63 46.77
N ALA F 129 -9.12 -73.44 47.31
CA ALA F 129 -8.30 -72.29 46.93
C ALA F 129 -6.84 -72.50 47.28
N ASP F 130 -6.56 -72.93 48.51
CA ASP F 130 -5.17 -73.14 48.90
C ASP F 130 -4.56 -74.34 48.17
N LYS F 131 -5.36 -75.37 47.90
CA LYS F 131 -4.85 -76.51 47.14
C LYS F 131 -4.42 -76.09 45.75
N LEU F 132 -5.27 -75.32 45.05
CA LEU F 132 -4.92 -74.86 43.72
C LEU F 132 -3.75 -73.89 43.75
N LEU F 133 -3.67 -73.05 44.79
CA LEU F 133 -2.53 -72.16 44.93
C LEU F 133 -1.24 -72.95 45.10
N ASN F 134 -1.26 -74.02 45.89
CA ASN F 134 -0.08 -74.86 46.05
C ASN F 134 0.28 -75.55 44.73
N GLU F 135 -0.72 -76.06 44.01
CA GLU F 135 -0.43 -76.75 42.75
C GLU F 135 0.15 -75.80 41.72
N ALA F 136 -0.39 -74.58 41.62
CA ALA F 136 0.09 -73.64 40.62
C ALA F 136 1.43 -73.02 41.00
N ALA F 137 1.63 -72.73 42.29
CA ALA F 137 2.85 -72.05 42.73
C ALA F 137 4.07 -72.95 42.58
N ARG F 138 3.91 -74.26 42.78
CA ARG F 138 5.04 -75.18 42.63
C ARG F 138 5.51 -75.29 41.19
N LEU F 139 4.74 -74.78 40.22
CA LEU F 139 5.15 -74.81 38.83
C LEU F 139 5.99 -73.61 38.43
N VAL F 140 5.64 -72.42 38.92
CA VAL F 140 6.37 -71.20 38.58
C VAL F 140 6.62 -70.38 39.85
N PRO F 141 7.80 -69.79 39.99
CA PRO F 141 8.10 -68.99 41.19
C PRO F 141 7.46 -67.61 41.11
N MET F 142 7.54 -66.88 42.22
CA MET F 142 6.95 -65.55 42.32
C MET F 142 7.94 -64.53 42.87
N GLY F 143 8.88 -64.98 43.69
CA GLY F 143 9.78 -64.07 44.39
C GLY F 143 10.98 -63.65 43.56
N PHE F 144 11.95 -63.06 44.25
CA PHE F 144 13.15 -62.57 43.60
C PHE F 144 14.03 -63.73 43.13
N VAL F 145 14.92 -63.42 42.19
CA VAL F 145 15.78 -64.41 41.56
C VAL F 145 17.20 -63.85 41.48
N THR F 146 18.12 -64.73 41.08
CA THR F 146 19.52 -64.34 40.87
C THR F 146 19.66 -63.67 39.51
N ALA F 147 20.27 -62.50 39.48
CA ALA F 147 20.37 -61.71 38.25
C ALA F 147 21.21 -62.39 37.18
N ALA F 148 22.12 -63.30 37.58
CA ALA F 148 23.01 -63.93 36.61
C ALA F 148 22.22 -64.71 35.56
N ASP F 149 21.20 -65.46 35.99
CA ASP F 149 20.33 -66.13 35.04
C ASP F 149 19.28 -65.18 34.48
N PHE F 150 18.90 -64.16 35.24
CA PHE F 150 17.82 -63.27 34.83
C PHE F 150 18.19 -62.47 33.58
N HIS F 151 19.37 -61.84 33.61
CA HIS F 151 19.77 -61.02 32.45
C HIS F 151 19.99 -61.87 31.21
N MET F 152 20.58 -63.06 31.36
CA MET F 152 20.80 -63.90 30.19
C MET F 152 19.51 -64.49 29.65
N ARG F 153 18.52 -64.77 30.51
CA ARG F 153 17.25 -65.27 30.03
C ARG F 153 16.42 -64.16 29.39
N ARG F 154 16.61 -62.91 29.83
CA ARG F 154 15.94 -61.80 29.17
C ARG F 154 16.44 -61.60 27.74
N SER F 155 17.63 -62.10 27.41
CA SER F 155 18.18 -61.91 26.07
C SER F 155 17.35 -62.66 25.02
N GLU F 156 16.92 -63.87 25.32
CA GLU F 156 16.20 -64.69 24.36
C GLU F 156 14.72 -64.33 24.23
N LEU F 157 14.33 -63.17 24.75
CA LEU F 157 12.94 -62.73 24.63
C LEU F 157 12.58 -62.46 23.17
N ILE F 158 11.30 -62.62 22.85
CA ILE F 158 10.83 -62.37 21.50
C ILE F 158 10.82 -60.87 21.23
N CYS F 159 11.40 -60.46 20.10
CA CYS F 159 11.50 -59.06 19.73
C CYS F 159 10.69 -58.81 18.47
N LEU F 160 10.15 -57.59 18.38
CA LEU F 160 9.32 -57.18 17.25
C LEU F 160 9.95 -55.95 16.61
N THR F 161 10.51 -56.13 15.42
CA THR F 161 11.12 -55.02 14.71
C THR F 161 10.04 -54.09 14.15
N THR F 162 10.34 -52.79 14.15
CA THR F 162 9.40 -51.79 13.65
C THR F 162 9.62 -51.48 12.18
N GLY F 163 10.45 -52.25 11.48
CA GLY F 163 10.71 -52.02 10.08
C GLY F 163 11.74 -50.96 9.79
N SER F 164 12.31 -50.31 10.81
CA SER F 164 13.34 -49.31 10.63
C SER F 164 14.53 -49.66 11.51
N LYS F 165 15.74 -49.48 10.96
CA LYS F 165 16.93 -49.78 11.73
C LYS F 165 17.19 -48.70 12.79
N ASN F 166 16.78 -47.46 12.51
CA ASN F 166 16.96 -46.39 13.50
C ASN F 166 16.24 -46.73 14.80
N LEU F 167 14.99 -47.19 14.70
CA LEU F 167 14.23 -47.54 15.90
C LEU F 167 14.80 -48.78 16.58
N ASP F 168 15.20 -49.78 15.79
CA ASP F 168 15.75 -51.00 16.37
C ASP F 168 17.02 -50.71 17.15
N THR F 169 17.91 -49.89 16.61
CA THR F 169 19.09 -49.48 17.35
C THR F 169 18.71 -48.62 18.55
N LEU F 170 17.73 -47.74 18.39
CA LEU F 170 17.29 -46.90 19.51
C LEU F 170 16.68 -47.74 20.63
N LEU F 171 15.89 -48.74 20.28
CA LEU F 171 15.29 -49.61 21.27
C LEU F 171 16.21 -50.73 21.73
N GLY F 172 17.35 -50.91 21.07
CA GLY F 172 18.28 -51.97 21.45
C GLY F 172 17.71 -53.36 21.25
N GLY F 173 17.02 -53.60 20.14
CA GLY F 173 16.43 -54.89 19.88
C GLY F 173 14.99 -54.80 19.43
N GLY F 174 14.42 -53.60 19.49
CA GLY F 174 13.04 -53.40 19.09
C GLY F 174 12.06 -53.66 20.22
N VAL F 175 10.78 -53.70 19.84
CA VAL F 175 9.72 -53.94 20.81
C VAL F 175 9.87 -55.33 21.42
N GLU F 176 9.75 -55.41 22.74
CA GLU F 176 9.91 -56.65 23.47
C GLU F 176 8.57 -57.04 24.10
N THR F 177 8.23 -58.32 24.01
CA THR F 177 7.00 -58.80 24.60
C THR F 177 7.13 -58.91 26.12
N GLY F 178 6.00 -59.10 26.78
CA GLY F 178 6.00 -59.22 28.23
C GLY F 178 6.25 -57.93 28.96
N SER F 179 6.01 -56.79 28.32
CA SER F 179 6.22 -55.48 28.93
C SER F 179 5.09 -54.57 28.46
N ILE F 180 5.24 -53.27 28.71
CA ILE F 180 4.28 -52.27 28.26
C ILE F 180 5.04 -51.08 27.70
N THR F 181 4.66 -50.65 26.50
CA THR F 181 5.30 -49.56 25.78
C THR F 181 4.24 -48.59 25.30
N GLU F 182 4.48 -47.30 25.51
CA GLU F 182 3.56 -46.25 25.13
C GLU F 182 4.18 -45.39 24.06
N LEU F 183 3.37 -44.95 23.10
CA LEU F 183 3.79 -44.05 22.03
C LEU F 183 2.92 -42.80 22.12
N PHE F 184 3.50 -41.71 22.62
CA PHE F 184 2.75 -40.48 22.84
C PHE F 184 3.25 -39.36 21.95
N GLY F 185 2.34 -38.48 21.56
CA GLY F 185 2.68 -37.37 20.69
C GLY F 185 1.43 -36.81 20.05
N GLU F 186 1.64 -35.77 19.25
CA GLU F 186 0.54 -35.13 18.54
C GLU F 186 0.05 -36.03 17.41
N PHE F 187 -1.11 -35.67 16.87
CA PHE F 187 -1.67 -36.43 15.76
C PHE F 187 -0.91 -36.13 14.47
N ARG F 188 -1.18 -36.94 13.45
CA ARG F 188 -0.43 -36.91 12.18
C ARG F 188 1.06 -37.09 12.41
N THR F 189 1.42 -37.98 13.35
CA THR F 189 2.80 -38.31 13.63
C THR F 189 3.11 -39.78 13.34
N GLY F 190 2.24 -40.45 12.59
CA GLY F 190 2.46 -41.83 12.20
C GLY F 190 2.17 -42.85 13.28
N LYS F 191 1.60 -42.45 14.42
CA LYS F 191 1.31 -43.40 15.47
C LYS F 191 0.36 -44.48 14.99
N SER F 192 -0.71 -44.10 14.29
CA SER F 192 -1.60 -45.08 13.70
C SER F 192 -0.87 -45.90 12.64
N GLN F 193 -0.04 -45.23 11.84
CA GLN F 193 0.72 -45.94 10.81
C GLN F 193 1.69 -46.95 11.43
N LEU F 194 2.39 -46.54 12.49
CA LEU F 194 3.32 -47.45 13.15
C LEU F 194 2.57 -48.59 13.81
N CYS F 195 1.38 -48.32 14.34
CA CYS F 195 0.56 -49.40 14.90
C CYS F 195 0.15 -50.39 13.82
N HIS F 196 -0.20 -49.88 12.62
CA HIS F 196 -0.51 -50.78 11.51
C HIS F 196 0.72 -51.62 11.14
N THR F 197 1.89 -51.00 11.12
CA THR F 197 3.12 -51.73 10.83
C THR F 197 3.36 -52.83 11.85
N LEU F 198 3.15 -52.52 13.13
CA LEU F 198 3.29 -53.54 14.16
C LEU F 198 2.28 -54.66 13.97
N ALA F 199 1.04 -54.31 13.65
CA ALA F 199 -0.02 -55.29 13.49
C ALA F 199 0.20 -56.19 12.28
N VAL F 200 0.94 -55.72 11.28
CA VAL F 200 1.17 -56.54 10.09
C VAL F 200 2.47 -57.32 10.23
N THR F 201 3.41 -56.79 11.02
CA THR F 201 4.71 -57.46 11.18
C THR F 201 4.73 -58.47 12.32
N CYS F 202 3.61 -58.69 13.00
CA CYS F 202 3.60 -59.60 14.13
C CYS F 202 3.45 -61.06 13.72
N GLN F 203 3.31 -61.36 12.43
CA GLN F 203 3.10 -62.72 11.97
C GLN F 203 4.31 -63.34 11.29
N ILE F 204 5.28 -62.53 10.87
CA ILE F 204 6.47 -63.02 10.18
C ILE F 204 7.33 -63.82 11.16
N PRO F 205 8.19 -64.73 10.69
CA PRO F 205 8.97 -65.55 11.62
C PRO F 205 9.93 -64.73 12.46
N LEU F 206 10.31 -65.31 13.60
CA LEU F 206 11.14 -64.60 14.59
C LEU F 206 12.53 -64.29 14.06
N ASP F 207 12.96 -64.95 12.98
CA ASP F 207 14.32 -64.76 12.49
C ASP F 207 14.56 -63.34 12.01
N ILE F 208 13.51 -62.64 11.59
CA ILE F 208 13.64 -61.29 11.06
C ILE F 208 12.92 -60.30 11.97
N GLY F 209 12.89 -60.60 13.26
CA GLY F 209 12.22 -59.74 14.21
C GLY F 209 10.71 -59.84 14.18
N GLY F 210 10.17 -61.00 13.80
CA GLY F 210 8.75 -61.20 13.74
C GLY F 210 8.16 -61.60 15.09
N GLY F 211 6.91 -62.04 15.05
CA GLY F 211 6.21 -62.45 16.25
C GLY F 211 5.65 -63.85 16.21
N GLU F 212 5.47 -64.39 15.01
CA GLU F 212 4.89 -65.73 14.82
C GLU F 212 3.56 -65.85 15.56
N GLY F 213 2.73 -64.82 15.44
CA GLY F 213 1.46 -64.81 16.12
C GLY F 213 0.54 -63.78 15.51
N LYS F 214 -0.66 -63.69 16.07
CA LYS F 214 -1.68 -62.78 15.58
C LYS F 214 -1.74 -61.51 16.44
N CYS F 215 -2.07 -60.40 15.80
CA CYS F 215 -2.25 -59.14 16.49
C CYS F 215 -3.64 -59.05 17.11
N LEU F 216 -3.81 -58.04 17.97
CA LEU F 216 -5.13 -57.68 18.48
C LEU F 216 -5.19 -56.15 18.53
N TYR F 217 -5.94 -55.56 17.60
CA TYR F 217 -6.08 -54.12 17.49
C TYR F 217 -7.41 -53.69 18.10
N ILE F 218 -7.35 -52.72 19.01
CA ILE F 218 -8.54 -52.07 19.54
C ILE F 218 -8.52 -50.63 19.07
N ASP F 219 -9.59 -50.21 18.41
CA ASP F 219 -9.72 -48.88 17.85
C ASP F 219 -10.79 -48.12 18.61
N THR F 220 -10.57 -46.82 18.81
CA THR F 220 -11.49 -46.01 19.59
C THR F 220 -11.84 -44.70 18.90
N GLU F 221 -11.48 -44.54 17.62
CA GLU F 221 -11.82 -43.32 16.90
C GLU F 221 -12.29 -43.58 15.47
N GLY F 222 -12.33 -44.82 15.01
CA GLY F 222 -12.68 -45.10 13.64
C GLY F 222 -11.56 -44.92 12.65
N THR F 223 -10.35 -44.63 13.12
CA THR F 223 -9.23 -44.34 12.22
C THR F 223 -8.78 -45.58 11.45
N PHE F 224 -9.10 -46.76 11.99
CA PHE F 224 -8.66 -48.03 11.35
C PHE F 224 -9.20 -48.07 9.91
N ARG F 225 -8.28 -48.16 8.95
CA ARG F 225 -8.64 -48.34 7.51
C ARG F 225 -7.95 -49.60 6.99
N PRO F 226 -8.60 -50.78 6.97
CA PRO F 226 -7.96 -52.07 6.56
C PRO F 226 -7.09 -51.91 5.32
N VAL F 227 -7.64 -51.43 4.21
CA VAL F 227 -6.87 -51.30 2.93
C VAL F 227 -5.38 -51.13 3.24
N ARG F 228 -5.01 -50.02 3.89
CA ARG F 228 -3.61 -49.78 4.29
C ARG F 228 -2.84 -51.09 4.47
N LEU F 229 -3.25 -51.92 5.43
CA LEU F 229 -2.52 -53.18 5.74
C LEU F 229 -2.08 -53.89 4.44
N VAL F 230 -3.02 -54.22 3.56
CA VAL F 230 -2.69 -54.97 2.31
C VAL F 230 -1.36 -54.45 1.73
N SER F 231 -1.28 -53.16 1.43
CA SER F 231 -0.08 -52.60 0.81
C SER F 231 1.15 -52.83 1.69
N ILE F 232 1.00 -52.67 3.02
CA ILE F 232 2.16 -52.86 3.89
C ILE F 232 2.59 -54.32 3.90
N ALA F 233 1.62 -55.25 3.91
CA ALA F 233 1.95 -56.66 3.85
C ALA F 233 2.64 -57.02 2.54
N GLN F 234 2.16 -56.45 1.43
CA GLN F 234 2.84 -56.67 0.15
C GLN F 234 4.25 -56.11 0.16
N ARG F 235 4.48 -55.01 0.88
CA ARG F 235 5.85 -54.55 1.10
C ARG F 235 6.65 -55.60 1.86
N PHE F 236 6.05 -56.20 2.88
CA PHE F 236 6.72 -57.24 3.66
C PHE F 236 6.53 -58.63 3.06
N GLY F 237 5.79 -58.75 1.97
CA GLY F 237 5.69 -60.01 1.23
C GLY F 237 4.67 -60.99 1.75
N LEU F 238 3.96 -60.68 2.83
CA LEU F 238 2.95 -61.59 3.34
C LEU F 238 1.74 -61.61 2.42
N ASP F 239 0.98 -62.70 2.49
CA ASP F 239 -0.24 -62.82 1.70
C ASP F 239 -1.28 -61.83 2.23
N PRO F 240 -1.96 -61.10 1.34
CA PRO F 240 -2.94 -60.11 1.82
C PRO F 240 -4.13 -60.74 2.55
N ASP F 241 -4.67 -61.83 2.02
CA ASP F 241 -5.83 -62.46 2.64
C ASP F 241 -5.49 -62.97 4.03
N ASP F 242 -4.34 -63.62 4.18
CA ASP F 242 -3.91 -64.07 5.50
C ASP F 242 -3.65 -62.89 6.42
N ALA F 243 -3.06 -61.81 5.88
CA ALA F 243 -2.78 -60.63 6.69
C ALA F 243 -4.06 -60.03 7.25
N LEU F 244 -5.11 -59.95 6.43
CA LEU F 244 -6.36 -59.38 6.91
C LEU F 244 -7.12 -60.35 7.81
N ASN F 245 -7.07 -61.64 7.52
CA ASN F 245 -7.84 -62.61 8.28
C ASN F 245 -7.20 -63.00 9.60
N ASN F 246 -5.91 -62.73 9.78
CA ASN F 246 -5.21 -63.09 11.02
C ASN F 246 -5.09 -61.93 11.99
N VAL F 247 -5.66 -60.77 11.67
CA VAL F 247 -5.64 -59.61 12.55
C VAL F 247 -7.04 -59.43 13.11
N ALA F 248 -7.16 -59.52 14.43
CA ALA F 248 -8.43 -59.28 15.11
C ALA F 248 -8.58 -57.80 15.39
N TYR F 249 -9.74 -57.24 15.06
CA TYR F 249 -10.00 -55.81 15.21
C TYR F 249 -11.28 -55.62 15.99
N ALA F 250 -11.24 -54.76 17.00
CA ALA F 250 -12.42 -54.41 17.78
C ALA F 250 -12.56 -52.90 17.82
N ARG F 251 -13.80 -52.44 17.97
CA ARG F 251 -14.09 -51.02 18.11
C ARG F 251 -15.02 -50.82 19.30
N ALA F 252 -14.71 -49.81 20.11
CA ALA F 252 -15.48 -49.51 21.31
C ALA F 252 -16.23 -48.19 21.14
N TYR F 253 -17.50 -48.19 21.55
CA TYR F 253 -18.31 -46.99 21.54
C TYR F 253 -18.33 -46.26 22.88
N ASN F 254 -17.95 -46.93 23.95
CA ASN F 254 -17.97 -46.35 25.29
C ASN F 254 -16.94 -47.07 26.14
N ALA F 255 -16.61 -46.45 27.28
CA ALA F 255 -15.60 -47.01 28.16
C ALA F 255 -16.01 -48.38 28.67
N ASP F 256 -17.29 -48.54 29.03
CA ASP F 256 -17.77 -49.84 29.50
C ASP F 256 -17.64 -50.90 28.41
N HIS F 257 -17.98 -50.54 27.17
CA HIS F 257 -17.80 -51.48 26.06
C HIS F 257 -16.33 -51.84 25.88
N GLN F 258 -15.44 -50.84 25.99
CA GLN F 258 -14.02 -51.09 25.85
C GLN F 258 -13.53 -52.08 26.89
N LEU F 259 -13.94 -51.88 28.15
CA LEU F 259 -13.53 -52.81 29.21
C LEU F 259 -14.13 -54.19 28.97
N ARG F 260 -15.39 -54.24 28.53
CA ARG F 260 -16.05 -55.53 28.32
C ARG F 260 -15.38 -56.33 27.23
N LEU F 261 -14.83 -55.66 26.20
CA LEU F 261 -14.17 -56.39 25.12
C LEU F 261 -13.01 -57.24 25.62
N LEU F 262 -12.43 -56.88 26.77
CA LEU F 262 -11.26 -57.61 27.26
C LEU F 262 -11.59 -59.03 27.69
N ASP F 263 -12.84 -59.31 28.06
CA ASP F 263 -13.21 -60.68 28.39
C ASP F 263 -13.11 -61.58 27.16
N ALA F 264 -13.70 -61.16 26.04
CA ALA F 264 -13.56 -61.90 24.80
C ALA F 264 -12.11 -61.89 24.33
N ALA F 265 -11.38 -60.81 24.60
CA ALA F 265 -9.96 -60.80 24.27
C ALA F 265 -9.21 -61.91 25.00
N ALA F 266 -9.45 -62.06 26.29
CA ALA F 266 -8.81 -63.12 27.06
C ALA F 266 -9.24 -64.50 26.57
N GLN F 267 -10.53 -64.63 26.22
CA GLN F 267 -11.01 -65.91 25.70
C GLN F 267 -10.29 -66.27 24.39
N MET F 268 -10.11 -65.29 23.51
CA MET F 268 -9.37 -65.54 22.27
C MET F 268 -7.90 -65.83 22.55
N MET F 269 -7.32 -65.14 23.53
CA MET F 269 -5.95 -65.44 23.93
C MET F 269 -5.83 -66.91 24.32
N SER F 270 -6.80 -67.40 25.10
CA SER F 270 -6.82 -68.82 25.45
C SER F 270 -6.99 -69.69 24.21
N GLU F 271 -7.87 -69.29 23.28
CA GLU F 271 -8.18 -70.15 22.15
C GLU F 271 -7.05 -70.21 21.13
N SER F 272 -6.44 -69.07 20.81
CA SER F 272 -5.42 -69.02 19.76
C SER F 272 -4.23 -68.21 20.24
N ARG F 273 -3.07 -68.49 19.63
CA ARG F 273 -1.84 -67.81 20.00
C ARG F 273 -1.80 -66.41 19.38
N PHE F 274 -1.53 -65.43 20.23
CA PHE F 274 -1.34 -64.05 19.79
C PHE F 274 -0.07 -63.51 20.42
N SER F 275 0.54 -62.52 19.76
CA SER F 275 1.82 -62.01 20.27
C SER F 275 1.94 -60.50 20.15
N LEU F 276 0.84 -59.76 20.09
CA LEU F 276 0.92 -58.31 20.00
C LEU F 276 -0.46 -57.71 20.23
N ILE F 277 -0.53 -56.66 21.04
CA ILE F 277 -1.77 -55.95 21.32
C ILE F 277 -1.52 -54.46 21.10
N VAL F 278 -2.42 -53.82 20.37
CA VAL F 278 -2.39 -52.38 20.14
C VAL F 278 -3.70 -51.78 20.59
N VAL F 279 -3.63 -50.68 21.32
CA VAL F 279 -4.78 -49.87 21.69
C VAL F 279 -4.59 -48.49 21.08
N ASP F 280 -5.57 -48.02 20.32
CA ASP F 280 -5.45 -46.76 19.59
C ASP F 280 -6.84 -46.14 19.50
N SER F 281 -7.16 -45.24 20.43
CA SER F 281 -6.26 -44.90 21.52
C SER F 281 -6.96 -45.17 22.85
N VAL F 282 -6.17 -45.41 23.90
CA VAL F 282 -6.74 -45.82 25.17
C VAL F 282 -7.56 -44.70 25.79
N MET F 283 -7.10 -43.45 25.67
CA MET F 283 -7.68 -42.35 26.43
C MET F 283 -8.78 -41.62 25.67
N ALA F 284 -8.98 -41.92 24.38
CA ALA F 284 -9.88 -41.13 23.55
C ALA F 284 -11.31 -41.13 24.08
N LEU F 285 -11.82 -42.31 24.45
CA LEU F 285 -13.20 -42.39 24.94
C LEU F 285 -13.34 -41.68 26.29
N TYR F 286 -12.33 -41.79 27.15
CA TYR F 286 -12.42 -41.20 28.48
C TYR F 286 -12.50 -39.68 28.43
N ARG F 287 -12.14 -39.06 27.30
CA ARG F 287 -12.33 -37.62 27.18
C ARG F 287 -13.80 -37.24 27.21
N THR F 288 -14.65 -38.00 26.53
CA THR F 288 -16.06 -37.68 26.42
C THR F 288 -16.94 -38.42 27.41
N ASP F 289 -16.60 -39.67 27.75
CA ASP F 289 -17.41 -40.44 28.69
C ASP F 289 -17.41 -39.84 30.09
N PHE F 290 -16.39 -39.06 30.43
CA PHE F 290 -16.30 -38.46 31.77
C PHE F 290 -15.85 -37.01 31.68
N LEU F 296 -14.67 -37.76 38.07
CA LEU F 296 -13.33 -37.83 37.53
C LEU F 296 -12.55 -38.98 38.16
N SER F 297 -12.67 -39.10 39.48
CA SER F 297 -12.04 -40.21 40.18
C SER F 297 -12.48 -41.55 39.62
N ALA F 298 -13.75 -41.63 39.19
CA ALA F 298 -14.21 -42.84 38.50
C ALA F 298 -13.40 -43.07 37.23
N ARG F 299 -13.12 -42.00 36.48
CA ARG F 299 -12.32 -42.14 35.27
C ARG F 299 -10.91 -42.64 35.59
N GLN F 300 -10.28 -42.07 36.63
CA GLN F 300 -8.93 -42.52 36.98
C GLN F 300 -8.92 -43.98 37.42
N MET F 301 -9.89 -44.38 38.25
CA MET F 301 -9.90 -45.78 38.70
C MET F 301 -10.21 -46.73 37.55
N HIS F 302 -11.06 -46.30 36.62
CA HIS F 302 -11.35 -47.13 35.44
C HIS F 302 -10.09 -47.28 34.59
N LEU F 303 -9.34 -46.20 34.41
CA LEU F 303 -8.06 -46.31 33.70
C LEU F 303 -7.10 -47.25 34.40
N ALA F 304 -7.04 -47.18 35.73
CA ALA F 304 -6.16 -48.06 36.48
C ALA F 304 -6.57 -49.52 36.29
N LYS F 305 -7.87 -49.80 36.34
CA LYS F 305 -8.34 -51.16 36.12
C LYS F 305 -8.00 -51.64 34.71
N PHE F 306 -8.20 -50.77 33.71
CA PHE F 306 -7.87 -51.12 32.34
C PHE F 306 -6.39 -51.47 32.20
N MET F 307 -5.53 -50.61 32.76
CA MET F 307 -4.09 -50.81 32.61
C MET F 307 -3.62 -52.05 33.36
N ARG F 308 -4.16 -52.30 34.55
CA ARG F 308 -3.76 -53.50 35.26
C ARG F 308 -4.27 -54.76 34.56
N ALA F 309 -5.44 -54.70 33.92
CA ALA F 309 -5.90 -55.84 33.14
C ALA F 309 -4.98 -56.11 31.96
N LEU F 310 -4.57 -55.05 31.26
CA LEU F 310 -3.63 -55.22 30.15
C LEU F 310 -2.31 -55.79 30.63
N GLN F 311 -1.80 -55.28 31.76
CA GLN F 311 -0.58 -55.81 32.33
C GLN F 311 -0.72 -57.28 32.66
N ARG F 312 -1.86 -57.66 33.25
CA ARG F 312 -2.11 -59.06 33.58
C ARG F 312 -2.07 -59.91 32.33
N LEU F 313 -2.79 -59.51 31.29
CA LEU F 313 -2.85 -60.28 30.05
C LEU F 313 -1.46 -60.46 29.46
N ALA F 314 -0.66 -59.40 29.45
CA ALA F 314 0.73 -59.53 29.04
C ALA F 314 1.48 -60.52 29.92
N ASP F 315 1.15 -60.58 31.22
CA ASP F 315 1.83 -61.51 32.10
C ASP F 315 1.52 -62.97 31.74
N GLN F 316 0.24 -63.32 31.59
CA GLN F 316 -0.06 -64.72 31.31
C GLN F 316 0.37 -65.10 29.89
N PHE F 317 0.03 -64.30 28.90
CA PHE F 317 0.17 -64.73 27.51
C PHE F 317 1.43 -64.20 26.84
N GLY F 318 2.30 -63.50 27.57
CA GLY F 318 3.55 -63.05 26.98
C GLY F 318 3.38 -62.17 25.77
N VAL F 319 2.33 -61.35 25.75
CA VAL F 319 1.97 -60.56 24.59
C VAL F 319 2.44 -59.12 24.82
N ALA F 320 3.21 -58.60 23.86
CA ALA F 320 3.61 -57.21 23.92
C ALA F 320 2.38 -56.31 23.88
N VAL F 321 2.45 -55.21 24.61
CA VAL F 321 1.34 -54.27 24.73
C VAL F 321 1.82 -52.90 24.27
N VAL F 322 1.08 -52.29 23.35
CA VAL F 322 1.37 -50.95 22.85
C VAL F 322 0.10 -50.13 22.97
N VAL F 323 0.22 -48.93 23.53
CA VAL F 323 -0.92 -48.04 23.64
C VAL F 323 -0.60 -46.75 22.91
N THR F 324 -1.64 -46.02 22.55
CA THR F 324 -1.51 -44.73 21.90
C THR F 324 -2.18 -43.67 22.78
N ASN F 325 -1.72 -42.43 22.65
CA ASN F 325 -2.24 -41.35 23.46
C ASN F 325 -2.10 -40.05 22.70
N GLN F 326 -2.85 -39.05 23.13
CA GLN F 326 -2.83 -37.72 22.52
C GLN F 326 -2.31 -36.70 23.53
N VAL F 327 -1.72 -35.64 23.00
CA VAL F 327 -1.17 -34.57 23.84
C VAL F 327 -1.79 -33.23 23.45
N ASN F 348 -0.50 -39.22 34.79
CA ASN F 348 0.49 -39.76 35.71
C ASN F 348 0.36 -41.27 35.87
N ILE F 349 -0.89 -41.74 35.96
CA ILE F 349 -1.12 -43.18 36.11
C ILE F 349 -0.66 -43.95 34.88
N MET F 350 -0.93 -43.41 33.70
CA MET F 350 -0.50 -44.07 32.47
C MET F 350 1.02 -44.15 32.38
N ALA F 351 1.72 -43.08 32.78
CA ALA F 351 3.18 -43.11 32.76
C ALA F 351 3.72 -44.08 33.81
N HIS F 352 3.11 -44.11 34.99
CA HIS F 352 3.57 -45.01 36.04
C HIS F 352 3.40 -46.47 35.63
N SER F 353 2.26 -46.79 35.02
CA SER F 353 2.04 -48.16 34.58
C SER F 353 2.93 -48.52 33.40
N SER F 354 3.19 -47.56 32.51
CA SER F 354 3.99 -47.82 31.34
C SER F 354 5.45 -48.07 31.72
N THR F 355 6.07 -49.02 31.03
CA THR F 355 7.48 -49.32 31.26
C THR F 355 8.37 -48.53 30.31
N THR F 356 8.13 -48.65 29.00
CA THR F 356 8.88 -47.91 28.00
C THR F 356 8.01 -46.81 27.41
N ARG F 357 8.57 -45.63 27.24
CA ARG F 357 7.82 -44.50 26.71
C ARG F 357 8.59 -43.86 25.55
N LEU F 358 7.89 -43.67 24.44
CA LEU F 358 8.47 -43.05 23.25
C LEU F 358 7.61 -41.86 22.84
N GLY F 359 8.26 -40.69 22.72
CA GLY F 359 7.61 -39.50 22.24
C GLY F 359 7.85 -39.29 20.76
N PHE F 360 6.87 -38.69 20.10
CA PHE F 360 6.91 -38.47 18.67
C PHE F 360 6.84 -36.97 18.36
N LYS F 361 7.65 -36.54 17.40
CA LYS F 361 7.64 -35.16 16.92
C LYS F 361 7.63 -35.18 15.40
N LYS F 362 6.97 -34.18 14.82
CA LYS F 362 6.87 -34.09 13.37
C LYS F 362 8.15 -33.49 12.79
N GLY F 363 8.76 -34.19 11.83
CA GLY F 363 9.94 -33.69 11.18
C GLY F 363 9.62 -32.99 9.87
N LYS F 364 10.31 -33.37 8.80
CA LYS F 364 10.09 -32.79 7.48
C LYS F 364 9.51 -33.85 6.56
N GLY F 365 8.40 -33.51 5.89
CA GLY F 365 7.78 -34.43 4.96
C GLY F 365 7.42 -35.74 5.62
N CYS F 366 7.90 -36.84 5.05
CA CYS F 366 7.64 -38.17 5.60
C CYS F 366 8.46 -38.46 6.85
N GLN F 367 9.49 -37.67 7.14
CA GLN F 367 10.36 -37.93 8.27
C GLN F 367 9.75 -37.43 9.57
N ARG F 368 9.90 -38.23 10.62
CA ARG F 368 9.46 -37.88 11.97
C ARG F 368 10.55 -38.28 12.96
N LEU F 369 10.58 -37.57 14.09
CA LEU F 369 11.60 -37.77 15.10
C LEU F 369 11.00 -38.56 16.27
N CYS F 370 11.58 -39.72 16.55
CA CYS F 370 11.14 -40.56 17.65
C CYS F 370 12.20 -40.53 18.75
N LYS F 371 11.75 -40.32 19.99
CA LYS F 371 12.65 -40.20 21.13
C LYS F 371 12.24 -41.14 22.24
N VAL F 372 13.22 -41.79 22.86
CA VAL F 372 13.00 -42.61 24.04
C VAL F 372 13.09 -41.70 25.27
N VAL F 373 12.08 -41.75 26.13
CA VAL F 373 12.02 -40.89 27.31
C VAL F 373 12.33 -41.67 28.59
N ASP F 374 11.51 -42.66 28.91
CA ASP F 374 11.67 -43.45 30.11
C ASP F 374 11.87 -44.92 29.75
N SER F 375 12.86 -45.55 30.39
CA SER F 375 13.13 -46.96 30.16
C SER F 375 13.97 -47.50 31.31
N PRO F 376 13.77 -48.74 31.74
CA PRO F 376 14.58 -49.28 32.84
C PRO F 376 16.07 -49.33 32.53
N CYS F 377 16.45 -49.58 31.27
CA CYS F 377 17.86 -49.75 30.95
C CYS F 377 18.31 -48.88 29.78
N LEU F 378 17.40 -48.61 28.85
CA LEU F 378 17.77 -47.89 27.65
C LEU F 378 18.10 -46.43 27.97
N PRO F 379 19.04 -45.83 27.24
CA PRO F 379 19.40 -44.43 27.47
C PRO F 379 18.44 -43.50 26.74
N GLU F 380 18.75 -42.21 26.78
CA GLU F 380 17.93 -41.17 26.17
C GLU F 380 18.58 -40.74 24.86
N ALA F 381 17.94 -41.09 23.74
CA ALA F 381 18.45 -40.71 22.42
C ALA F 381 17.28 -40.66 21.45
N GLU F 382 17.50 -39.99 20.33
CA GLU F 382 16.48 -39.77 19.32
C GLU F 382 16.91 -40.38 17.99
N CYS F 383 15.94 -40.51 17.09
CA CYS F 383 16.21 -41.02 15.74
C CYS F 383 15.14 -40.47 14.81
N VAL F 384 15.32 -40.71 13.51
CA VAL F 384 14.42 -40.22 12.47
C VAL F 384 13.94 -41.41 11.66
N PHE F 385 12.63 -41.48 11.44
CA PHE F 385 12.02 -42.56 10.67
C PHE F 385 11.04 -41.97 9.67
N ALA F 386 10.92 -42.63 8.51
CA ALA F 386 10.07 -42.16 7.44
C ALA F 386 8.83 -43.04 7.32
N ILE F 387 7.77 -42.45 6.79
CA ILE F 387 6.50 -43.13 6.55
C ILE F 387 6.10 -42.91 5.10
N TYR F 388 5.83 -43.99 4.39
CA TYR F 388 5.41 -43.95 3.00
C TYR F 388 4.18 -44.83 2.83
N GLU F 389 3.72 -44.94 1.58
CA GLU F 389 2.56 -45.77 1.28
C GLU F 389 2.78 -47.21 1.72
N ASP F 390 4.00 -47.72 1.56
CA ASP F 390 4.30 -49.08 1.97
C ASP F 390 4.39 -49.24 3.48
N GLY F 391 4.50 -48.15 4.23
CA GLY F 391 4.56 -48.26 5.68
C GLY F 391 5.68 -47.48 6.32
N VAL F 392 6.10 -47.90 7.52
CA VAL F 392 7.13 -47.19 8.28
C VAL F 392 8.47 -47.85 8.03
N GLY F 393 9.51 -47.04 7.90
CA GLY F 393 10.84 -47.56 7.68
C GLY F 393 11.89 -46.50 7.90
N ASP F 394 13.12 -46.83 7.48
CA ASP F 394 14.21 -45.87 7.52
C ASP F 394 14.06 -44.87 6.37
N PRO F 395 14.48 -43.63 6.58
CA PRO F 395 14.37 -42.62 5.51
C PRO F 395 15.23 -43.00 4.31
N ARG F 396 14.73 -42.70 3.12
CA ARG F 396 15.47 -42.93 1.90
C ARG F 396 16.47 -41.81 1.64
N GLU F 397 17.43 -42.09 0.77
CA GLU F 397 18.41 -41.08 0.40
C GLU F 397 17.78 -39.93 -0.39
N GLU F 398 16.69 -40.21 -1.10
CA GLU F 398 16.01 -39.15 -1.84
C GLU F 398 15.46 -38.08 -0.91
N ASP F 399 14.88 -38.50 0.22
CA ASP F 399 14.37 -37.55 1.20
C ASP F 399 15.47 -36.82 1.95
N GLU F 400 16.72 -37.30 1.86
CA GLU F 400 17.83 -36.65 2.54
C GLU F 400 18.46 -35.57 1.65
PB ADP G . -0.48 30.90 -10.74
O1B ADP G . -0.50 31.45 -9.33
O2B ADP G . -1.03 29.51 -10.87
O3B ADP G . 0.82 31.13 -11.47
PA ADP G . -1.51 33.41 -11.32
O1A ADP G . -2.63 33.81 -10.39
O2A ADP G . -0.09 33.81 -11.03
O3A ADP G . -1.54 31.82 -11.52
O5' ADP G . -1.86 33.94 -12.80
C5' ADP G . -1.09 34.99 -13.38
C4' ADP G . -1.91 35.69 -14.46
O4' ADP G . -2.56 36.82 -13.89
C3' ADP G . -1.03 36.19 -15.59
O3' ADP G . -1.31 35.45 -16.78
C2' ADP G . -1.39 37.64 -15.79
O2' ADP G . -1.99 37.83 -17.08
C1' ADP G . -2.41 37.98 -14.71
N9 ADP G . -1.89 39.09 -13.87
C8 ADP G . -0.80 39.02 -13.09
N7 ADP G . -0.58 40.20 -12.46
C5 ADP G . -1.55 41.05 -12.84
C6 ADP G . -1.92 42.46 -12.56
N6 ADP G . -1.18 43.21 -11.70
N1 ADP G . -3.01 42.96 -13.17
C2 ADP G . -3.75 42.22 -14.02
N3 ADP G . -3.48 40.94 -14.33
C4 ADP G . -2.41 40.31 -13.78
MG MG H . 0.63 29.80 -8.87
PB ADP I . -18.35 8.03 -5.46
O1B ADP I . -19.63 7.77 -4.71
O2B ADP I . -17.45 6.83 -5.57
O3B ADP I . -17.66 9.32 -5.08
PA ADP I . -20.14 9.19 -7.23
O1A ADP I . -21.36 8.31 -7.05
O2A ADP I . -20.01 10.45 -6.42
O3A ADP I . -18.84 8.28 -6.97
O5' ADP I . -20.05 9.58 -8.78
C5' ADP I . -21.07 10.39 -9.34
C4' ADP I . -20.81 10.67 -10.82
O4' ADP I . -22.04 10.99 -11.46
C3' ADP I . -19.87 11.85 -11.00
O3' ADP I . -18.65 11.41 -11.61
C2' ADP I . -20.58 12.81 -11.93
O2' ADP I . -19.81 13.03 -13.11
C1' ADP I . -21.90 12.14 -12.28
N9 ADP I . -23.02 13.06 -12.01
C8 ADP I . -23.20 13.77 -10.88
N7 ADP I . -24.33 14.52 -10.94
C5 ADP I . -24.89 14.30 -12.15
C6 ADP I . -26.10 14.78 -12.86
N6 ADP I . -26.95 15.66 -12.28
N1 ADP I . -26.32 14.30 -14.10
C2 ADP I . -25.48 13.42 -14.69
N3 ADP I . -24.37 12.95 -14.10
C4 ADP I . -24.03 13.34 -12.85
MG MG J . -19.89 8.85 -2.87
PB ADP K . -17.66 -20.26 -0.86
O1B ADP K . -19.05 -20.86 -0.66
O2B ADP K . -16.54 -21.17 -0.44
O3B ADP K . -17.54 -18.83 -0.41
PA ADP K . -18.77 -19.79 -3.37
O1A ADP K . -19.67 -21.00 -3.48
O2A ADP K . -19.33 -18.49 -2.86
O3A ADP K . -17.51 -20.19 -2.46
O5' ADP K . -18.11 -19.53 -4.81
C5' ADP K . -18.87 -19.79 -5.98
C4' ADP K . -18.40 -18.96 -7.16
O4' ADP K . -19.01 -19.46 -8.35
C3' ADP K . -18.80 -17.51 -7.02
O3' ADP K . -17.63 -16.68 -6.95
C2' ADP K . -19.61 -17.17 -8.25
O2' ADP K . -18.97 -16.10 -8.97
C1' ADP K . -19.63 -18.43 -9.10
N9 ADP K . -21.04 -18.78 -9.39
C8 ADP K . -22.04 -18.78 -8.50
N7 ADP K . -23.21 -19.17 -9.07
C5 ADP K . -22.96 -19.41 -10.37
C6 ADP K . -23.74 -19.85 -11.55
N6 ADP K . -25.07 -20.11 -11.44
N1 ADP K . -23.09 -19.99 -12.72
C2 ADP K . -21.77 -19.74 -12.84
N3 ADP K . -21.00 -19.34 -11.81
C4 ADP K . -21.52 -19.16 -10.57
MG MG L . -20.23 -20.37 0.96
PB ADP M . -1.53 -40.15 14.30
O1B ADP M . -1.70 -41.64 14.52
O2B ADP M . -0.54 -39.50 15.23
O3B ADP M . -2.81 -39.40 14.12
PA ADP M . -1.36 -40.99 11.66
O1A ADP M . -0.69 -42.34 11.78
O2A ADP M . -2.86 -40.88 11.62
O3A ADP M . -0.82 -40.07 12.86
O5' ADP M . -0.77 -40.27 10.35
C5' ADP M . -1.24 -40.68 9.06
C4' ADP M . -0.25 -40.27 8.00
O4' ADP M . -0.03 -41.36 7.10
C3' ADP M . -0.74 -39.11 7.16
O3' ADP M . 0.03 -37.93 7.44
C2' ADP M . -0.55 -39.51 5.71
O2' ADP M . 0.36 -38.62 5.07
C1' ADP M . 0.05 -40.91 5.75
N9 ADP M . -0.74 -41.82 4.89
C8 ADP M . -1.93 -42.36 5.20
N7 ADP M . -2.38 -43.15 4.19
C5 ADP M . -1.47 -43.10 3.19
C6 ADP M . -1.34 -43.69 1.85
N6 ADP M . -2.28 -44.52 1.35
N1 ADP M . -0.22 -43.39 1.14
C2 ADP M . 0.73 -42.58 1.63
N3 ADP M . 0.66 -42.00 2.84
C4 ADP M . -0.40 -42.22 3.67
MG MG N . -3.76 -41.70 14.67
#